data_1WXL
#
_entry.id   1WXL
#
_entity_poly.entity_id   1
_entity_poly.type   'polypeptide(L)'
_entity_poly.pdbx_seq_one_letter_code
;SHMPKRATTAFMLWLNDTRESIKRENPGIKVTEIAKKGGEMWKELKDKSKWEDAAAKDKQRYHDEMRNYKPEA
;
_entity_poly.pdbx_strand_id   A
#
# COMPACT_ATOMS: atom_id res chain seq x y z
N SER A 1 -10.03 -18.40 -11.45
CA SER A 1 -8.66 -18.86 -11.30
C SER A 1 -7.83 -17.82 -10.52
N HIS A 2 -7.35 -18.23 -9.36
CA HIS A 2 -6.55 -17.34 -8.52
C HIS A 2 -7.34 -16.11 -8.12
N MET A 3 -6.89 -15.42 -7.08
CA MET A 3 -7.55 -14.21 -6.59
C MET A 3 -6.83 -13.64 -5.37
N PRO A 4 -6.59 -14.47 -4.35
CA PRO A 4 -5.90 -14.03 -3.13
C PRO A 4 -4.48 -13.55 -3.39
N LYS A 5 -4.22 -12.26 -3.16
CA LYS A 5 -2.91 -11.69 -3.38
C LYS A 5 -1.95 -12.10 -2.26
N ARG A 6 -1.12 -11.17 -1.82
CA ARG A 6 -0.16 -11.46 -0.76
C ARG A 6 0.18 -10.23 0.08
N ALA A 7 -0.76 -9.27 0.16
CA ALA A 7 -0.59 -8.05 0.96
C ALA A 7 0.06 -6.89 0.20
N THR A 8 0.06 -5.74 0.88
CA THR A 8 0.61 -4.49 0.32
C THR A 8 1.78 -3.98 1.15
N THR A 9 2.80 -3.43 0.49
CA THR A 9 3.98 -2.90 1.16
C THR A 9 3.61 -1.65 1.95
N ALA A 10 4.36 -1.40 3.02
CA ALA A 10 4.12 -0.24 3.84
C ALA A 10 3.92 0.96 2.95
N PHE A 11 4.81 1.07 1.96
CA PHE A 11 4.79 2.15 0.99
C PHE A 11 3.57 2.08 0.08
N MET A 12 3.12 0.87 -0.18
CA MET A 12 2.00 0.67 -1.07
C MET A 12 0.71 0.90 -0.33
N LEU A 13 0.45 0.09 0.69
CA LEU A 13 -0.78 0.22 1.43
C LEU A 13 -1.05 1.65 1.85
N TRP A 14 0.00 2.40 2.12
CA TRP A 14 -0.16 3.80 2.52
C TRP A 14 -0.33 4.65 1.30
N LEU A 15 0.48 4.38 0.29
CA LEU A 15 0.37 5.12 -0.95
C LEU A 15 -0.97 4.85 -1.57
N ASN A 16 -1.62 3.81 -1.12
CA ASN A 16 -2.91 3.43 -1.63
C ASN A 16 -3.98 4.39 -1.13
N ASP A 17 -3.98 4.52 0.19
CA ASP A 17 -4.88 5.40 0.88
C ASP A 17 -4.46 6.83 0.70
N THR A 18 -3.17 7.04 0.43
CA THR A 18 -2.66 8.37 0.23
C THR A 18 -2.44 8.65 -1.24
N ARG A 19 -2.31 7.59 -2.05
CA ARG A 19 -2.12 7.78 -3.48
C ARG A 19 -3.24 8.64 -3.96
N GLU A 20 -4.38 8.37 -3.37
CA GLU A 20 -5.57 9.16 -3.69
C GLU A 20 -5.33 10.60 -3.21
N SER A 21 -4.69 10.69 -2.05
CA SER A 21 -4.41 11.97 -1.41
C SER A 21 -3.34 12.76 -2.16
N ILE A 22 -2.56 12.05 -2.95
CA ILE A 22 -1.49 12.66 -3.72
C ILE A 22 -2.02 13.34 -4.97
N LYS A 23 -2.90 12.65 -5.67
CA LYS A 23 -3.47 13.22 -6.88
C LYS A 23 -4.32 14.43 -6.53
N ARG A 24 -4.90 14.42 -5.33
CA ARG A 24 -5.70 15.55 -4.88
C ARG A 24 -4.75 16.70 -4.57
N GLU A 25 -3.64 16.34 -3.93
CA GLU A 25 -2.59 17.31 -3.58
C GLU A 25 -1.96 17.85 -4.86
N ASN A 26 -2.23 17.16 -5.97
CA ASN A 26 -1.72 17.57 -7.26
C ASN A 26 -2.61 16.99 -8.36
N PRO A 27 -3.80 17.58 -8.56
CA PRO A 27 -4.77 17.13 -9.56
C PRO A 27 -4.28 17.34 -10.99
N GLY A 28 -3.08 16.85 -11.29
CA GLY A 28 -2.53 16.97 -12.62
C GLY A 28 -1.22 16.22 -12.79
N ILE A 29 -0.89 15.37 -11.82
CA ILE A 29 0.33 14.61 -11.88
C ILE A 29 0.17 13.38 -12.76
N LYS A 30 0.88 12.33 -12.40
CA LYS A 30 0.86 11.09 -13.13
C LYS A 30 1.07 9.94 -12.18
N VAL A 31 0.45 8.84 -12.52
CA VAL A 31 0.53 7.60 -11.76
C VAL A 31 1.89 7.41 -11.09
N THR A 32 2.93 7.83 -11.78
CA THR A 32 4.31 7.68 -11.28
C THR A 32 4.75 8.82 -10.36
N GLU A 33 4.08 9.96 -10.44
CA GLU A 33 4.40 11.07 -9.57
C GLU A 33 3.88 10.77 -8.17
N ILE A 34 2.75 10.08 -8.12
CA ILE A 34 2.14 9.72 -6.87
C ILE A 34 3.09 8.83 -6.08
N ALA A 35 3.68 7.89 -6.80
CA ALA A 35 4.60 6.95 -6.19
C ALA A 35 5.89 7.61 -5.73
N LYS A 36 6.27 8.72 -6.35
CA LYS A 36 7.51 9.40 -5.98
C LYS A 36 7.28 10.48 -4.93
N LYS A 37 6.33 11.37 -5.17
CA LYS A 37 6.03 12.43 -4.24
C LYS A 37 5.38 11.90 -2.98
N GLY A 38 5.03 10.62 -2.98
CA GLY A 38 4.44 10.02 -1.81
C GLY A 38 5.51 9.50 -0.88
N GLY A 39 6.48 8.83 -1.47
CA GLY A 39 7.58 8.27 -0.70
C GLY A 39 8.30 9.34 0.10
N GLU A 40 8.49 10.50 -0.51
CA GLU A 40 9.16 11.60 0.19
C GLU A 40 8.43 11.94 1.47
N MET A 41 7.10 12.03 1.38
CA MET A 41 6.26 12.34 2.52
C MET A 41 6.11 11.14 3.44
N TRP A 42 6.01 9.96 2.83
CA TRP A 42 5.86 8.73 3.56
C TRP A 42 7.04 8.51 4.49
N LYS A 43 8.26 8.61 3.95
CA LYS A 43 9.48 8.43 4.74
C LYS A 43 9.36 9.06 6.12
N GLU A 44 8.89 10.31 6.15
CA GLU A 44 8.71 11.03 7.42
C GLU A 44 7.23 11.09 7.80
N LEU A 45 6.59 9.93 7.79
CA LEU A 45 5.17 9.84 8.11
C LEU A 45 4.96 9.23 9.52
N LYS A 46 4.12 9.89 10.33
CA LYS A 46 3.84 9.40 11.69
C LYS A 46 2.66 8.44 11.68
N ASP A 47 2.12 8.23 10.50
CA ASP A 47 1.06 7.27 10.31
C ASP A 47 1.69 6.01 9.72
N LYS A 48 3.00 6.11 9.45
CA LYS A 48 3.77 5.02 8.88
C LYS A 48 4.15 4.01 9.95
N SER A 49 4.27 4.48 11.18
CA SER A 49 4.58 3.58 12.27
C SER A 49 3.35 2.73 12.52
N LYS A 50 2.20 3.34 12.25
CA LYS A 50 0.91 2.68 12.44
C LYS A 50 0.38 2.08 11.13
N TRP A 51 0.97 2.45 9.99
CA TRP A 51 0.52 1.93 8.70
C TRP A 51 1.51 0.92 8.15
N GLU A 52 2.79 1.18 8.37
CA GLU A 52 3.84 0.27 7.93
C GLU A 52 3.58 -1.14 8.45
N ASP A 53 2.79 -1.22 9.52
CA ASP A 53 2.45 -2.49 10.10
C ASP A 53 1.31 -3.13 9.34
N ALA A 54 0.52 -2.33 8.65
CA ALA A 54 -0.55 -2.87 7.85
C ALA A 54 0.08 -3.77 6.80
N ALA A 55 1.15 -3.26 6.21
CA ALA A 55 1.90 -3.96 5.16
C ALA A 55 2.54 -5.26 5.63
N ALA A 56 3.24 -5.20 6.77
CA ALA A 56 3.91 -6.39 7.31
C ALA A 56 2.90 -7.34 7.93
N LYS A 57 1.81 -6.76 8.43
CA LYS A 57 0.76 -7.54 9.05
C LYS A 57 -0.11 -8.18 7.98
N ASP A 58 -0.32 -7.43 6.90
CA ASP A 58 -1.12 -7.92 5.79
C ASP A 58 -0.36 -9.01 5.07
N LYS A 59 0.97 -8.89 5.04
CA LYS A 59 1.80 -9.88 4.38
C LYS A 59 1.62 -11.23 5.06
N GLN A 60 1.32 -11.16 6.34
CA GLN A 60 1.12 -12.35 7.15
C GLN A 60 -0.33 -12.80 7.09
N ARG A 61 -1.26 -11.87 7.23
CA ARG A 61 -2.67 -12.21 7.20
C ARG A 61 -3.10 -12.66 5.81
N TYR A 62 -2.35 -12.26 4.80
CA TYR A 62 -2.69 -12.60 3.43
C TYR A 62 -2.05 -13.92 3.06
N HIS A 63 -0.77 -14.02 3.29
CA HIS A 63 -0.08 -15.25 3.00
C HIS A 63 -0.67 -16.36 3.87
N ASP A 64 -1.36 -15.99 4.94
CA ASP A 64 -1.97 -16.96 5.83
C ASP A 64 -3.30 -17.46 5.30
N GLU A 65 -3.83 -16.76 4.31
CA GLU A 65 -5.10 -17.14 3.71
C GLU A 65 -4.94 -17.26 2.21
N MET A 66 -4.31 -16.24 1.63
CA MET A 66 -4.07 -16.22 0.20
C MET A 66 -3.14 -17.37 -0.18
N ARG A 67 -2.06 -17.52 0.59
CA ARG A 67 -1.10 -18.59 0.33
C ARG A 67 -1.66 -19.92 0.81
N ASN A 68 -2.30 -19.87 1.98
CA ASN A 68 -2.90 -21.05 2.59
C ASN A 68 -4.34 -21.25 2.14
N TYR A 69 -4.73 -20.60 1.04
CA TYR A 69 -6.08 -20.70 0.52
C TYR A 69 -6.39 -22.14 0.10
N LYS A 70 -5.38 -22.84 -0.40
CA LYS A 70 -5.54 -24.22 -0.84
C LYS A 70 -5.73 -25.15 0.37
N PRO A 71 -4.72 -25.25 1.24
CA PRO A 71 -4.79 -26.11 2.43
C PRO A 71 -5.94 -25.72 3.36
N GLU A 72 -5.79 -24.60 4.04
CA GLU A 72 -6.82 -24.12 4.97
C GLU A 72 -6.42 -22.78 5.58
N ALA A 73 -5.37 -22.79 6.39
CA ALA A 73 -4.89 -21.58 7.04
C ALA A 73 -3.37 -21.57 7.14
N SER A 1 -5.57 -9.78 -9.26
CA SER A 1 -6.72 -9.28 -10.00
C SER A 1 -8.03 -9.77 -9.36
N HIS A 2 -7.99 -10.96 -8.78
CA HIS A 2 -9.17 -11.52 -8.13
C HIS A 2 -8.76 -12.56 -7.09
N MET A 3 -7.86 -13.45 -7.48
CA MET A 3 -7.38 -14.50 -6.57
C MET A 3 -6.59 -13.91 -5.41
N PRO A 4 -6.66 -14.54 -4.23
CA PRO A 4 -5.94 -14.07 -3.04
C PRO A 4 -4.52 -13.61 -3.35
N LYS A 5 -4.28 -12.30 -3.21
CA LYS A 5 -2.96 -11.73 -3.45
C LYS A 5 -2.00 -12.19 -2.36
N ARG A 6 -1.17 -11.29 -1.88
CA ARG A 6 -0.22 -11.65 -0.83
C ARG A 6 0.19 -10.44 0.04
N ALA A 7 -0.66 -9.40 0.06
CA ALA A 7 -0.43 -8.21 0.89
C ALA A 7 0.20 -7.03 0.15
N THR A 8 0.17 -5.88 0.84
CA THR A 8 0.69 -4.62 0.32
C THR A 8 1.85 -4.08 1.19
N THR A 9 2.86 -3.51 0.54
CA THR A 9 4.01 -2.95 1.25
C THR A 9 3.62 -1.71 2.00
N ALA A 10 4.34 -1.43 3.08
CA ALA A 10 4.09 -0.25 3.88
C ALA A 10 3.90 0.93 2.97
N PHE A 11 4.78 1.03 1.99
CA PHE A 11 4.77 2.11 1.02
C PHE A 11 3.57 2.03 0.09
N MET A 12 3.15 0.81 -0.21
CA MET A 12 2.04 0.60 -1.10
C MET A 12 0.73 0.89 -0.40
N LEU A 13 0.47 0.13 0.65
CA LEU A 13 -0.76 0.28 1.40
C LEU A 13 -1.00 1.72 1.83
N TRP A 14 0.07 2.46 2.10
CA TRP A 14 -0.09 3.85 2.51
C TRP A 14 -0.24 4.71 1.27
N LEU A 15 0.58 4.44 0.28
CA LEU A 15 0.50 5.16 -0.97
C LEU A 15 -0.87 4.93 -1.57
N ASN A 16 -1.53 3.88 -1.13
CA ASN A 16 -2.83 3.55 -1.61
C ASN A 16 -3.87 4.54 -1.07
N ASP A 17 -3.83 4.66 0.25
CA ASP A 17 -4.72 5.55 0.96
C ASP A 17 -4.28 6.98 0.85
N THR A 18 -2.99 7.20 0.69
CA THR A 18 -2.47 8.53 0.59
C THR A 18 -2.14 8.93 -0.83
N ARG A 19 -1.81 7.97 -1.71
CA ARG A 19 -1.53 8.33 -3.10
C ARG A 19 -2.75 8.99 -3.64
N GLU A 20 -3.90 8.52 -3.18
CA GLU A 20 -5.12 9.19 -3.59
C GLU A 20 -5.05 10.62 -3.06
N SER A 21 -4.58 10.72 -1.83
CA SER A 21 -4.44 12.01 -1.15
C SER A 21 -3.40 12.89 -1.83
N ILE A 22 -2.58 12.28 -2.67
CA ILE A 22 -1.54 12.99 -3.39
C ILE A 22 -2.07 13.61 -4.66
N LYS A 23 -2.90 12.86 -5.36
CA LYS A 23 -3.47 13.34 -6.60
C LYS A 23 -4.34 14.56 -6.33
N ARG A 24 -5.01 14.57 -5.18
CA ARG A 24 -5.85 15.72 -4.81
C ARG A 24 -4.95 16.90 -4.48
N GLU A 25 -3.91 16.60 -3.71
CA GLU A 25 -2.92 17.60 -3.32
C GLU A 25 -2.11 18.01 -4.53
N ASN A 26 -2.21 17.21 -5.59
CA ASN A 26 -1.52 17.47 -6.84
C ASN A 26 -2.38 17.00 -8.01
N PRO A 27 -3.52 17.69 -8.25
CA PRO A 27 -4.46 17.33 -9.32
C PRO A 27 -3.88 17.57 -10.72
N GLY A 28 -2.63 17.18 -10.91
CA GLY A 28 -1.99 17.36 -12.20
C GLY A 28 -0.74 16.51 -12.33
N ILE A 29 -0.60 15.50 -11.49
CA ILE A 29 0.56 14.62 -11.53
C ILE A 29 0.28 13.41 -12.41
N LYS A 30 0.85 12.27 -12.04
CA LYS A 30 0.70 11.05 -12.77
C LYS A 30 0.87 9.89 -11.82
N VAL A 31 0.17 8.82 -12.15
CA VAL A 31 0.21 7.59 -11.39
C VAL A 31 1.60 7.30 -10.83
N THR A 32 2.61 7.66 -11.60
CA THR A 32 4.01 7.42 -11.23
C THR A 32 4.57 8.51 -10.32
N GLU A 33 4.02 9.72 -10.42
CA GLU A 33 4.47 10.81 -9.57
C GLU A 33 3.89 10.59 -8.19
N ILE A 34 2.70 10.01 -8.16
CA ILE A 34 2.02 9.72 -6.91
C ILE A 34 2.85 8.77 -6.09
N ALA A 35 3.49 7.84 -6.80
CA ALA A 35 4.30 6.84 -6.16
C ALA A 35 5.68 7.38 -5.79
N LYS A 36 6.08 8.47 -6.43
CA LYS A 36 7.39 9.05 -6.15
C LYS A 36 7.30 10.09 -5.04
N LYS A 37 6.40 11.05 -5.23
CA LYS A 37 6.19 12.08 -4.25
C LYS A 37 5.79 11.44 -2.94
N GLY A 38 4.81 10.54 -3.01
CA GLY A 38 4.35 9.88 -1.81
C GLY A 38 5.50 9.43 -0.93
N GLY A 39 6.46 8.75 -1.52
CA GLY A 39 7.60 8.28 -0.77
C GLY A 39 8.31 9.38 -0.03
N GLU A 40 8.42 10.55 -0.66
CA GLU A 40 9.09 11.68 -0.01
C GLU A 40 8.43 12.02 1.33
N MET A 41 7.11 12.10 1.33
CA MET A 41 6.35 12.43 2.53
C MET A 41 6.24 11.23 3.46
N TRP A 42 6.15 10.05 2.85
CA TRP A 42 6.01 8.82 3.58
C TRP A 42 7.26 8.52 4.42
N LYS A 43 8.43 8.57 3.80
CA LYS A 43 9.69 8.30 4.47
C LYS A 43 9.75 8.83 5.90
N GLU A 44 9.05 9.92 6.18
CA GLU A 44 9.08 10.51 7.53
C GLU A 44 7.69 10.84 8.07
N LEU A 45 6.65 10.28 7.45
CA LEU A 45 5.29 10.54 7.89
C LEU A 45 4.95 9.69 9.12
N LYS A 46 4.01 10.14 9.95
CA LYS A 46 3.63 9.42 11.17
C LYS A 46 2.43 8.50 10.96
N ASP A 47 2.01 8.38 9.72
CA ASP A 47 0.91 7.50 9.37
C ASP A 47 1.49 6.16 8.92
N LYS A 48 2.81 6.15 8.70
CA LYS A 48 3.52 4.96 8.27
C LYS A 48 3.80 4.04 9.46
N SER A 49 3.78 4.60 10.66
CA SER A 49 3.98 3.78 11.84
C SER A 49 2.73 2.95 12.01
N LYS A 50 1.61 3.56 11.63
CA LYS A 50 0.30 2.93 11.71
C LYS A 50 -0.08 2.25 10.40
N TRP A 51 0.53 2.69 9.30
CA TRP A 51 0.25 2.11 7.99
C TRP A 51 1.24 1.01 7.64
N GLU A 52 2.49 1.20 8.04
CA GLU A 52 3.52 0.20 7.77
C GLU A 52 3.13 -1.12 8.41
N ASP A 53 2.39 -1.03 9.51
CA ASP A 53 1.97 -2.23 10.21
C ASP A 53 0.95 -2.97 9.39
N ALA A 54 0.19 -2.26 8.57
CA ALA A 54 -0.77 -2.91 7.71
C ALA A 54 -0.02 -3.80 6.74
N ALA A 55 1.10 -3.28 6.24
CA ALA A 55 1.94 -4.00 5.28
C ALA A 55 2.49 -5.29 5.86
N ALA A 56 3.02 -5.21 7.08
CA ALA A 56 3.60 -6.38 7.74
C ALA A 56 2.50 -7.31 8.24
N LYS A 57 1.38 -6.72 8.64
CA LYS A 57 0.24 -7.48 9.13
C LYS A 57 -0.48 -8.16 7.98
N ASP A 58 -0.56 -7.47 6.85
CA ASP A 58 -1.21 -8.00 5.67
C ASP A 58 -0.32 -9.03 5.01
N LYS A 59 0.99 -8.85 5.11
CA LYS A 59 1.93 -9.79 4.51
C LYS A 59 1.74 -11.15 5.18
N GLN A 60 1.39 -11.09 6.46
CA GLN A 60 1.20 -12.28 7.24
C GLN A 60 -0.22 -12.81 7.12
N ARG A 61 -1.19 -11.93 7.26
CA ARG A 61 -2.56 -12.36 7.17
C ARG A 61 -2.92 -12.81 5.76
N TYR A 62 -2.14 -12.36 4.78
CA TYR A 62 -2.40 -12.71 3.38
C TYR A 62 -1.66 -13.97 3.03
N HIS A 63 -0.38 -14.02 3.34
CA HIS A 63 0.38 -15.21 3.07
C HIS A 63 -0.19 -16.34 3.93
N ASP A 64 -0.92 -15.96 4.97
CA ASP A 64 -1.49 -16.93 5.88
C ASP A 64 -2.80 -17.48 5.36
N GLU A 65 -3.36 -16.85 4.33
CA GLU A 65 -4.63 -17.31 3.80
C GLU A 65 -4.60 -17.37 2.30
N MET A 66 -4.03 -16.36 1.69
CA MET A 66 -3.94 -16.31 0.25
C MET A 66 -3.19 -17.55 -0.23
N ARG A 67 -2.12 -17.89 0.47
CA ARG A 67 -1.31 -19.05 0.09
C ARG A 67 -1.97 -20.37 0.46
N ASN A 68 -2.36 -20.48 1.72
CA ASN A 68 -2.98 -21.70 2.23
C ASN A 68 -4.51 -21.64 2.17
N TYR A 69 -5.04 -20.77 1.31
CA TYR A 69 -6.49 -20.62 1.17
C TYR A 69 -7.18 -21.98 1.10
N LYS A 70 -7.97 -22.30 2.12
CA LYS A 70 -8.69 -23.57 2.17
C LYS A 70 -9.79 -23.52 3.23
N PRO A 71 -10.86 -22.76 2.98
CA PRO A 71 -11.98 -22.64 3.92
C PRO A 71 -12.53 -24.00 4.35
N GLU A 72 -12.97 -24.78 3.37
CA GLU A 72 -13.52 -26.11 3.64
C GLU A 72 -13.10 -27.10 2.57
N ALA A 73 -11.87 -26.94 2.08
CA ALA A 73 -11.34 -27.83 1.05
C ALA A 73 -12.20 -27.77 -0.22
N SER A 1 -4.72 -13.29 -14.32
CA SER A 1 -5.74 -13.55 -13.30
C SER A 1 -5.39 -12.88 -11.98
N HIS A 2 -6.38 -12.28 -11.34
CA HIS A 2 -6.18 -11.60 -10.07
C HIS A 2 -5.67 -12.57 -9.01
N MET A 3 -6.57 -13.40 -8.50
CA MET A 3 -6.22 -14.38 -7.47
C MET A 3 -5.70 -13.68 -6.22
N PRO A 4 -5.66 -14.41 -5.08
CA PRO A 4 -5.18 -13.86 -3.82
C PRO A 4 -3.73 -13.38 -3.90
N LYS A 5 -3.52 -12.08 -3.73
CA LYS A 5 -2.19 -11.51 -3.79
C LYS A 5 -1.37 -11.99 -2.60
N ARG A 6 -0.59 -11.10 -2.01
CA ARG A 6 0.24 -11.47 -0.87
C ARG A 6 0.56 -10.27 0.02
N ALA A 7 -0.42 -9.37 0.17
CA ALA A 7 -0.28 -8.18 1.03
C ALA A 7 0.33 -6.98 0.33
N THR A 8 0.28 -5.84 1.02
CA THR A 8 0.78 -4.56 0.52
C THR A 8 1.94 -4.04 1.38
N THR A 9 2.95 -3.47 0.73
CA THR A 9 4.10 -2.92 1.43
C THR A 9 3.70 -1.68 2.19
N ALA A 10 4.41 -1.40 3.28
CA ALA A 10 4.12 -0.22 4.05
C ALA A 10 3.92 0.95 3.13
N PHE A 11 4.84 1.06 2.16
CA PHE A 11 4.83 2.13 1.18
C PHE A 11 3.63 2.04 0.25
N MET A 12 3.23 0.82 -0.10
CA MET A 12 2.13 0.63 -1.00
C MET A 12 0.82 0.90 -0.29
N LEU A 13 0.58 0.15 0.78
CA LEU A 13 -0.66 0.31 1.52
C LEU A 13 -0.92 1.74 1.93
N TRP A 14 0.15 2.50 2.18
CA TRP A 14 -0.01 3.90 2.55
C TRP A 14 -0.21 4.72 1.31
N LEU A 15 0.60 4.44 0.31
CA LEU A 15 0.47 5.14 -0.94
C LEU A 15 -0.88 4.84 -1.54
N ASN A 16 -1.51 3.79 -1.06
CA ASN A 16 -2.80 3.40 -1.54
C ASN A 16 -3.87 4.37 -1.02
N ASP A 17 -3.84 4.50 0.29
CA ASP A 17 -4.73 5.38 0.99
C ASP A 17 -4.33 6.83 0.77
N THR A 18 -3.05 7.06 0.54
CA THR A 18 -2.55 8.39 0.34
C THR A 18 -2.32 8.70 -1.14
N ARG A 19 -2.12 7.68 -1.98
CA ARG A 19 -1.93 7.95 -3.41
C ARG A 19 -3.12 8.71 -3.87
N GLU A 20 -4.25 8.34 -3.28
CA GLU A 20 -5.47 9.04 -3.59
C GLU A 20 -5.30 10.49 -3.12
N SER A 21 -4.68 10.62 -1.95
CA SER A 21 -4.44 11.90 -1.32
C SER A 21 -3.39 12.72 -2.08
N ILE A 22 -2.63 12.03 -2.93
CA ILE A 22 -1.58 12.67 -3.69
C ILE A 22 -2.12 13.31 -4.95
N LYS A 23 -3.00 12.60 -5.64
CA LYS A 23 -3.58 13.14 -6.85
C LYS A 23 -4.44 14.35 -6.52
N ARG A 24 -5.03 14.35 -5.32
CA ARG A 24 -5.83 15.48 -4.89
C ARG A 24 -4.90 16.65 -4.59
N GLU A 25 -3.78 16.31 -3.95
CA GLU A 25 -2.75 17.29 -3.62
C GLU A 25 -2.13 17.83 -4.90
N ASN A 26 -2.39 17.14 -6.00
CA ASN A 26 -1.90 17.52 -7.30
C ASN A 26 -2.80 16.94 -8.39
N PRO A 27 -3.99 17.52 -8.57
CA PRO A 27 -4.98 17.06 -9.57
C PRO A 27 -4.50 17.24 -11.00
N GLY A 28 -3.30 16.76 -11.30
CA GLY A 28 -2.77 16.89 -12.64
C GLY A 28 -1.46 16.13 -12.82
N ILE A 29 -1.11 15.28 -11.85
CA ILE A 29 0.11 14.52 -11.93
C ILE A 29 -0.07 13.27 -12.77
N LYS A 30 0.66 12.23 -12.41
CA LYS A 30 0.62 10.98 -13.10
C LYS A 30 0.87 9.85 -12.13
N VAL A 31 0.27 8.74 -12.44
CA VAL A 31 0.38 7.52 -11.65
C VAL A 31 1.76 7.35 -11.03
N THR A 32 2.78 7.79 -11.76
CA THR A 32 4.17 7.67 -11.32
C THR A 32 4.61 8.81 -10.41
N GLU A 33 3.93 9.94 -10.48
CA GLU A 33 4.27 11.07 -9.63
C GLU A 33 3.78 10.79 -8.22
N ILE A 34 2.65 10.11 -8.12
CA ILE A 34 2.08 9.77 -6.85
C ILE A 34 3.04 8.90 -6.07
N ALA A 35 3.60 7.94 -6.78
CA ALA A 35 4.53 7.00 -6.18
C ALA A 35 5.84 7.66 -5.76
N LYS A 36 6.21 8.75 -6.42
CA LYS A 36 7.46 9.42 -6.10
C LYS A 36 7.27 10.53 -5.06
N LYS A 37 6.32 11.43 -5.32
CA LYS A 37 6.06 12.53 -4.41
C LYS A 37 5.39 12.04 -3.13
N GLY A 38 5.03 10.76 -3.10
CA GLY A 38 4.43 10.23 -1.91
C GLY A 38 5.48 9.64 -0.99
N GLY A 39 6.39 8.90 -1.60
CA GLY A 39 7.46 8.28 -0.84
C GLY A 39 8.26 9.30 -0.07
N GLU A 40 8.45 10.47 -0.66
CA GLU A 40 9.20 11.54 0.01
C GLU A 40 8.53 11.92 1.33
N MET A 41 7.21 12.07 1.29
CA MET A 41 6.43 12.44 2.47
C MET A 41 6.27 11.26 3.41
N TRP A 42 6.16 10.08 2.80
CA TRP A 42 5.98 8.85 3.51
C TRP A 42 7.20 8.47 4.35
N LYS A 43 8.36 8.41 3.72
CA LYS A 43 9.60 8.04 4.40
C LYS A 43 9.75 8.75 5.76
N GLU A 44 9.14 9.92 5.90
CA GLU A 44 9.24 10.67 7.15
C GLU A 44 7.88 10.94 7.79
N LEU A 45 6.83 10.33 7.26
CA LEU A 45 5.49 10.54 7.81
C LEU A 45 5.30 9.68 9.07
N LYS A 46 4.49 10.15 10.02
CA LYS A 46 4.28 9.44 11.28
C LYS A 46 3.11 8.46 11.22
N ASP A 47 2.62 8.24 10.02
CA ASP A 47 1.53 7.31 9.81
C ASP A 47 2.09 6.00 9.26
N LYS A 48 3.36 6.02 8.87
CA LYS A 48 4.03 4.86 8.32
C LYS A 48 4.44 3.91 9.43
N SER A 49 4.53 4.43 10.64
CA SER A 49 4.86 3.60 11.79
C SER A 49 3.60 2.88 12.21
N LYS A 50 2.48 3.60 12.08
CA LYS A 50 1.17 3.06 12.44
C LYS A 50 0.53 2.36 11.24
N TRP A 51 1.06 2.60 10.04
CA TRP A 51 0.52 1.98 8.83
C TRP A 51 1.40 0.83 8.36
N GLU A 52 2.71 0.91 8.61
CA GLU A 52 3.61 -0.15 8.22
C GLU A 52 3.07 -1.47 8.71
N ASP A 53 2.40 -1.42 9.85
CA ASP A 53 1.83 -2.61 10.43
C ASP A 53 0.79 -3.19 9.51
N ALA A 54 0.10 -2.34 8.79
CA ALA A 54 -0.86 -2.84 7.84
C ALA A 54 -0.10 -3.75 6.86
N ALA A 55 1.03 -3.23 6.40
CA ALA A 55 1.89 -3.92 5.43
C ALA A 55 2.52 -5.19 5.97
N ALA A 56 3.19 -5.09 7.12
CA ALA A 56 3.84 -6.26 7.70
C ALA A 56 2.79 -7.27 8.19
N LYS A 57 1.67 -6.74 8.65
CA LYS A 57 0.58 -7.56 9.14
C LYS A 57 -0.20 -8.19 7.98
N ASP A 58 -0.34 -7.45 6.90
CA ASP A 58 -1.05 -7.95 5.74
C ASP A 58 -0.26 -9.08 5.10
N LYS A 59 1.05 -8.99 5.19
CA LYS A 59 1.91 -10.04 4.65
C LYS A 59 1.57 -11.35 5.32
N GLN A 60 1.11 -11.24 6.56
CA GLN A 60 0.76 -12.37 7.37
C GLN A 60 -0.70 -12.78 7.16
N ARG A 61 -1.60 -11.82 7.20
CA ARG A 61 -3.01 -12.13 7.03
C ARG A 61 -3.29 -12.62 5.63
N TYR A 62 -2.49 -12.16 4.68
CA TYR A 62 -2.70 -12.52 3.29
C TYR A 62 -2.05 -13.85 3.00
N HIS A 63 -0.77 -13.97 3.29
CA HIS A 63 -0.12 -15.22 3.05
C HIS A 63 -0.85 -16.31 3.83
N ASP A 64 -1.62 -15.92 4.84
CA ASP A 64 -2.38 -16.86 5.63
C ASP A 64 -3.62 -17.32 4.90
N GLU A 65 -4.03 -16.57 3.87
CA GLU A 65 -5.20 -16.95 3.10
C GLU A 65 -4.76 -17.20 1.68
N MET A 66 -3.92 -16.32 1.19
CA MET A 66 -3.41 -16.42 -0.17
C MET A 66 -2.43 -17.59 -0.30
N ARG A 67 -1.45 -17.67 0.60
CA ARG A 67 -0.51 -18.79 0.55
C ARG A 67 -1.27 -20.08 0.86
N ASN A 68 -2.39 -19.89 1.54
CA ASN A 68 -3.28 -20.98 1.91
C ASN A 68 -4.32 -21.18 0.80
N TYR A 69 -5.36 -20.34 0.82
CA TYR A 69 -6.44 -20.38 -0.17
C TYR A 69 -6.73 -21.81 -0.63
N LYS A 70 -7.30 -21.95 -1.82
CA LYS A 70 -7.64 -23.27 -2.35
C LYS A 70 -6.47 -23.87 -3.12
N PRO A 71 -5.96 -23.15 -4.15
CA PRO A 71 -4.84 -23.63 -4.95
C PRO A 71 -3.66 -24.10 -4.11
N GLU A 72 -3.66 -25.40 -3.80
CA GLU A 72 -2.59 -25.98 -2.99
C GLU A 72 -2.78 -27.50 -2.85
N ALA A 73 -3.86 -27.88 -2.18
CA ALA A 73 -4.16 -29.30 -1.98
C ALA A 73 -3.03 -29.99 -1.22
N SER A 1 -12.68 -10.95 2.66
CA SER A 1 -13.77 -10.45 1.81
C SER A 1 -13.23 -9.99 0.46
N HIS A 2 -12.58 -8.83 0.46
CA HIS A 2 -12.02 -8.26 -0.77
C HIS A 2 -11.25 -9.32 -1.57
N MET A 3 -9.96 -9.47 -1.31
CA MET A 3 -9.15 -10.46 -2.01
C MET A 3 -7.71 -10.46 -1.50
N PRO A 4 -7.05 -11.63 -1.47
CA PRO A 4 -5.68 -11.75 -1.00
C PRO A 4 -4.66 -11.33 -2.06
N LYS A 5 -4.61 -10.02 -2.34
CA LYS A 5 -3.67 -9.50 -3.34
C LYS A 5 -2.25 -9.44 -2.78
N ARG A 6 -1.79 -10.58 -2.25
CA ARG A 6 -0.47 -10.70 -1.66
C ARG A 6 -0.15 -9.56 -0.69
N ALA A 7 -1.18 -8.89 -0.20
CA ALA A 7 -1.01 -7.80 0.74
C ALA A 7 -0.36 -6.58 0.12
N THR A 8 -0.54 -5.44 0.78
CA THR A 8 -0.03 -4.16 0.31
C THR A 8 1.20 -3.70 1.11
N THR A 9 2.27 -3.34 0.41
CA THR A 9 3.50 -2.89 1.04
C THR A 9 3.27 -1.62 1.83
N ALA A 10 4.10 -1.43 2.85
CA ALA A 10 4.03 -0.26 3.70
C ALA A 10 3.83 0.96 2.83
N PHE A 11 4.60 1.01 1.76
CA PHE A 11 4.56 2.10 0.81
C PHE A 11 3.26 2.09 0.01
N MET A 12 2.73 0.91 -0.23
CA MET A 12 1.52 0.78 -0.98
C MET A 12 0.33 1.08 -0.11
N LEU A 13 0.11 0.27 0.91
CA LEU A 13 -1.02 0.45 1.78
C LEU A 13 -1.15 1.89 2.29
N TRP A 14 -0.03 2.59 2.39
CA TRP A 14 -0.07 3.98 2.84
C TRP A 14 -0.30 4.87 1.64
N LEU A 15 0.41 4.56 0.56
CA LEU A 15 0.26 5.32 -0.66
C LEU A 15 -1.12 5.07 -1.24
N ASN A 16 -1.81 4.09 -0.70
CA ASN A 16 -3.12 3.75 -1.17
C ASN A 16 -4.13 4.77 -0.66
N ASP A 17 -4.08 4.92 0.66
CA ASP A 17 -4.91 5.87 1.35
C ASP A 17 -4.44 7.28 1.07
N THR A 18 -3.17 7.42 0.73
CA THR A 18 -2.60 8.71 0.42
C THR A 18 -2.46 8.89 -1.07
N ARG A 19 -2.40 7.79 -1.83
CA ARG A 19 -2.27 7.89 -3.29
C ARG A 19 -3.37 8.79 -3.76
N GLU A 20 -4.48 8.65 -3.08
CA GLU A 20 -5.62 9.50 -3.41
C GLU A 20 -5.29 10.94 -3.03
N SER A 21 -4.59 11.07 -1.91
CA SER A 21 -4.22 12.38 -1.38
C SER A 21 -3.13 13.05 -2.20
N ILE A 22 -2.36 12.23 -2.90
CA ILE A 22 -1.26 12.73 -3.72
C ILE A 22 -1.78 13.34 -4.99
N LYS A 23 -2.78 12.71 -5.59
CA LYS A 23 -3.34 13.24 -6.82
C LYS A 23 -4.11 14.53 -6.53
N ARG A 24 -4.61 14.66 -5.30
CA ARG A 24 -5.34 15.87 -4.91
C ARG A 24 -4.37 17.04 -4.86
N GLU A 25 -3.25 16.83 -4.17
CA GLU A 25 -2.21 17.83 -4.04
C GLU A 25 -1.56 18.07 -5.39
N ASN A 26 -1.83 17.16 -6.34
CA ASN A 26 -1.29 17.27 -7.67
C ASN A 26 -2.29 16.69 -8.68
N PRO A 27 -3.34 17.45 -9.01
CA PRO A 27 -4.39 17.01 -9.95
C PRO A 27 -3.94 17.03 -11.40
N GLY A 28 -2.76 16.49 -11.67
CA GLY A 28 -2.25 16.45 -13.02
C GLY A 28 -1.00 15.58 -13.14
N ILE A 29 -0.77 14.73 -12.14
CA ILE A 29 0.39 13.86 -12.14
C ILE A 29 0.11 12.55 -12.86
N LYS A 30 0.76 11.51 -12.39
CA LYS A 30 0.63 10.20 -12.95
C LYS A 30 0.89 9.17 -11.88
N VAL A 31 0.27 8.04 -12.04
CA VAL A 31 0.38 6.91 -11.14
C VAL A 31 1.80 6.77 -10.58
N THR A 32 2.78 7.13 -11.39
CA THR A 32 4.19 7.02 -11.03
C THR A 32 4.68 8.20 -10.17
N GLU A 33 4.03 9.35 -10.33
CA GLU A 33 4.41 10.52 -9.53
C GLU A 33 3.87 10.36 -8.12
N ILE A 34 2.74 9.69 -8.01
CA ILE A 34 2.12 9.45 -6.72
C ILE A 34 3.04 8.60 -5.87
N ALA A 35 3.58 7.57 -6.51
CA ALA A 35 4.46 6.64 -5.84
C ALA A 35 5.80 7.27 -5.47
N LYS A 36 6.22 8.30 -6.19
CA LYS A 36 7.50 8.94 -5.92
C LYS A 36 7.36 10.13 -4.96
N LYS A 37 6.45 11.05 -5.31
CA LYS A 37 6.22 12.22 -4.49
C LYS A 37 5.60 11.84 -3.15
N GLY A 38 5.14 10.59 -3.05
CA GLY A 38 4.56 10.15 -1.82
C GLY A 38 5.61 9.57 -0.90
N GLY A 39 6.50 8.76 -1.46
CA GLY A 39 7.56 8.17 -0.68
C GLY A 39 8.32 9.21 0.12
N GLU A 40 8.61 10.34 -0.53
CA GLU A 40 9.32 11.43 0.14
C GLU A 40 8.59 11.83 1.41
N MET A 41 7.27 11.98 1.31
CA MET A 41 6.44 12.36 2.43
C MET A 41 6.26 11.21 3.39
N TRP A 42 6.19 10.01 2.82
CA TRP A 42 6.01 8.80 3.57
C TRP A 42 7.16 8.56 4.54
N LYS A 43 8.39 8.51 4.01
CA LYS A 43 9.56 8.28 4.85
C LYS A 43 9.60 9.23 6.06
N GLU A 44 8.94 10.38 5.94
CA GLU A 44 8.92 11.37 7.01
C GLU A 44 7.50 11.58 7.55
N LEU A 45 6.77 10.48 7.73
CA LEU A 45 5.41 10.56 8.24
C LEU A 45 5.18 9.57 9.40
N LYS A 46 4.41 10.00 10.40
CA LYS A 46 4.13 9.18 11.58
C LYS A 46 2.87 8.35 11.40
N ASP A 47 2.49 8.16 10.16
CA ASP A 47 1.34 7.35 9.81
C ASP A 47 1.84 6.04 9.21
N LYS A 48 3.14 6.04 8.86
CA LYS A 48 3.77 4.87 8.29
C LYS A 48 4.03 3.85 9.37
N SER A 49 4.17 4.31 10.61
CA SER A 49 4.35 3.38 11.70
C SER A 49 3.03 2.68 11.96
N LYS A 50 1.95 3.37 11.56
CA LYS A 50 0.60 2.83 11.72
C LYS A 50 0.11 2.20 10.41
N TRP A 51 0.74 2.58 9.29
CA TRP A 51 0.35 2.06 7.99
C TRP A 51 1.30 0.95 7.54
N GLU A 52 2.61 1.20 7.68
CA GLU A 52 3.60 0.20 7.29
C GLU A 52 3.32 -1.12 7.96
N ASP A 53 2.73 -1.04 9.15
CA ASP A 53 2.43 -2.24 9.89
C ASP A 53 1.31 -3.00 9.20
N ALA A 54 0.41 -2.27 8.57
CA ALA A 54 -0.66 -2.92 7.84
C ALA A 54 -0.03 -3.85 6.81
N ALA A 55 0.99 -3.36 6.12
CA ALA A 55 1.70 -4.13 5.09
C ALA A 55 2.21 -5.46 5.65
N ALA A 56 2.95 -5.38 6.75
CA ALA A 56 3.49 -6.57 7.38
C ALA A 56 2.37 -7.43 7.95
N LYS A 57 1.25 -6.78 8.24
CA LYS A 57 0.10 -7.48 8.79
C LYS A 57 -0.71 -8.14 7.68
N ASP A 58 -0.80 -7.49 6.53
CA ASP A 58 -1.56 -8.04 5.42
C ASP A 58 -0.77 -9.11 4.68
N LYS A 59 0.55 -8.92 4.56
CA LYS A 59 1.37 -9.92 3.87
C LYS A 59 1.32 -11.23 4.63
N GLN A 60 1.31 -11.10 5.94
CA GLN A 60 1.27 -12.23 6.82
C GLN A 60 -0.12 -12.81 6.88
N ARG A 61 -1.12 -11.97 6.86
CA ARG A 61 -2.48 -12.46 6.90
C ARG A 61 -2.90 -13.00 5.54
N TYR A 62 -2.14 -12.67 4.51
CA TYR A 62 -2.45 -13.13 3.16
C TYR A 62 -1.83 -14.50 2.98
N HIS A 63 -0.56 -14.59 3.26
CA HIS A 63 0.16 -15.82 3.19
C HIS A 63 -0.33 -16.74 4.30
N ASP A 64 -0.95 -16.17 5.31
CA ASP A 64 -1.41 -16.96 6.41
C ASP A 64 -2.57 -17.84 5.99
N GLU A 65 -3.09 -17.63 4.79
CA GLU A 65 -4.22 -18.43 4.40
C GLU A 65 -4.42 -18.37 2.92
N MET A 66 -4.11 -17.23 2.33
CA MET A 66 -4.29 -17.02 0.92
C MET A 66 -2.97 -16.77 0.24
N ARG A 67 -1.83 -17.10 0.90
CA ARG A 67 -0.54 -16.87 0.26
C ARG A 67 -0.67 -17.20 -1.20
N ASN A 68 -1.24 -18.36 -1.43
CA ASN A 68 -1.43 -18.83 -2.80
C ASN A 68 -2.88 -18.62 -3.25
N TYR A 69 -3.83 -19.07 -2.43
CA TYR A 69 -5.25 -18.94 -2.73
C TYR A 69 -5.62 -19.70 -4.00
N LYS A 70 -5.23 -19.15 -5.16
CA LYS A 70 -5.52 -19.77 -6.44
C LYS A 70 -7.02 -20.03 -6.60
N PRO A 71 -7.85 -18.98 -6.47
CA PRO A 71 -9.30 -19.10 -6.59
C PRO A 71 -9.74 -19.28 -8.04
N GLU A 72 -9.18 -18.47 -8.93
CA GLU A 72 -9.51 -18.54 -10.36
C GLU A 72 -8.43 -17.85 -11.20
N ALA A 73 -8.71 -17.71 -12.48
CA ALA A 73 -7.77 -17.07 -13.41
C ALA A 73 -7.47 -15.64 -12.97
N SER A 1 -11.10 -5.88 1.36
CA SER A 1 -12.25 -6.62 0.86
C SER A 1 -11.90 -7.33 -0.45
N HIS A 2 -11.03 -6.70 -1.24
CA HIS A 2 -10.62 -7.27 -2.52
C HIS A 2 -9.95 -8.63 -2.33
N MET A 3 -9.44 -9.19 -3.42
CA MET A 3 -8.78 -10.49 -3.36
C MET A 3 -7.46 -10.40 -2.61
N PRO A 4 -6.98 -11.53 -2.06
CA PRO A 4 -5.72 -11.58 -1.32
C PRO A 4 -4.51 -11.29 -2.21
N LYS A 5 -4.40 -10.05 -2.66
CA LYS A 5 -3.30 -9.64 -3.52
C LYS A 5 -1.97 -9.60 -2.75
N ARG A 6 -1.64 -10.72 -2.12
CA ARG A 6 -0.42 -10.87 -1.34
C ARG A 6 -0.18 -9.69 -0.41
N ALA A 7 -1.24 -8.93 -0.10
CA ALA A 7 -1.12 -7.79 0.80
C ALA A 7 -0.44 -6.58 0.17
N THR A 8 -0.56 -5.45 0.85
CA THR A 8 -0.03 -4.18 0.38
C THR A 8 1.17 -3.72 1.21
N THR A 9 2.26 -3.33 0.53
CA THR A 9 3.47 -2.87 1.20
C THR A 9 3.21 -1.60 1.99
N ALA A 10 4.03 -1.39 3.02
CA ALA A 10 3.92 -0.21 3.85
C ALA A 10 3.74 1.00 2.96
N PHE A 11 4.55 1.03 1.90
CA PHE A 11 4.53 2.12 0.95
C PHE A 11 3.27 2.10 0.10
N MET A 12 2.75 0.90 -0.14
CA MET A 12 1.57 0.76 -0.95
C MET A 12 0.34 1.06 -0.12
N LEU A 13 0.10 0.26 0.91
CA LEU A 13 -1.08 0.44 1.73
C LEU A 13 -1.24 1.88 2.19
N TRP A 14 -0.14 2.61 2.33
CA TRP A 14 -0.22 4.00 2.74
C TRP A 14 -0.39 4.86 1.53
N LEU A 15 0.36 4.55 0.48
CA LEU A 15 0.25 5.29 -0.75
C LEU A 15 -1.11 5.03 -1.35
N ASN A 16 -1.81 4.05 -0.83
CA ASN A 16 -3.12 3.71 -1.32
C ASN A 16 -4.14 4.73 -0.82
N ASP A 17 -4.11 4.89 0.49
CA ASP A 17 -4.96 5.83 1.16
C ASP A 17 -4.49 7.24 0.89
N THR A 18 -3.21 7.38 0.59
CA THR A 18 -2.64 8.67 0.30
C THR A 18 -2.46 8.87 -1.20
N ARG A 19 -2.39 7.77 -1.95
CA ARG A 19 -2.24 7.87 -3.40
C ARG A 19 -3.33 8.76 -3.88
N GLU A 20 -4.45 8.62 -3.24
CA GLU A 20 -5.59 9.46 -3.55
C GLU A 20 -5.27 10.91 -3.16
N SER A 21 -4.60 11.02 -2.02
CA SER A 21 -4.23 12.33 -1.47
C SER A 21 -3.15 13.01 -2.29
N ILE A 22 -2.43 12.22 -3.06
CA ILE A 22 -1.34 12.73 -3.87
C ILE A 22 -1.84 13.31 -5.17
N LYS A 23 -2.77 12.62 -5.82
CA LYS A 23 -3.31 13.11 -7.06
C LYS A 23 -4.10 14.40 -6.83
N ARG A 24 -4.68 14.52 -5.64
CA ARG A 24 -5.42 15.74 -5.30
C ARG A 24 -4.43 16.88 -5.15
N GLU A 25 -3.31 16.56 -4.52
CA GLU A 25 -2.23 17.52 -4.30
C GLU A 25 -1.60 17.89 -5.63
N ASN A 26 -1.90 17.08 -6.65
CA ASN A 26 -1.40 17.32 -7.99
C ASN A 26 -2.32 16.68 -9.02
N PRO A 27 -3.46 17.34 -9.31
CA PRO A 27 -4.46 16.82 -10.27
C PRO A 27 -3.96 16.85 -11.71
N GLY A 28 -2.79 16.28 -11.95
CA GLY A 28 -2.23 16.24 -13.28
C GLY A 28 -0.96 15.42 -13.36
N ILE A 29 -0.67 14.65 -12.32
CA ILE A 29 0.52 13.82 -12.30
C ILE A 29 0.29 12.52 -13.03
N LYS A 30 0.96 11.49 -12.57
CA LYS A 30 0.89 10.18 -13.15
C LYS A 30 1.06 9.14 -12.07
N VAL A 31 0.41 8.03 -12.30
CA VAL A 31 0.44 6.88 -11.41
C VAL A 31 1.80 6.70 -10.73
N THR A 32 2.85 7.01 -11.46
CA THR A 32 4.22 6.85 -10.95
C THR A 32 4.71 8.07 -10.15
N GLU A 33 4.09 9.22 -10.36
CA GLU A 33 4.47 10.40 -9.61
C GLU A 33 3.95 10.27 -8.20
N ILE A 34 2.79 9.66 -8.07
CA ILE A 34 2.17 9.45 -6.79
C ILE A 34 3.08 8.61 -5.91
N ALA A 35 3.63 7.58 -6.54
CA ALA A 35 4.52 6.67 -5.84
C ALA A 35 5.83 7.32 -5.44
N LYS A 36 6.26 8.35 -6.17
CA LYS A 36 7.53 9.01 -5.85
C LYS A 36 7.33 10.19 -4.90
N LYS A 37 6.44 11.10 -5.25
CA LYS A 37 6.16 12.26 -4.43
C LYS A 37 5.51 11.86 -3.11
N GLY A 38 5.09 10.61 -3.01
CA GLY A 38 4.48 10.14 -1.80
C GLY A 38 5.53 9.57 -0.86
N GLY A 39 6.43 8.80 -1.41
CA GLY A 39 7.49 8.21 -0.61
C GLY A 39 8.23 9.25 0.19
N GLU A 40 8.49 10.39 -0.44
CA GLU A 40 9.18 11.47 0.24
C GLU A 40 8.43 11.88 1.50
N MET A 41 7.12 12.02 1.38
CA MET A 41 6.27 12.40 2.50
C MET A 41 6.07 11.23 3.45
N TRP A 42 6.02 10.04 2.87
CA TRP A 42 5.82 8.82 3.60
C TRP A 42 6.97 8.56 4.58
N LYS A 43 8.20 8.51 4.06
CA LYS A 43 9.37 8.27 4.90
C LYS A 43 9.43 9.26 6.07
N GLU A 44 8.77 10.41 5.92
CA GLU A 44 8.76 11.43 6.97
C GLU A 44 7.36 11.62 7.55
N LEU A 45 6.65 10.51 7.74
CA LEU A 45 5.29 10.56 8.29
C LEU A 45 5.15 9.59 9.48
N LYS A 46 4.45 10.05 10.52
CA LYS A 46 4.25 9.24 11.74
C LYS A 46 3.02 8.36 11.65
N ASP A 47 2.58 8.10 10.44
CA ASP A 47 1.45 7.24 10.19
C ASP A 47 1.94 5.94 9.57
N LYS A 48 3.20 5.96 9.13
CA LYS A 48 3.84 4.81 8.52
C LYS A 48 4.26 3.80 9.57
N SER A 49 4.52 4.29 10.78
CA SER A 49 4.88 3.38 11.86
C SER A 49 3.62 2.61 12.25
N LYS A 50 2.49 3.28 12.05
CA LYS A 50 1.18 2.70 12.36
C LYS A 50 0.52 2.12 11.11
N TRP A 51 1.08 2.41 9.94
CA TRP A 51 0.52 1.91 8.68
C TRP A 51 1.43 0.85 8.05
N GLU A 52 2.73 1.11 8.09
CA GLU A 52 3.69 0.17 7.53
C GLU A 52 3.45 -1.21 8.09
N ASP A 53 2.98 -1.24 9.33
CA ASP A 53 2.70 -2.50 9.99
C ASP A 53 1.51 -3.16 9.35
N ALA A 54 0.60 -2.38 8.80
CA ALA A 54 -0.54 -2.94 8.12
C ALA A 54 -0.02 -3.86 7.02
N ALA A 55 0.95 -3.34 6.27
CA ALA A 55 1.57 -4.08 5.17
C ALA A 55 2.10 -5.43 5.63
N ALA A 56 2.88 -5.42 6.70
CA ALA A 56 3.44 -6.65 7.23
C ALA A 56 2.35 -7.51 7.88
N LYS A 57 1.26 -6.86 8.25
CA LYS A 57 0.14 -7.56 8.87
C LYS A 57 -0.71 -8.22 7.80
N ASP A 58 -0.86 -7.53 6.67
CA ASP A 58 -1.66 -8.05 5.58
C ASP A 58 -0.88 -9.08 4.78
N LYS A 59 0.44 -8.87 4.66
CA LYS A 59 1.28 -9.80 3.91
C LYS A 59 1.31 -11.13 4.63
N GLN A 60 1.43 -11.05 5.94
CA GLN A 60 1.48 -12.20 6.79
C GLN A 60 0.10 -12.82 6.92
N ARG A 61 -0.94 -12.00 6.90
CA ARG A 61 -2.28 -12.51 7.03
C ARG A 61 -2.84 -12.97 5.69
N TYR A 62 -2.19 -12.61 4.62
CA TYR A 62 -2.64 -13.00 3.30
C TYR A 62 -1.98 -14.30 2.94
N HIS A 63 -0.68 -14.36 3.18
CA HIS A 63 0.06 -15.54 2.95
C HIS A 63 -0.34 -16.56 4.01
N ASP A 64 -0.88 -16.06 5.10
CA ASP A 64 -1.27 -16.92 6.18
C ASP A 64 -2.41 -17.81 5.79
N GLU A 65 -3.01 -17.58 4.61
CA GLU A 65 -4.10 -18.40 4.23
C GLU A 65 -4.44 -18.22 2.78
N MET A 66 -4.20 -17.03 2.27
CA MET A 66 -4.49 -16.71 0.92
C MET A 66 -3.22 -16.46 0.12
N ARG A 67 -2.06 -16.84 0.67
CA ARG A 67 -0.81 -16.62 -0.05
C ARG A 67 -0.99 -17.01 -1.49
N ASN A 68 -1.46 -18.22 -1.68
CA ASN A 68 -1.66 -18.74 -3.03
C ASN A 68 -3.08 -18.52 -3.55
N TYR A 69 -3.76 -17.52 -2.99
CA TYR A 69 -5.12 -17.21 -3.41
C TYR A 69 -5.13 -16.43 -4.71
N LYS A 70 -4.41 -15.30 -4.72
CA LYS A 70 -4.33 -14.45 -5.91
C LYS A 70 -3.41 -13.26 -5.66
N PRO A 71 -2.09 -13.49 -5.63
CA PRO A 71 -1.11 -12.43 -5.40
C PRO A 71 -1.01 -11.47 -6.58
N GLU A 72 -0.97 -12.02 -7.78
CA GLU A 72 -0.88 -11.22 -8.99
C GLU A 72 -0.94 -12.09 -10.24
N ALA A 73 0.08 -12.93 -10.41
CA ALA A 73 0.14 -13.82 -11.56
C ALA A 73 0.17 -13.03 -12.87
N SER A 1 -15.92 -10.20 -2.46
CA SER A 1 -14.91 -10.89 -3.26
C SER A 1 -13.73 -11.31 -2.38
N HIS A 2 -12.77 -12.01 -2.98
CA HIS A 2 -11.59 -12.47 -2.26
C HIS A 2 -10.41 -12.65 -3.20
N MET A 3 -9.56 -11.63 -3.27
CA MET A 3 -8.39 -11.66 -4.14
C MET A 3 -7.10 -11.50 -3.32
N PRO A 4 -6.58 -12.60 -2.76
CA PRO A 4 -5.36 -12.60 -1.96
C PRO A 4 -4.09 -12.59 -2.81
N LYS A 5 -4.06 -11.71 -3.80
CA LYS A 5 -2.90 -11.59 -4.68
C LYS A 5 -1.81 -10.77 -4.01
N ARG A 6 -1.49 -11.12 -2.77
CA ARG A 6 -0.48 -10.43 -1.98
C ARG A 6 -1.08 -9.16 -1.41
N ALA A 7 -0.56 -8.74 -0.29
CA ALA A 7 -1.09 -7.58 0.39
C ALA A 7 -0.42 -6.27 0.00
N THR A 8 -0.90 -5.21 0.64
CA THR A 8 -0.44 -3.84 0.41
C THR A 8 0.81 -3.50 1.22
N THR A 9 1.93 -3.28 0.53
CA THR A 9 3.19 -2.93 1.18
C THR A 9 3.03 -1.67 2.00
N ALA A 10 3.91 -1.52 3.00
CA ALA A 10 3.90 -0.36 3.85
C ALA A 10 3.71 0.87 3.00
N PHE A 11 4.45 0.90 1.90
CA PHE A 11 4.41 2.01 0.96
C PHE A 11 3.11 2.01 0.17
N MET A 12 2.57 0.83 -0.06
CA MET A 12 1.36 0.68 -0.82
C MET A 12 0.17 1.05 0.06
N LEU A 13 -0.05 0.27 1.13
CA LEU A 13 -1.17 0.52 2.01
C LEU A 13 -1.25 1.97 2.48
N TRP A 14 -0.10 2.64 2.58
CA TRP A 14 -0.10 4.03 2.99
C TRP A 14 -0.32 4.91 1.78
N LEU A 15 0.38 4.56 0.71
CA LEU A 15 0.23 5.32 -0.52
C LEU A 15 -1.16 5.12 -1.07
N ASN A 16 -1.85 4.13 -0.56
CA ASN A 16 -3.19 3.84 -1.00
C ASN A 16 -4.16 4.89 -0.45
N ASP A 17 -4.04 5.06 0.86
CA ASP A 17 -4.82 6.04 1.56
C ASP A 17 -4.32 7.43 1.26
N THR A 18 -3.06 7.53 0.87
CA THR A 18 -2.47 8.80 0.55
C THR A 18 -2.36 8.98 -0.96
N ARG A 19 -2.37 7.86 -1.70
CA ARG A 19 -2.30 7.94 -3.16
C ARG A 19 -3.38 8.84 -3.61
N GLU A 20 -4.48 8.75 -2.88
CA GLU A 20 -5.61 9.61 -3.18
C GLU A 20 -5.23 11.06 -2.84
N SER A 21 -4.46 11.18 -1.76
CA SER A 21 -4.02 12.48 -1.26
C SER A 21 -2.95 13.11 -2.15
N ILE A 22 -2.28 12.26 -2.91
CA ILE A 22 -1.22 12.69 -3.79
C ILE A 22 -1.77 13.28 -5.08
N LYS A 23 -2.75 12.61 -5.65
CA LYS A 23 -3.35 13.10 -6.87
C LYS A 23 -4.09 14.40 -6.62
N ARG A 24 -4.59 14.56 -5.40
CA ARG A 24 -5.28 15.79 -5.02
C ARG A 24 -4.26 16.90 -4.88
N GLU A 25 -3.13 16.54 -4.28
CA GLU A 25 -2.02 17.45 -4.09
C GLU A 25 -1.44 17.83 -5.45
N ASN A 26 -1.80 17.05 -6.46
CA ASN A 26 -1.35 17.29 -7.81
C ASN A 26 -2.34 16.66 -8.80
N PRO A 27 -3.49 17.31 -9.01
CA PRO A 27 -4.55 16.81 -9.91
C PRO A 27 -4.13 16.81 -11.38
N GLY A 28 -2.99 16.20 -11.68
CA GLY A 28 -2.50 16.13 -13.04
C GLY A 28 -1.25 15.28 -13.18
N ILE A 29 -0.91 14.54 -12.13
CA ILE A 29 0.26 13.69 -12.16
C ILE A 29 -0.01 12.38 -12.88
N LYS A 30 0.66 11.34 -12.43
CA LYS A 30 0.52 10.03 -13.00
C LYS A 30 0.78 8.99 -11.94
N VAL A 31 0.15 7.87 -12.12
CA VAL A 31 0.26 6.73 -11.24
C VAL A 31 1.67 6.58 -10.65
N THR A 32 2.66 6.93 -11.46
CA THR A 32 4.07 6.82 -11.08
C THR A 32 4.56 7.99 -10.24
N GLU A 33 3.92 9.15 -10.38
CA GLU A 33 4.30 10.31 -9.60
C GLU A 33 3.80 10.16 -8.18
N ILE A 34 2.67 9.50 -8.05
CA ILE A 34 2.07 9.28 -6.75
C ILE A 34 3.00 8.42 -5.91
N ALA A 35 3.50 7.37 -6.54
CA ALA A 35 4.39 6.44 -5.88
C ALA A 35 5.74 7.05 -5.52
N LYS A 36 6.17 8.06 -6.26
CA LYS A 36 7.47 8.69 -5.99
C LYS A 36 7.34 9.89 -5.06
N LYS A 37 6.44 10.81 -5.40
CA LYS A 37 6.23 12.00 -4.59
C LYS A 37 5.61 11.64 -3.24
N GLY A 38 5.16 10.40 -3.10
CA GLY A 38 4.59 9.99 -1.86
C GLY A 38 5.65 9.41 -0.94
N GLY A 39 6.51 8.58 -1.51
CA GLY A 39 7.58 7.99 -0.73
C GLY A 39 8.37 9.03 0.01
N GLU A 40 8.64 10.15 -0.65
CA GLU A 40 9.39 11.24 -0.03
C GLU A 40 8.69 11.69 1.25
N MET A 41 7.37 11.85 1.17
CA MET A 41 6.57 12.28 2.31
C MET A 41 6.39 11.14 3.30
N TRP A 42 6.30 9.93 2.76
CA TRP A 42 6.11 8.75 3.54
C TRP A 42 7.28 8.49 4.48
N LYS A 43 8.48 8.41 3.92
CA LYS A 43 9.68 8.16 4.72
C LYS A 43 9.78 9.13 5.91
N GLU A 44 9.13 10.28 5.80
CA GLU A 44 9.16 11.27 6.87
C GLU A 44 7.77 11.51 7.47
N LEU A 45 7.03 10.43 7.68
CA LEU A 45 5.68 10.55 8.24
C LEU A 45 5.47 9.57 9.40
N LYS A 46 4.74 10.02 10.44
CA LYS A 46 4.48 9.20 11.63
C LYS A 46 3.19 8.42 11.50
N ASP A 47 2.77 8.24 10.27
CA ASP A 47 1.58 7.46 9.95
C ASP A 47 2.02 6.14 9.34
N LYS A 48 3.30 6.09 8.95
CA LYS A 48 3.90 4.91 8.36
C LYS A 48 4.14 3.87 9.44
N SER A 49 4.33 4.33 10.66
CA SER A 49 4.52 3.39 11.76
C SER A 49 3.17 2.74 12.05
N LYS A 50 2.11 3.45 11.69
CA LYS A 50 0.75 2.97 11.88
C LYS A 50 0.20 2.34 10.59
N TRP A 51 0.80 2.68 9.45
CA TRP A 51 0.37 2.16 8.17
C TRP A 51 1.27 1.02 7.69
N GLU A 52 2.58 1.22 7.80
CA GLU A 52 3.54 0.21 7.39
C GLU A 52 3.23 -1.11 8.04
N ASP A 53 2.68 -1.04 9.25
CA ASP A 53 2.34 -2.24 9.98
C ASP A 53 1.19 -2.94 9.31
N ALA A 54 0.29 -2.18 8.70
CA ALA A 54 -0.80 -2.78 7.99
C ALA A 54 -0.23 -3.74 6.96
N ALA A 55 0.81 -3.27 6.24
CA ALA A 55 1.46 -4.09 5.23
C ALA A 55 1.93 -5.42 5.80
N ALA A 56 2.65 -5.34 6.92
CA ALA A 56 3.15 -6.54 7.57
C ALA A 56 1.99 -7.34 8.17
N LYS A 57 0.83 -6.70 8.24
CA LYS A 57 -0.36 -7.34 8.81
C LYS A 57 -1.20 -7.98 7.70
N ASP A 58 -1.32 -7.32 6.55
CA ASP A 58 -2.13 -7.86 5.47
C ASP A 58 -1.35 -8.86 4.64
N LYS A 59 -0.05 -8.61 4.43
CA LYS A 59 0.76 -9.54 3.67
C LYS A 59 0.91 -10.83 4.46
N GLN A 60 1.10 -10.66 5.75
CA GLN A 60 1.26 -11.75 6.68
C GLN A 60 -0.06 -12.50 6.80
N ARG A 61 -1.16 -11.79 6.58
CA ARG A 61 -2.45 -12.44 6.68
C ARG A 61 -2.87 -13.01 5.33
N TYR A 62 -2.23 -12.56 4.27
CA TYR A 62 -2.55 -13.04 2.94
C TYR A 62 -1.82 -14.32 2.70
N HIS A 63 -0.55 -14.32 3.07
CA HIS A 63 0.27 -15.47 2.93
C HIS A 63 -0.12 -16.49 3.98
N ASP A 64 -0.59 -15.98 5.11
CA ASP A 64 -0.98 -16.82 6.20
C ASP A 64 -2.06 -17.78 5.80
N GLU A 65 -2.59 -17.67 4.59
CA GLU A 65 -3.63 -18.56 4.22
C GLU A 65 -3.87 -18.54 2.73
N MET A 66 -3.56 -17.43 2.11
CA MET A 66 -3.77 -17.27 0.71
C MET A 66 -2.49 -16.86 0.00
N ARG A 67 -1.34 -17.06 0.65
CA ARG A 67 -0.05 -16.70 0.01
C ARG A 67 -0.07 -17.15 -1.42
N ASN A 68 -0.47 -18.38 -1.62
CA ASN A 68 -0.50 -18.96 -2.96
C ASN A 68 -1.88 -18.88 -3.61
N TYR A 69 -2.69 -17.94 -3.16
CA TYR A 69 -4.03 -17.77 -3.71
C TYR A 69 -4.03 -16.76 -4.86
N LYS A 70 -4.19 -17.26 -6.08
CA LYS A 70 -4.20 -16.41 -7.26
C LYS A 70 -5.64 -16.07 -7.67
N PRO A 71 -6.05 -14.81 -7.48
CA PRO A 71 -7.41 -14.37 -7.85
C PRO A 71 -7.74 -14.65 -9.31
N GLU A 72 -8.81 -14.03 -9.79
CA GLU A 72 -9.24 -14.22 -11.18
C GLU A 72 -8.26 -13.55 -12.14
N ALA A 73 -7.66 -12.45 -11.70
CA ALA A 73 -6.70 -11.72 -12.52
C ALA A 73 -7.35 -11.21 -13.80
N SER A 1 -7.03 -17.08 -7.25
CA SER A 1 -5.87 -16.24 -7.57
C SER A 1 -4.68 -17.10 -7.95
N HIS A 2 -4.54 -18.25 -7.30
CA HIS A 2 -3.44 -19.17 -7.57
C HIS A 2 -2.11 -18.43 -7.67
N MET A 3 -1.99 -17.32 -6.93
CA MET A 3 -0.78 -16.53 -6.93
C MET A 3 -0.89 -15.35 -5.96
N PRO A 4 -0.85 -15.62 -4.65
CA PRO A 4 -0.95 -14.58 -3.62
C PRO A 4 0.32 -13.77 -3.49
N LYS A 5 0.25 -12.47 -3.82
CA LYS A 5 1.40 -11.59 -3.72
C LYS A 5 1.82 -11.39 -2.26
N ARG A 6 1.10 -12.07 -1.39
CA ARG A 6 1.33 -12.06 0.04
C ARG A 6 0.80 -10.81 0.74
N ALA A 7 0.78 -9.69 0.03
CA ALA A 7 0.27 -8.42 0.57
C ALA A 7 0.87 -7.18 -0.09
N THR A 8 0.79 -6.05 0.63
CA THR A 8 1.27 -4.76 0.16
C THR A 8 2.37 -4.20 1.07
N THR A 9 3.34 -3.53 0.47
CA THR A 9 4.46 -2.95 1.21
C THR A 9 4.01 -1.71 1.97
N ALA A 10 4.71 -1.43 3.06
CA ALA A 10 4.44 -0.27 3.87
C ALA A 10 4.26 0.92 2.95
N PHE A 11 5.16 1.03 1.99
CA PHE A 11 5.17 2.11 1.02
C PHE A 11 3.98 2.02 0.07
N MET A 12 3.56 0.81 -0.20
CA MET A 12 2.48 0.57 -1.12
C MET A 12 1.15 0.76 -0.44
N LEU A 13 0.88 -0.06 0.56
CA LEU A 13 -0.38 0.02 1.27
C LEU A 13 -0.69 1.43 1.75
N TRP A 14 0.35 2.21 2.05
CA TRP A 14 0.14 3.58 2.49
C TRP A 14 -0.08 4.46 1.29
N LEU A 15 0.70 4.22 0.25
CA LEU A 15 0.56 4.99 -0.95
C LEU A 15 -0.80 4.72 -1.54
N ASN A 16 -1.43 3.66 -1.12
CA ASN A 16 -2.73 3.30 -1.60
C ASN A 16 -3.78 4.23 -1.00
N ASP A 17 -3.73 4.30 0.31
CA ASP A 17 -4.60 5.15 1.08
C ASP A 17 -4.21 6.60 0.91
N THR A 18 -2.94 6.84 0.64
CA THR A 18 -2.45 8.17 0.47
C THR A 18 -2.27 8.50 -1.00
N ARG A 19 -2.14 7.48 -1.85
CA ARG A 19 -2.00 7.74 -3.28
C ARG A 19 -3.17 8.58 -3.69
N GLU A 20 -4.27 8.26 -3.07
CA GLU A 20 -5.49 9.03 -3.31
C GLU A 20 -5.25 10.44 -2.79
N SER A 21 -4.58 10.51 -1.65
CA SER A 21 -4.28 11.77 -0.98
C SER A 21 -3.26 12.60 -1.76
N ILE A 22 -2.57 11.93 -2.68
CA ILE A 22 -1.54 12.56 -3.48
C ILE A 22 -2.12 13.25 -4.70
N LYS A 23 -3.02 12.57 -5.39
CA LYS A 23 -3.61 13.15 -6.58
C LYS A 23 -4.49 14.33 -6.20
N ARG A 24 -5.06 14.29 -5.01
CA ARG A 24 -5.89 15.39 -4.52
C ARG A 24 -4.97 16.54 -4.13
N GLU A 25 -3.87 16.18 -3.48
CA GLU A 25 -2.86 17.14 -3.07
C GLU A 25 -2.22 17.76 -4.30
N ASN A 26 -2.47 17.15 -5.45
CA ASN A 26 -1.97 17.62 -6.72
C ASN A 26 -2.85 17.09 -7.84
N PRO A 27 -4.05 17.66 -8.02
CA PRO A 27 -5.01 17.24 -9.05
C PRO A 27 -4.52 17.50 -10.48
N GLY A 28 -3.30 17.07 -10.77
CA GLY A 28 -2.75 17.27 -12.08
C GLY A 28 -1.45 16.51 -12.31
N ILE A 29 -1.11 15.61 -11.38
CA ILE A 29 0.10 14.83 -11.50
C ILE A 29 -0.10 13.64 -12.41
N LYS A 30 0.62 12.58 -12.12
CA LYS A 30 0.57 11.38 -12.88
C LYS A 30 0.80 10.19 -11.98
N VAL A 31 0.17 9.11 -12.35
CA VAL A 31 0.26 7.84 -11.64
C VAL A 31 1.65 7.62 -11.03
N THR A 32 2.67 8.06 -11.75
CA THR A 32 4.07 7.88 -11.32
C THR A 32 4.53 8.97 -10.35
N GLU A 33 3.87 10.11 -10.35
CA GLU A 33 4.22 11.19 -9.44
C GLU A 33 3.74 10.83 -8.05
N ILE A 34 2.63 10.12 -7.98
CA ILE A 34 2.06 9.72 -6.71
C ILE A 34 3.02 8.82 -5.98
N ALA A 35 3.53 7.84 -6.72
CA ALA A 35 4.45 6.88 -6.16
C ALA A 35 5.79 7.48 -5.78
N LYS A 36 6.17 8.58 -6.42
CA LYS A 36 7.46 9.21 -6.13
C LYS A 36 7.34 10.31 -5.08
N LYS A 37 6.42 11.24 -5.31
CA LYS A 37 6.22 12.33 -4.38
C LYS A 37 5.49 11.86 -3.13
N GLY A 38 5.13 10.57 -3.10
CA GLY A 38 4.51 10.04 -1.93
C GLY A 38 5.56 9.50 -0.98
N GLY A 39 6.53 8.80 -1.56
CA GLY A 39 7.61 8.25 -0.79
C GLY A 39 8.34 9.32 -0.02
N GLU A 40 8.54 10.47 -0.65
CA GLU A 40 9.21 11.59 0.01
C GLU A 40 8.51 11.92 1.32
N MET A 41 7.18 12.03 1.26
CA MET A 41 6.37 12.33 2.42
C MET A 41 6.27 11.13 3.35
N TRP A 42 6.17 9.96 2.75
CA TRP A 42 6.04 8.73 3.48
C TRP A 42 7.24 8.49 4.40
N LYS A 43 8.45 8.66 3.87
CA LYS A 43 9.67 8.48 4.66
C LYS A 43 9.52 9.05 6.07
N GLU A 44 9.11 10.31 6.15
CA GLU A 44 8.92 10.97 7.44
C GLU A 44 7.43 11.06 7.79
N LEU A 45 6.77 9.91 7.75
CA LEU A 45 5.35 9.82 8.03
C LEU A 45 5.08 9.17 9.41
N LYS A 46 4.16 9.76 10.18
CA LYS A 46 3.79 9.23 11.49
C LYS A 46 2.56 8.35 11.38
N ASP A 47 2.04 8.28 10.17
CA ASP A 47 0.93 7.41 9.87
C ASP A 47 1.53 6.14 9.28
N LYS A 48 2.87 6.15 9.18
CA LYS A 48 3.65 5.06 8.64
C LYS A 48 3.88 4.00 9.70
N SER A 49 3.87 4.39 10.96
CA SER A 49 4.03 3.45 12.03
C SER A 49 2.75 2.64 12.11
N LYS A 50 1.67 3.28 11.69
CA LYS A 50 0.35 2.65 11.68
C LYS A 50 0.02 2.06 10.31
N TRP A 51 0.61 2.61 9.26
CA TRP A 51 0.37 2.12 7.90
C TRP A 51 1.40 1.07 7.50
N GLU A 52 2.66 1.30 7.85
CA GLU A 52 3.70 0.34 7.54
C GLU A 52 3.36 -0.99 8.18
N ASP A 53 2.63 -0.91 9.28
CA ASP A 53 2.22 -2.10 9.99
C ASP A 53 1.18 -2.85 9.18
N ALA A 54 0.43 -2.15 8.35
CA ALA A 54 -0.54 -2.81 7.51
C ALA A 54 0.21 -3.74 6.57
N ALA A 55 1.35 -3.26 6.09
CA ALA A 55 2.21 -4.03 5.18
C ALA A 55 2.67 -5.33 5.82
N ALA A 56 3.11 -5.24 7.08
CA ALA A 56 3.59 -6.42 7.80
C ALA A 56 2.43 -7.26 8.34
N LYS A 57 1.27 -6.64 8.49
CA LYS A 57 0.10 -7.33 8.99
C LYS A 57 -0.66 -8.00 7.84
N ASP A 58 -0.78 -7.28 6.74
CA ASP A 58 -1.46 -7.81 5.57
C ASP A 58 -0.61 -8.89 4.95
N LYS A 59 0.70 -8.78 5.11
CA LYS A 59 1.61 -9.78 4.57
C LYS A 59 1.38 -11.09 5.29
N GLN A 60 0.97 -10.98 6.55
CA GLN A 60 0.74 -12.15 7.37
C GLN A 60 -0.71 -12.63 7.33
N ARG A 61 -1.63 -11.74 7.08
CA ARG A 61 -3.02 -12.12 7.00
C ARG A 61 -3.38 -12.56 5.59
N TYR A 62 -2.62 -12.04 4.65
CA TYR A 62 -2.83 -12.32 3.24
C TYR A 62 -2.16 -13.62 2.90
N HIS A 63 -0.92 -13.75 3.30
CA HIS A 63 -0.20 -14.95 3.03
C HIS A 63 -0.78 -16.10 3.88
N ASP A 64 -1.38 -15.77 5.02
CA ASP A 64 -1.93 -16.81 5.89
C ASP A 64 -3.24 -17.35 5.33
N GLU A 65 -3.77 -16.68 4.32
CA GLU A 65 -5.02 -17.12 3.72
C GLU A 65 -4.82 -17.33 2.24
N MET A 66 -4.11 -16.41 1.64
CA MET A 66 -3.81 -16.47 0.24
C MET A 66 -2.65 -17.43 -0.02
N ARG A 67 -1.58 -17.35 0.78
CA ARG A 67 -0.46 -18.28 0.63
C ARG A 67 -0.95 -19.66 1.08
N ASN A 68 -1.62 -19.63 2.24
CA ASN A 68 -2.16 -20.83 2.87
C ASN A 68 -3.50 -21.25 2.26
N TYR A 69 -3.80 -20.76 1.06
CA TYR A 69 -5.05 -21.09 0.38
C TYR A 69 -5.27 -22.60 0.32
N LYS A 70 -5.96 -23.14 1.30
CA LYS A 70 -6.23 -24.57 1.36
C LYS A 70 -4.93 -25.37 1.37
N PRO A 71 -4.50 -25.84 2.55
CA PRO A 71 -3.26 -26.62 2.68
C PRO A 71 -3.36 -28.00 2.01
N GLU A 72 -2.96 -28.05 0.74
CA GLU A 72 -3.01 -29.30 -0.02
C GLU A 72 -2.29 -29.15 -1.36
N ALA A 73 -2.74 -28.19 -2.15
CA ALA A 73 -2.15 -27.94 -3.46
C ALA A 73 -2.24 -29.17 -4.35
N SER A 1 -14.20 -15.39 -7.41
CA SER A 1 -14.14 -14.33 -6.42
C SER A 1 -12.74 -13.75 -6.33
N HIS A 2 -12.03 -13.74 -7.46
CA HIS A 2 -10.67 -13.22 -7.50
C HIS A 2 -9.74 -14.04 -6.62
N MET A 3 -8.70 -14.61 -7.22
CA MET A 3 -7.74 -15.40 -6.47
C MET A 3 -7.06 -14.58 -5.38
N PRO A 4 -6.69 -15.22 -4.26
CA PRO A 4 -6.02 -14.53 -3.14
C PRO A 4 -4.78 -13.76 -3.60
N LYS A 5 -4.44 -12.70 -2.87
CA LYS A 5 -3.28 -11.89 -3.19
C LYS A 5 -2.15 -12.20 -2.22
N ARG A 6 -1.35 -11.19 -1.85
CA ARG A 6 -0.25 -11.41 -0.93
C ARG A 6 0.10 -10.15 -0.13
N ALA A 7 -0.88 -9.25 0.05
CA ALA A 7 -0.69 -8.03 0.85
C ALA A 7 -0.03 -6.89 0.09
N THR A 8 -0.01 -5.73 0.77
CA THR A 8 0.52 -4.49 0.24
C THR A 8 1.72 -3.98 1.08
N THR A 9 2.74 -3.46 0.41
CA THR A 9 3.93 -2.94 1.10
C THR A 9 3.60 -1.68 1.87
N ALA A 10 4.38 -1.44 2.92
CA ALA A 10 4.21 -0.25 3.75
C ALA A 10 4.02 0.94 2.86
N PHE A 11 4.87 1.01 1.84
CA PHE A 11 4.84 2.10 0.87
C PHE A 11 3.60 2.06 0.02
N MET A 12 3.11 0.85 -0.24
CA MET A 12 1.95 0.68 -1.06
C MET A 12 0.69 0.95 -0.26
N LEU A 13 0.46 0.13 0.76
CA LEU A 13 -0.74 0.27 1.57
C LEU A 13 -0.95 1.70 2.05
N TRP A 14 0.13 2.45 2.26
CA TRP A 14 -0.01 3.83 2.70
C TRP A 14 -0.22 4.71 1.50
N LEU A 15 0.54 4.42 0.45
CA LEU A 15 0.41 5.18 -0.78
C LEU A 15 -0.97 4.94 -1.36
N ASN A 16 -1.61 3.90 -0.91
CA ASN A 16 -2.92 3.56 -1.37
C ASN A 16 -3.94 4.56 -0.83
N ASP A 17 -3.87 4.69 0.48
CA ASP A 17 -4.70 5.61 1.20
C ASP A 17 -4.26 7.03 0.97
N THR A 18 -2.99 7.21 0.68
CA THR A 18 -2.45 8.53 0.45
C THR A 18 -2.27 8.82 -1.03
N ARG A 19 -2.14 7.79 -1.87
CA ARG A 19 -1.99 8.04 -3.31
C ARG A 19 -3.17 8.84 -3.73
N GLU A 20 -4.29 8.53 -3.10
CA GLU A 20 -5.49 9.29 -3.37
C GLU A 20 -5.24 10.73 -2.93
N SER A 21 -4.58 10.83 -1.79
CA SER A 21 -4.26 12.12 -1.18
C SER A 21 -3.21 12.88 -1.98
N ILE A 22 -2.50 12.16 -2.84
CA ILE A 22 -1.44 12.75 -3.64
C ILE A 22 -1.98 13.39 -4.90
N LYS A 23 -2.88 12.69 -5.58
CA LYS A 23 -3.45 13.23 -6.79
C LYS A 23 -4.31 14.45 -6.48
N ARG A 24 -4.90 14.46 -5.29
CA ARG A 24 -5.71 15.59 -4.86
C ARG A 24 -4.77 16.76 -4.58
N GLU A 25 -3.71 16.44 -3.85
CA GLU A 25 -2.68 17.42 -3.52
C GLU A 25 -1.92 17.80 -4.79
N ASN A 26 -2.10 16.98 -5.82
CA ASN A 26 -1.46 17.20 -7.11
C ASN A 26 -2.42 16.80 -8.23
N PRO A 27 -3.44 17.63 -8.51
CA PRO A 27 -4.45 17.35 -9.54
C PRO A 27 -3.93 17.52 -10.97
N GLY A 28 -2.73 17.04 -11.23
CA GLY A 28 -2.16 17.15 -12.56
C GLY A 28 -0.92 16.31 -12.73
N ILE A 29 -0.76 15.29 -11.87
CA ILE A 29 0.39 14.43 -11.92
C ILE A 29 0.13 13.18 -12.75
N LYS A 30 0.81 12.11 -12.38
CA LYS A 30 0.71 10.86 -13.05
C LYS A 30 0.90 9.74 -12.04
N VAL A 31 0.26 8.64 -12.34
CA VAL A 31 0.31 7.44 -11.55
C VAL A 31 1.68 7.21 -10.89
N THR A 32 2.72 7.59 -11.63
CA THR A 32 4.10 7.40 -11.16
C THR A 32 4.60 8.55 -10.28
N GLU A 33 3.98 9.71 -10.39
CA GLU A 33 4.36 10.84 -9.56
C GLU A 33 3.87 10.60 -8.15
N ILE A 34 2.72 9.97 -8.04
CA ILE A 34 2.13 9.65 -6.76
C ILE A 34 3.06 8.76 -5.97
N ALA A 35 3.63 7.80 -6.68
CA ALA A 35 4.53 6.85 -6.08
C ALA A 35 5.85 7.49 -5.65
N LYS A 36 6.23 8.58 -6.30
CA LYS A 36 7.50 9.24 -5.97
C LYS A 36 7.31 10.34 -4.93
N LYS A 37 6.38 11.25 -5.20
CA LYS A 37 6.12 12.35 -4.28
C LYS A 37 5.49 11.84 -2.98
N GLY A 38 5.08 10.57 -2.98
CA GLY A 38 4.50 10.01 -1.80
C GLY A 38 5.58 9.48 -0.87
N GLY A 39 6.53 8.78 -1.44
CA GLY A 39 7.62 8.22 -0.67
C GLY A 39 8.34 9.29 0.13
N GLU A 40 8.60 10.43 -0.51
CA GLU A 40 9.26 11.52 0.18
C GLU A 40 8.52 11.88 1.47
N MET A 41 7.20 12.01 1.37
CA MET A 41 6.37 12.35 2.50
C MET A 41 6.20 11.15 3.43
N TRP A 42 6.09 9.98 2.82
CA TRP A 42 5.92 8.76 3.55
C TRP A 42 7.06 8.53 4.53
N LYS A 43 8.29 8.63 4.05
CA LYS A 43 9.47 8.45 4.91
C LYS A 43 9.46 9.42 6.08
N GLU A 44 8.73 10.53 5.94
CA GLU A 44 8.64 11.53 7.00
C GLU A 44 7.21 11.69 7.51
N LEU A 45 6.53 10.56 7.69
CA LEU A 45 5.15 10.59 8.17
C LEU A 45 4.94 9.59 9.33
N LYS A 46 4.15 9.99 10.33
CA LYS A 46 3.88 9.15 11.50
C LYS A 46 2.62 8.30 11.30
N ASP A 47 2.21 8.20 10.05
CA ASP A 47 1.09 7.38 9.68
C ASP A 47 1.63 6.09 9.10
N LYS A 48 2.94 6.09 8.81
CA LYS A 48 3.63 4.93 8.27
C LYS A 48 3.86 3.92 9.37
N SER A 49 3.91 4.39 10.61
CA SER A 49 4.07 3.48 11.73
C SER A 49 2.78 2.70 11.88
N LYS A 50 1.69 3.35 11.48
CA LYS A 50 0.37 2.73 11.55
C LYS A 50 -0.02 2.07 10.23
N TRP A 51 0.57 2.53 9.13
CA TRP A 51 0.27 1.97 7.82
C TRP A 51 1.29 0.92 7.41
N GLU A 52 2.56 1.18 7.70
CA GLU A 52 3.62 0.23 7.36
C GLU A 52 3.32 -1.10 8.04
N ASP A 53 2.68 -1.02 9.19
CA ASP A 53 2.34 -2.21 9.93
C ASP A 53 1.27 -3.00 9.20
N ALA A 54 0.45 -2.31 8.43
CA ALA A 54 -0.57 -2.99 7.66
C ALA A 54 0.12 -3.92 6.66
N ALA A 55 1.21 -3.41 6.08
CA ALA A 55 1.98 -4.17 5.09
C ALA A 55 2.53 -5.47 5.68
N ALA A 56 3.12 -5.37 6.86
CA ALA A 56 3.70 -6.54 7.53
C ALA A 56 2.60 -7.40 8.13
N LYS A 57 1.48 -6.78 8.44
CA LYS A 57 0.35 -7.50 9.02
C LYS A 57 -0.45 -8.15 7.91
N ASP A 58 -0.54 -7.44 6.78
CA ASP A 58 -1.26 -7.95 5.64
C ASP A 58 -0.44 -9.01 4.92
N LYS A 59 0.87 -8.85 4.92
CA LYS A 59 1.75 -9.81 4.28
C LYS A 59 1.58 -11.17 4.95
N GLN A 60 1.42 -11.12 6.25
CA GLN A 60 1.27 -12.30 7.06
C GLN A 60 -0.17 -12.79 7.01
N ARG A 61 -1.11 -11.88 7.16
CA ARG A 61 -2.51 -12.25 7.16
C ARG A 61 -2.98 -12.70 5.79
N TYR A 62 -2.26 -12.30 4.76
CA TYR A 62 -2.64 -12.66 3.40
C TYR A 62 -1.98 -13.95 3.01
N HIS A 63 -0.70 -14.04 3.25
CA HIS A 63 -0.01 -15.25 2.94
C HIS A 63 -0.56 -16.37 3.84
N ASP A 64 -1.17 -15.97 4.95
CA ASP A 64 -1.73 -16.93 5.88
C ASP A 64 -3.11 -17.40 5.45
N GLU A 65 -3.71 -16.71 4.48
CA GLU A 65 -5.02 -17.11 4.00
C GLU A 65 -4.93 -17.35 2.51
N MET A 66 -4.23 -16.46 1.86
CA MET A 66 -4.03 -16.51 0.43
C MET A 66 -2.96 -17.53 0.05
N ARG A 67 -1.81 -17.52 0.75
CA ARG A 67 -0.75 -18.47 0.46
C ARG A 67 -1.17 -19.86 0.90
N ASN A 68 -1.61 -19.93 2.15
CA ASN A 68 -2.03 -21.18 2.75
C ASN A 68 -2.93 -21.86 1.74
N TYR A 69 -4.02 -21.20 1.39
CA TYR A 69 -4.97 -21.74 0.46
C TYR A 69 -4.28 -22.50 -0.68
N LYS A 70 -3.11 -22.01 -1.10
CA LYS A 70 -2.36 -22.64 -2.17
C LYS A 70 -1.07 -21.86 -2.46
N PRO A 71 0.00 -22.56 -2.87
CA PRO A 71 1.28 -21.93 -3.18
C PRO A 71 1.22 -21.07 -4.44
N GLU A 72 0.36 -21.46 -5.38
CA GLU A 72 0.20 -20.73 -6.63
C GLU A 72 -1.00 -21.24 -7.41
N ALA A 73 -1.72 -20.32 -8.06
CA ALA A 73 -2.89 -20.68 -8.85
C ALA A 73 -2.57 -20.67 -10.34
N SER A 1 -13.78 -6.74 0.96
CA SER A 1 -14.12 -8.07 0.46
C SER A 1 -13.56 -8.28 -0.94
N HIS A 2 -12.44 -8.98 -1.02
CA HIS A 2 -11.80 -9.25 -2.30
C HIS A 2 -10.56 -10.13 -2.13
N MET A 3 -9.81 -10.32 -3.20
CA MET A 3 -8.61 -11.14 -3.16
C MET A 3 -7.61 -10.60 -2.13
N PRO A 4 -6.59 -11.39 -1.79
CA PRO A 4 -5.57 -11.01 -0.80
C PRO A 4 -4.38 -10.32 -1.46
N LYS A 5 -4.61 -9.71 -2.62
CA LYS A 5 -3.58 -8.99 -3.41
C LYS A 5 -2.20 -9.04 -2.76
N ARG A 6 -1.76 -10.25 -2.42
CA ARG A 6 -0.46 -10.47 -1.77
C ARG A 6 -0.13 -9.38 -0.75
N ALA A 7 -1.16 -8.75 -0.20
CA ALA A 7 -0.98 -7.71 0.81
C ALA A 7 -0.32 -6.47 0.23
N THR A 8 -0.51 -5.34 0.92
CA THR A 8 0.03 -4.05 0.52
C THR A 8 1.28 -3.68 1.28
N THR A 9 2.37 -3.39 0.57
CA THR A 9 3.61 -2.98 1.20
C THR A 9 3.37 -1.72 2.00
N ALA A 10 4.19 -1.51 3.01
CA ALA A 10 4.07 -0.32 3.85
C ALA A 10 3.83 0.88 2.96
N PHE A 11 4.60 0.93 1.88
CA PHE A 11 4.52 2.02 0.92
C PHE A 11 3.25 1.97 0.08
N MET A 12 2.77 0.76 -0.16
CA MET A 12 1.58 0.58 -0.96
C MET A 12 0.35 0.91 -0.13
N LEU A 13 0.14 0.15 0.94
CA LEU A 13 -1.01 0.34 1.78
C LEU A 13 -1.17 1.79 2.23
N TRP A 14 -0.06 2.50 2.37
CA TRP A 14 -0.13 3.90 2.78
C TRP A 14 -0.35 4.76 1.56
N LEU A 15 0.39 4.44 0.50
CA LEU A 15 0.25 5.17 -0.74
C LEU A 15 -1.14 4.94 -1.28
N ASN A 16 -1.81 3.93 -0.78
CA ASN A 16 -3.14 3.60 -1.20
C ASN A 16 -4.12 4.64 -0.67
N ASP A 17 -4.03 4.81 0.64
CA ASP A 17 -4.85 5.76 1.36
C ASP A 17 -4.40 7.17 1.10
N THR A 18 -3.11 7.33 0.81
CA THR A 18 -2.57 8.65 0.56
C THR A 18 -2.37 8.92 -0.92
N ARG A 19 -2.19 7.87 -1.74
CA ARG A 19 -2.04 8.09 -3.18
C ARG A 19 -3.24 8.83 -3.64
N GLU A 20 -4.36 8.52 -3.00
CA GLU A 20 -5.58 9.23 -3.32
C GLU A 20 -5.33 10.71 -2.99
N SER A 21 -4.68 10.90 -1.83
CA SER A 21 -4.37 12.22 -1.33
C SER A 21 -3.28 12.90 -2.16
N ILE A 22 -2.60 12.12 -2.98
CA ILE A 22 -1.52 12.64 -3.81
C ILE A 22 -2.03 13.20 -5.10
N LYS A 23 -2.96 12.50 -5.73
CA LYS A 23 -3.50 12.97 -6.98
C LYS A 23 -4.36 14.21 -6.74
N ARG A 24 -4.97 14.31 -5.57
CA ARG A 24 -5.77 15.47 -5.22
C ARG A 24 -4.82 16.64 -4.95
N GLU A 25 -3.74 16.32 -4.25
CA GLU A 25 -2.71 17.30 -3.92
C GLU A 25 -2.03 17.76 -5.21
N ASN A 26 -2.28 17.02 -6.29
CA ASN A 26 -1.74 17.35 -7.58
C ASN A 26 -2.60 16.73 -8.67
N PRO A 27 -3.78 17.34 -8.94
CA PRO A 27 -4.73 16.84 -9.95
C PRO A 27 -4.20 16.92 -11.38
N GLY A 28 -2.99 16.43 -11.59
CA GLY A 28 -2.40 16.47 -12.93
C GLY A 28 -1.12 15.67 -13.01
N ILE A 29 -0.82 14.88 -11.98
CA ILE A 29 0.40 14.09 -11.96
C ILE A 29 0.23 12.81 -12.76
N LYS A 30 0.93 11.78 -12.32
CA LYS A 30 0.92 10.51 -12.96
C LYS A 30 1.34 9.44 -11.99
N VAL A 31 0.89 8.26 -12.28
CA VAL A 31 1.19 7.07 -11.50
C VAL A 31 2.60 7.09 -10.89
N THR A 32 3.52 7.68 -11.63
CA THR A 32 4.92 7.73 -11.22
C THR A 32 5.22 8.87 -10.24
N GLU A 33 4.41 9.91 -10.26
CA GLU A 33 4.59 11.02 -9.33
C GLU A 33 3.87 10.72 -8.02
N ILE A 34 2.93 9.79 -8.09
CA ILE A 34 2.19 9.39 -6.91
C ILE A 34 3.06 8.52 -6.03
N ALA A 35 3.66 7.52 -6.66
CA ALA A 35 4.53 6.59 -5.95
C ALA A 35 5.85 7.24 -5.55
N LYS A 36 6.25 8.29 -6.27
CA LYS A 36 7.51 8.96 -5.97
C LYS A 36 7.32 10.13 -5.02
N LYS A 37 6.38 11.02 -5.35
CA LYS A 37 6.11 12.18 -4.52
C LYS A 37 5.46 11.76 -3.20
N GLY A 38 5.03 10.51 -3.12
CA GLY A 38 4.43 10.03 -1.91
C GLY A 38 5.50 9.49 -0.96
N GLY A 39 6.41 8.73 -1.51
CA GLY A 39 7.49 8.16 -0.71
C GLY A 39 8.21 9.22 0.08
N GLU A 40 8.50 10.34 -0.58
CA GLU A 40 9.18 11.45 0.07
C GLU A 40 8.44 11.88 1.33
N MET A 41 7.12 12.01 1.22
CA MET A 41 6.28 12.41 2.34
C MET A 41 6.11 11.25 3.31
N TRP A 42 6.04 10.05 2.75
CA TRP A 42 5.85 8.85 3.51
C TRP A 42 7.00 8.63 4.50
N LYS A 43 8.23 8.63 3.99
CA LYS A 43 9.40 8.43 4.84
C LYS A 43 9.40 9.40 6.03
N GLU A 44 8.72 10.52 5.89
CA GLU A 44 8.65 11.52 6.96
C GLU A 44 7.23 11.69 7.48
N LEU A 45 6.53 10.59 7.66
CA LEU A 45 5.15 10.63 8.15
C LEU A 45 4.96 9.67 9.33
N LYS A 46 4.18 10.11 10.32
CA LYS A 46 3.92 9.31 11.54
C LYS A 46 2.70 8.42 11.38
N ASP A 47 2.32 8.18 10.15
CA ASP A 47 1.20 7.31 9.83
C ASP A 47 1.75 6.01 9.26
N LYS A 48 3.04 6.03 8.91
CA LYS A 48 3.73 4.87 8.36
C LYS A 48 4.06 3.89 9.46
N SER A 49 4.24 4.39 10.68
CA SER A 49 4.50 3.50 11.80
C SER A 49 3.23 2.73 12.09
N LYS A 50 2.11 3.37 11.77
CA LYS A 50 0.80 2.77 11.97
C LYS A 50 0.26 2.16 10.67
N TRP A 51 0.91 2.49 9.55
CA TRP A 51 0.49 1.98 8.25
C TRP A 51 1.43 0.89 7.75
N GLU A 52 2.73 1.14 7.88
CA GLU A 52 3.73 0.17 7.44
C GLU A 52 3.47 -1.18 8.07
N ASP A 53 2.95 -1.16 9.28
CA ASP A 53 2.66 -2.39 9.99
C ASP A 53 1.51 -3.11 9.34
N ALA A 54 0.59 -2.36 8.77
CA ALA A 54 -0.53 -2.98 8.09
C ALA A 54 0.02 -3.89 7.00
N ALA A 55 1.01 -3.39 6.28
CA ALA A 55 1.64 -4.13 5.18
C ALA A 55 2.22 -5.45 5.67
N ALA A 56 3.01 -5.38 6.74
CA ALA A 56 3.61 -6.59 7.30
C ALA A 56 2.53 -7.48 7.89
N LYS A 57 1.41 -6.86 8.26
CA LYS A 57 0.29 -7.58 8.83
C LYS A 57 -0.55 -8.22 7.72
N ASP A 58 -0.69 -7.52 6.60
CA ASP A 58 -1.47 -8.03 5.49
C ASP A 58 -0.69 -9.08 4.72
N LYS A 59 0.62 -8.90 4.59
CA LYS A 59 1.44 -9.85 3.87
C LYS A 59 1.39 -11.19 4.60
N GLN A 60 1.38 -11.08 5.91
CA GLN A 60 1.33 -12.23 6.77
C GLN A 60 -0.06 -12.81 6.81
N ARG A 61 -1.05 -11.94 6.89
CA ARG A 61 -2.41 -12.42 6.94
C ARG A 61 -2.86 -12.96 5.59
N TYR A 62 -2.12 -12.63 4.54
CA TYR A 62 -2.46 -13.09 3.20
C TYR A 62 -1.85 -14.46 2.96
N HIS A 63 -0.56 -14.53 3.21
CA HIS A 63 0.17 -15.75 3.07
C HIS A 63 -0.24 -16.72 4.19
N ASP A 64 -0.93 -16.17 5.18
CA ASP A 64 -1.37 -16.96 6.32
C ASP A 64 -2.58 -17.78 5.94
N GLU A 65 -3.18 -17.51 4.78
CA GLU A 65 -4.36 -18.24 4.43
C GLU A 65 -4.72 -18.02 2.98
N MET A 66 -4.47 -16.82 2.47
CA MET A 66 -4.79 -16.50 1.12
C MET A 66 -3.53 -16.39 0.29
N ARG A 67 -2.42 -16.90 0.85
CA ARG A 67 -1.14 -16.88 0.15
C ARG A 67 -1.39 -17.11 -1.31
N ASN A 68 -2.09 -18.19 -1.57
CA ASN A 68 -2.42 -18.57 -2.93
C ASN A 68 -3.85 -18.19 -3.29
N TYR A 69 -4.77 -18.50 -2.38
CA TYR A 69 -6.18 -18.18 -2.60
C TYR A 69 -6.73 -18.93 -3.81
N LYS A 70 -8.01 -19.26 -3.77
CA LYS A 70 -8.66 -19.96 -4.86
C LYS A 70 -9.37 -18.99 -5.81
N PRO A 71 -9.38 -19.28 -7.12
CA PRO A 71 -10.02 -18.43 -8.11
C PRO A 71 -11.54 -18.49 -8.02
N GLU A 72 -12.09 -18.07 -6.88
CA GLU A 72 -13.53 -18.08 -6.68
C GLU A 72 -14.21 -17.04 -7.56
N ALA A 73 -13.52 -15.94 -7.83
CA ALA A 73 -14.05 -14.88 -8.66
C ALA A 73 -13.85 -15.17 -10.14
N SER A 1 -11.89 -17.50 -4.64
CA SER A 1 -11.66 -16.78 -5.88
C SER A 1 -10.57 -15.72 -5.71
N HIS A 2 -10.42 -14.87 -6.73
CA HIS A 2 -9.42 -13.81 -6.68
C HIS A 2 -9.66 -12.87 -5.50
N MET A 3 -8.62 -12.64 -4.72
CA MET A 3 -8.72 -11.77 -3.55
C MET A 3 -7.37 -11.67 -2.84
N PRO A 4 -6.84 -12.80 -2.35
CA PRO A 4 -5.55 -12.84 -1.65
C PRO A 4 -4.35 -12.79 -2.58
N LYS A 5 -4.35 -11.85 -3.52
CA LYS A 5 -3.26 -11.70 -4.47
C LYS A 5 -2.10 -10.96 -3.82
N ARG A 6 -1.78 -11.32 -2.58
CA ARG A 6 -0.72 -10.69 -1.82
C ARG A 6 -1.26 -9.42 -1.20
N ALA A 7 -0.67 -9.05 -0.08
CA ALA A 7 -1.13 -7.89 0.63
C ALA A 7 -0.48 -6.59 0.14
N THR A 8 -0.78 -5.52 0.86
CA THR A 8 -0.29 -4.19 0.50
C THR A 8 0.94 -3.79 1.30
N THR A 9 2.02 -3.43 0.60
CA THR A 9 3.25 -3.01 1.24
C THR A 9 3.04 -1.75 2.03
N ALA A 10 3.87 -1.55 3.05
CA ALA A 10 3.79 -0.37 3.86
C ALA A 10 3.61 0.85 2.97
N PHE A 11 4.39 0.87 1.89
CA PHE A 11 4.35 1.95 0.92
C PHE A 11 3.08 1.96 0.09
N MET A 12 2.57 0.77 -0.20
CA MET A 12 1.37 0.67 -1.01
C MET A 12 0.16 1.05 -0.19
N LEU A 13 -0.05 0.31 0.89
CA LEU A 13 -1.20 0.55 1.74
C LEU A 13 -1.28 2.01 2.19
N TRP A 14 -0.14 2.67 2.36
CA TRP A 14 -0.14 4.07 2.76
C TRP A 14 -0.37 4.93 1.55
N LEU A 15 0.34 4.59 0.48
CA LEU A 15 0.17 5.31 -0.76
C LEU A 15 -1.23 5.12 -1.27
N ASN A 16 -1.91 4.13 -0.73
CA ASN A 16 -3.27 3.85 -1.12
C ASN A 16 -4.20 4.90 -0.54
N ASP A 17 -4.07 5.05 0.76
CA ASP A 17 -4.83 6.01 1.51
C ASP A 17 -4.34 7.41 1.26
N THR A 18 -3.07 7.55 0.93
CA THR A 18 -2.49 8.85 0.68
C THR A 18 -2.33 9.13 -0.81
N ARG A 19 -2.19 8.10 -1.65
CA ARG A 19 -2.06 8.35 -3.09
C ARG A 19 -3.27 9.10 -3.52
N GLU A 20 -4.38 8.79 -2.86
CA GLU A 20 -5.59 9.54 -3.15
C GLU A 20 -5.30 11.00 -2.83
N SER A 21 -4.61 11.18 -1.70
CA SER A 21 -4.24 12.49 -1.22
C SER A 21 -3.17 13.15 -2.09
N ILE A 22 -2.50 12.33 -2.91
CA ILE A 22 -1.44 12.83 -3.78
C ILE A 22 -1.99 13.43 -5.05
N LYS A 23 -2.96 12.77 -5.64
CA LYS A 23 -3.52 13.27 -6.87
C LYS A 23 -4.35 14.52 -6.60
N ARG A 24 -4.93 14.60 -5.41
CA ARG A 24 -5.71 15.77 -5.02
C ARG A 24 -4.74 16.92 -4.75
N GLU A 25 -3.66 16.57 -4.06
CA GLU A 25 -2.61 17.51 -3.73
C GLU A 25 -1.91 17.95 -5.01
N ASN A 26 -2.17 17.22 -6.09
CA ASN A 26 -1.61 17.53 -7.39
C ASN A 26 -2.50 16.96 -8.48
N PRO A 27 -3.61 17.66 -8.81
CA PRO A 27 -4.56 17.22 -9.84
C PRO A 27 -4.03 17.34 -11.26
N GLY A 28 -2.79 16.90 -11.46
CA GLY A 28 -2.20 16.97 -12.78
C GLY A 28 -0.94 16.12 -12.89
N ILE A 29 -0.72 15.24 -11.91
CA ILE A 29 0.45 14.39 -11.91
C ILE A 29 0.20 13.13 -12.72
N LYS A 30 0.87 12.07 -12.32
CA LYS A 30 0.79 10.82 -12.97
C LYS A 30 1.19 9.71 -12.03
N VAL A 31 0.67 8.54 -12.31
CA VAL A 31 0.95 7.33 -11.54
C VAL A 31 2.38 7.29 -10.99
N THR A 32 3.29 7.84 -11.77
CA THR A 32 4.71 7.85 -11.42
C THR A 32 5.07 8.95 -10.42
N GLU A 33 4.31 10.03 -10.40
CA GLU A 33 4.56 11.11 -9.46
C GLU A 33 3.88 10.82 -8.13
N ILE A 34 2.91 9.93 -8.18
CA ILE A 34 2.19 9.53 -6.99
C ILE A 34 3.07 8.62 -6.15
N ALA A 35 3.61 7.61 -6.81
CA ALA A 35 4.47 6.65 -6.14
C ALA A 35 5.82 7.25 -5.78
N LYS A 36 6.23 8.29 -6.48
CA LYS A 36 7.52 8.92 -6.21
C LYS A 36 7.39 10.08 -5.23
N LYS A 37 6.47 11.00 -5.50
CA LYS A 37 6.27 12.14 -4.64
C LYS A 37 5.65 11.73 -3.31
N GLY A 38 5.18 10.49 -3.23
CA GLY A 38 4.61 10.03 -2.00
C GLY A 38 5.67 9.40 -1.11
N GLY A 39 6.54 8.61 -1.72
CA GLY A 39 7.60 7.96 -0.96
C GLY A 39 8.45 8.96 -0.22
N GLU A 40 8.75 10.07 -0.86
CA GLU A 40 9.56 11.11 -0.25
C GLU A 40 8.93 11.58 1.06
N MET A 41 7.63 11.84 1.01
CA MET A 41 6.87 12.29 2.16
C MET A 41 6.59 11.14 3.11
N TRP A 42 6.40 9.96 2.52
CA TRP A 42 6.13 8.77 3.28
C TRP A 42 7.29 8.40 4.20
N LYS A 43 8.49 8.27 3.64
CA LYS A 43 9.67 7.91 4.41
C LYS A 43 9.73 8.62 5.76
N GLU A 44 9.63 9.94 5.75
CA GLU A 44 9.69 10.74 6.99
C GLU A 44 8.30 11.04 7.55
N LEU A 45 7.34 10.14 7.29
CA LEU A 45 5.98 10.34 7.77
C LEU A 45 5.71 9.43 8.98
N LYS A 46 4.90 9.92 9.94
CA LYS A 46 4.59 9.16 11.15
C LYS A 46 3.31 8.37 11.03
N ASP A 47 2.87 8.21 9.79
CA ASP A 47 1.67 7.44 9.50
C ASP A 47 2.10 6.08 8.95
N LYS A 48 3.40 5.96 8.68
CA LYS A 48 3.98 4.73 8.15
C LYS A 48 4.28 3.75 9.27
N SER A 49 4.42 4.27 10.49
CA SER A 49 4.65 3.42 11.64
C SER A 49 3.34 2.74 11.99
N LYS A 50 2.25 3.46 11.75
CA LYS A 50 0.91 2.95 12.01
C LYS A 50 0.31 2.34 10.74
N TRP A 51 0.93 2.62 9.59
CA TRP A 51 0.46 2.08 8.31
C TRP A 51 1.21 0.80 7.96
N GLU A 52 2.51 0.81 8.18
CA GLU A 52 3.33 -0.37 7.89
C GLU A 52 2.69 -1.60 8.47
N ASP A 53 2.12 -1.45 9.65
CA ASP A 53 1.50 -2.56 10.31
C ASP A 53 0.42 -3.15 9.44
N ALA A 54 -0.28 -2.30 8.72
CA ALA A 54 -1.28 -2.80 7.80
C ALA A 54 -0.58 -3.75 6.83
N ALA A 55 0.57 -3.30 6.32
CA ALA A 55 1.34 -4.04 5.33
C ALA A 55 1.88 -5.37 5.87
N ALA A 56 2.66 -5.30 6.94
CA ALA A 56 3.24 -6.50 7.53
C ALA A 56 2.15 -7.42 8.09
N LYS A 57 1.02 -6.83 8.44
CA LYS A 57 -0.10 -7.57 9.01
C LYS A 57 -0.95 -8.22 7.91
N ASP A 58 -1.11 -7.54 6.79
CA ASP A 58 -1.92 -8.06 5.70
C ASP A 58 -1.15 -9.07 4.86
N LYS A 59 0.14 -8.84 4.67
CA LYS A 59 0.95 -9.77 3.89
C LYS A 59 1.08 -11.08 4.65
N GLN A 60 1.25 -10.93 5.95
CA GLN A 60 1.39 -12.06 6.83
C GLN A 60 0.07 -12.77 7.03
N ARG A 61 -1.01 -12.05 6.82
CA ARG A 61 -2.31 -12.66 6.96
C ARG A 61 -2.80 -13.21 5.63
N TYR A 62 -2.17 -12.77 4.54
CA TYR A 62 -2.54 -13.24 3.22
C TYR A 62 -1.82 -14.52 2.94
N HIS A 63 -0.53 -14.53 3.27
CA HIS A 63 0.28 -15.69 3.11
C HIS A 63 -0.09 -16.70 4.17
N ASP A 64 -0.56 -16.21 5.30
CA ASP A 64 -0.92 -17.06 6.39
C ASP A 64 -2.00 -18.03 6.01
N GLU A 65 -2.57 -17.89 4.81
CA GLU A 65 -3.62 -18.79 4.45
C GLU A 65 -3.91 -18.73 2.99
N MET A 66 -3.65 -17.58 2.39
CA MET A 66 -3.92 -17.39 1.01
C MET A 66 -2.66 -16.98 0.26
N ARG A 67 -1.48 -17.23 0.86
CA ARG A 67 -0.23 -16.86 0.19
C ARG A 67 -0.31 -17.27 -1.26
N ASN A 68 -0.74 -18.50 -1.46
CA ASN A 68 -0.82 -19.03 -2.83
C ASN A 68 -2.26 -19.30 -3.27
N TYR A 69 -3.22 -18.66 -2.61
CA TYR A 69 -4.62 -18.84 -2.96
C TYR A 69 -4.92 -18.30 -4.36
N LYS A 70 -4.19 -17.26 -4.75
CA LYS A 70 -4.37 -16.65 -6.06
C LYS A 70 -4.06 -17.65 -7.18
N PRO A 71 -4.74 -17.52 -8.33
CA PRO A 71 -4.53 -18.42 -9.47
C PRO A 71 -3.06 -18.51 -9.86
N GLU A 72 -2.36 -19.47 -9.28
CA GLU A 72 -0.95 -19.66 -9.57
C GLU A 72 -0.72 -20.95 -10.35
N ALA A 73 -1.69 -21.30 -11.19
CA ALA A 73 -1.60 -22.50 -12.00
C ALA A 73 -0.43 -22.44 -12.98
N SER A 1 -10.20 -8.86 -6.74
CA SER A 1 -11.23 -9.88 -6.57
C SER A 1 -11.08 -10.98 -7.62
N HIS A 2 -10.12 -11.86 -7.41
CA HIS A 2 -9.87 -12.96 -8.33
C HIS A 2 -8.73 -13.85 -7.84
N MET A 3 -7.70 -13.22 -7.27
CA MET A 3 -6.55 -13.95 -6.75
C MET A 3 -5.91 -13.20 -5.59
N PRO A 4 -5.21 -13.93 -4.69
CA PRO A 4 -4.55 -13.31 -3.54
C PRO A 4 -3.39 -12.40 -3.96
N LYS A 5 -3.14 -11.35 -3.19
CA LYS A 5 -2.06 -10.41 -3.50
C LYS A 5 -0.94 -10.51 -2.47
N ARG A 6 -1.03 -11.53 -1.63
CA ARG A 6 -0.05 -11.79 -0.57
C ARG A 6 0.33 -10.54 0.22
N ALA A 7 -0.57 -9.54 0.26
CA ALA A 7 -0.35 -8.31 1.04
C ALA A 7 0.24 -7.14 0.26
N THR A 8 0.22 -5.99 0.93
CA THR A 8 0.70 -4.72 0.40
C THR A 8 1.87 -4.17 1.22
N THR A 9 2.87 -3.60 0.56
CA THR A 9 4.03 -3.03 1.23
C THR A 9 3.65 -1.80 2.01
N ALA A 10 4.39 -1.54 3.08
CA ALA A 10 4.14 -0.38 3.90
C ALA A 10 3.93 0.82 3.00
N PHE A 11 4.81 0.93 2.00
CA PHE A 11 4.78 2.02 1.04
C PHE A 11 3.56 1.93 0.14
N MET A 12 3.16 0.71 -0.20
CA MET A 12 2.04 0.50 -1.07
C MET A 12 0.76 0.78 -0.34
N LEU A 13 0.55 0.06 0.76
CA LEU A 13 -0.67 0.21 1.53
C LEU A 13 -0.90 1.65 1.98
N TRP A 14 0.18 2.41 2.18
CA TRP A 14 0.03 3.80 2.58
C TRP A 14 -0.19 4.63 1.35
N LEU A 15 0.61 4.36 0.33
CA LEU A 15 0.49 5.06 -0.92
C LEU A 15 -0.88 4.78 -1.51
N ASN A 16 -1.50 3.72 -1.06
CA ASN A 16 -2.80 3.35 -1.53
C ASN A 16 -3.86 4.29 -0.97
N ASP A 17 -3.81 4.42 0.34
CA ASP A 17 -4.70 5.28 1.07
C ASP A 17 -4.29 6.73 0.94
N THR A 18 -3.02 6.99 0.73
CA THR A 18 -2.53 8.33 0.62
C THR A 18 -2.27 8.73 -0.82
N ARG A 19 -1.97 7.78 -1.71
CA ARG A 19 -1.74 8.14 -3.10
C ARG A 19 -3.01 8.76 -3.60
N GLU A 20 -4.12 8.27 -3.07
CA GLU A 20 -5.37 8.88 -3.42
C GLU A 20 -5.28 10.34 -2.96
N SER A 21 -4.75 10.49 -1.74
CA SER A 21 -4.56 11.79 -1.12
C SER A 21 -3.53 12.63 -1.87
N ILE A 22 -2.77 11.98 -2.74
CA ILE A 22 -1.72 12.65 -3.50
C ILE A 22 -2.26 13.30 -4.74
N LYS A 23 -3.16 12.62 -5.42
CA LYS A 23 -3.69 13.18 -6.63
C LYS A 23 -4.62 14.36 -6.33
N ARG A 24 -5.26 14.34 -5.18
CA ARG A 24 -6.13 15.45 -4.79
C ARG A 24 -5.29 16.70 -4.54
N GLU A 25 -4.21 16.50 -3.79
CA GLU A 25 -3.28 17.57 -3.47
C GLU A 25 -2.56 18.03 -4.73
N ASN A 26 -2.72 17.26 -5.81
CA ASN A 26 -2.13 17.61 -7.07
C ASN A 26 -2.94 17.02 -8.22
N PRO A 27 -4.14 17.58 -8.47
CA PRO A 27 -5.05 17.10 -9.53
C PRO A 27 -4.50 17.35 -10.93
N GLY A 28 -3.24 17.03 -11.14
CA GLY A 28 -2.62 17.22 -12.43
C GLY A 28 -1.31 16.48 -12.57
N ILE A 29 -1.05 15.54 -11.65
CA ILE A 29 0.18 14.78 -11.68
C ILE A 29 0.01 13.54 -12.54
N LYS A 30 0.76 12.51 -12.22
CA LYS A 30 0.74 11.27 -12.93
C LYS A 30 1.19 10.16 -12.01
N VAL A 31 0.73 8.98 -12.31
CA VAL A 31 1.07 7.77 -11.57
C VAL A 31 2.50 7.79 -11.03
N THR A 32 3.38 8.46 -11.78
CA THR A 32 4.80 8.54 -11.43
C THR A 32 5.09 9.60 -10.36
N GLU A 33 4.26 10.63 -10.28
CA GLU A 33 4.44 11.67 -9.28
C GLU A 33 3.76 11.26 -7.98
N ILE A 34 2.85 10.30 -8.11
CA ILE A 34 2.13 9.78 -6.96
C ILE A 34 3.05 8.87 -6.18
N ALA A 35 3.61 7.91 -6.89
CA ALA A 35 4.51 6.94 -6.31
C ALA A 35 5.83 7.58 -5.89
N LYS A 36 6.16 8.71 -6.50
CA LYS A 36 7.42 9.39 -6.20
C LYS A 36 7.24 10.46 -5.12
N LYS A 37 6.26 11.35 -5.32
CA LYS A 37 6.00 12.41 -4.38
C LYS A 37 5.40 11.88 -3.09
N GLY A 38 5.04 10.60 -3.08
CA GLY A 38 4.49 10.02 -1.89
C GLY A 38 5.59 9.47 -1.01
N GLY A 39 6.53 8.78 -1.63
CA GLY A 39 7.64 8.20 -0.90
C GLY A 39 8.43 9.24 -0.15
N GLU A 40 8.62 10.40 -0.75
CA GLU A 40 9.37 11.48 -0.12
C GLU A 40 8.71 11.88 1.20
N MET A 41 7.40 12.04 1.15
CA MET A 41 6.61 12.43 2.31
C MET A 41 6.41 11.25 3.24
N TRP A 42 6.26 10.07 2.65
CA TRP A 42 6.04 8.86 3.40
C TRP A 42 7.26 8.51 4.28
N LYS A 43 8.44 8.50 3.67
CA LYS A 43 9.67 8.16 4.38
C LYS A 43 9.81 8.87 5.73
N GLU A 44 9.15 10.02 5.89
CA GLU A 44 9.26 10.77 7.14
C GLU A 44 7.90 11.03 7.79
N LEU A 45 6.85 10.39 7.29
CA LEU A 45 5.52 10.60 7.85
C LEU A 45 5.30 9.67 9.05
N LYS A 46 4.44 10.09 10.00
CA LYS A 46 4.18 9.28 11.21
C LYS A 46 2.96 8.40 11.03
N ASP A 47 2.51 8.30 9.80
CA ASP A 47 1.38 7.46 9.47
C ASP A 47 1.91 6.16 8.86
N LYS A 48 3.21 6.14 8.56
CA LYS A 48 3.87 4.97 8.01
C LYS A 48 4.12 3.95 9.10
N SER A 49 4.10 4.42 10.34
CA SER A 49 4.26 3.53 11.48
C SER A 49 2.94 2.85 11.73
N LYS A 50 1.86 3.58 11.45
CA LYS A 50 0.52 3.06 11.62
C LYS A 50 0.04 2.34 10.35
N TRP A 51 0.62 2.70 9.21
CA TRP A 51 0.25 2.07 7.94
C TRP A 51 1.15 0.88 7.63
N GLU A 52 2.43 0.98 8.02
CA GLU A 52 3.36 -0.14 7.79
C GLU A 52 2.78 -1.40 8.36
N ASP A 53 2.19 -1.25 9.54
CA ASP A 53 1.61 -2.39 10.21
C ASP A 53 0.63 -3.09 9.32
N ALA A 54 -0.05 -2.34 8.47
CA ALA A 54 -0.96 -2.97 7.55
C ALA A 54 -0.15 -3.90 6.66
N ALA A 55 1.01 -3.39 6.22
CA ALA A 55 1.92 -4.11 5.33
C ALA A 55 2.56 -5.33 5.98
N ALA A 56 3.14 -5.14 7.17
CA ALA A 56 3.79 -6.24 7.88
C ALA A 56 2.73 -7.22 8.41
N LYS A 57 1.54 -6.70 8.65
CA LYS A 57 0.44 -7.50 9.16
C LYS A 57 -0.28 -8.20 8.01
N ASP A 58 -0.36 -7.52 6.87
CA ASP A 58 -1.02 -8.08 5.72
C ASP A 58 -0.15 -9.16 5.09
N LYS A 59 1.16 -8.99 5.19
CA LYS A 59 2.07 -9.97 4.63
C LYS A 59 1.85 -11.31 5.32
N GLN A 60 1.51 -11.22 6.59
CA GLN A 60 1.28 -12.37 7.42
C GLN A 60 -0.16 -12.86 7.31
N ARG A 61 -1.11 -11.94 7.40
CA ARG A 61 -2.52 -12.30 7.34
C ARG A 61 -2.93 -12.71 5.93
N TYR A 62 -2.17 -12.29 4.94
CA TYR A 62 -2.51 -12.61 3.56
C TYR A 62 -1.84 -13.91 3.18
N HIS A 63 -0.55 -13.99 3.42
CA HIS A 63 0.15 -15.21 3.13
C HIS A 63 -0.46 -16.32 4.01
N ASP A 64 -1.23 -15.90 5.02
CA ASP A 64 -1.87 -16.84 5.91
C ASP A 64 -3.20 -17.34 5.34
N GLU A 65 -3.72 -16.65 4.33
CA GLU A 65 -4.98 -17.05 3.73
C GLU A 65 -4.78 -17.17 2.24
N MET A 66 -4.17 -16.13 1.67
CA MET A 66 -3.85 -16.10 0.27
C MET A 66 -3.21 -17.42 -0.13
N ARG A 67 -2.22 -17.84 0.66
CA ARG A 67 -1.52 -19.11 0.41
C ARG A 67 -2.51 -20.29 0.34
N ASN A 68 -3.77 -20.00 0.66
CA ASN A 68 -4.84 -21.00 0.64
C ASN A 68 -5.95 -20.61 -0.32
N TYR A 69 -6.55 -19.45 -0.07
CA TYR A 69 -7.65 -18.94 -0.90
C TYR A 69 -7.45 -19.28 -2.38
N LYS A 70 -6.62 -18.50 -3.07
CA LYS A 70 -6.35 -18.72 -4.49
C LYS A 70 -7.64 -19.00 -5.27
N PRO A 71 -8.59 -18.04 -5.26
CA PRO A 71 -9.86 -18.18 -5.97
C PRO A 71 -9.68 -18.57 -7.43
N GLU A 72 -9.04 -17.70 -8.20
CA GLU A 72 -8.79 -17.96 -9.62
C GLU A 72 -7.54 -17.23 -10.09
N ALA A 73 -7.36 -17.18 -11.40
CA ALA A 73 -6.20 -16.51 -12.00
C ALA A 73 -6.30 -16.48 -13.52
N SER A 1 -4.05 -15.94 -12.74
CA SER A 1 -5.46 -15.91 -12.41
C SER A 1 -5.69 -15.17 -11.09
N HIS A 2 -5.36 -15.82 -9.98
CA HIS A 2 -5.53 -15.22 -8.66
C HIS A 2 -4.92 -16.11 -7.58
N MET A 3 -3.60 -16.04 -7.43
CA MET A 3 -2.90 -16.84 -6.44
C MET A 3 -2.56 -15.99 -5.20
N PRO A 4 -3.10 -16.35 -4.02
CA PRO A 4 -2.86 -15.61 -2.78
C PRO A 4 -1.37 -15.54 -2.42
N LYS A 5 -1.04 -15.59 -1.12
CA LYS A 5 0.35 -15.46 -0.67
C LYS A 5 0.91 -14.16 -1.21
N ARG A 6 0.38 -13.05 -0.68
CA ARG A 6 0.73 -11.73 -1.16
C ARG A 6 0.15 -10.62 -0.27
N ALA A 7 0.46 -9.36 -0.59
CA ALA A 7 -0.07 -8.21 0.16
C ALA A 7 0.51 -6.87 -0.34
N THR A 8 0.27 -5.81 0.42
CA THR A 8 0.72 -4.46 0.08
C THR A 8 1.92 -4.01 0.93
N THR A 9 2.93 -3.45 0.28
CA THR A 9 4.10 -2.94 0.96
C THR A 9 3.72 -1.71 1.74
N ALA A 10 4.44 -1.46 2.82
CA ALA A 10 4.17 -0.29 3.64
C ALA A 10 3.95 0.91 2.75
N PHE A 11 4.82 1.03 1.74
CA PHE A 11 4.78 2.12 0.78
C PHE A 11 3.58 2.02 -0.16
N MET A 12 3.10 0.81 -0.35
CA MET A 12 1.99 0.55 -1.24
C MET A 12 0.68 0.80 -0.52
N LEU A 13 0.38 -0.05 0.45
CA LEU A 13 -0.84 0.05 1.19
C LEU A 13 -1.13 1.48 1.62
N TRP A 14 -0.08 2.24 1.93
CA TRP A 14 -0.25 3.63 2.34
C TRP A 14 -0.39 4.50 1.12
N LEU A 15 0.47 4.26 0.14
CA LEU A 15 0.40 5.03 -1.08
C LEU A 15 -0.93 4.78 -1.75
N ASN A 16 -1.59 3.72 -1.35
CA ASN A 16 -2.86 3.36 -1.90
C ASN A 16 -3.94 4.32 -1.41
N ASP A 17 -3.98 4.40 -0.10
CA ASP A 17 -4.91 5.27 0.59
C ASP A 17 -4.47 6.70 0.47
N THR A 18 -3.19 6.93 0.25
CA THR A 18 -2.67 8.26 0.13
C THR A 18 -2.40 8.61 -1.32
N ARG A 19 -2.21 7.59 -2.17
CA ARG A 19 -1.99 7.86 -3.59
C ARG A 19 -3.13 8.70 -4.06
N GLU A 20 -4.28 8.36 -3.53
CA GLU A 20 -5.47 9.14 -3.85
C GLU A 20 -5.27 10.55 -3.30
N SER A 21 -4.68 10.60 -2.11
CA SER A 21 -4.44 11.85 -1.40
C SER A 21 -3.37 12.70 -2.08
N ILE A 22 -2.60 12.07 -2.95
CA ILE A 22 -1.52 12.74 -3.66
C ILE A 22 -2.02 13.41 -4.92
N LYS A 23 -2.83 12.69 -5.68
CA LYS A 23 -3.35 13.26 -6.91
C LYS A 23 -4.24 14.46 -6.59
N ARG A 24 -4.90 14.41 -5.44
CA ARG A 24 -5.74 15.53 -5.02
C ARG A 24 -4.83 16.68 -4.60
N GLU A 25 -3.75 16.30 -3.92
CA GLU A 25 -2.74 17.25 -3.47
C GLU A 25 -2.04 17.87 -4.68
N ASN A 26 -2.25 17.23 -5.83
CA ASN A 26 -1.68 17.70 -7.08
C ASN A 26 -2.52 17.18 -8.25
N PRO A 27 -3.66 17.83 -8.53
CA PRO A 27 -4.57 17.43 -9.60
C PRO A 27 -3.99 17.68 -10.99
N GLY A 28 -2.77 17.23 -11.21
CA GLY A 28 -2.13 17.41 -12.50
C GLY A 28 -0.83 16.64 -12.62
N ILE A 29 -0.57 15.73 -11.69
CA ILE A 29 0.64 14.95 -11.72
C ILE A 29 0.52 13.75 -12.65
N LYS A 30 1.21 12.69 -12.30
CA LYS A 30 1.22 11.48 -13.07
C LYS A 30 1.36 10.30 -12.14
N VAL A 31 0.77 9.21 -12.55
CA VAL A 31 0.80 7.95 -11.83
C VAL A 31 2.15 7.73 -11.13
N THR A 32 3.20 8.18 -11.78
CA THR A 32 4.56 8.00 -11.27
C THR A 32 4.96 9.08 -10.26
N GLU A 33 4.30 10.24 -10.31
CA GLU A 33 4.60 11.31 -9.38
C GLU A 33 4.05 10.95 -8.01
N ILE A 34 2.91 10.25 -8.02
CA ILE A 34 2.27 9.84 -6.79
C ILE A 34 3.21 8.95 -6.01
N ALA A 35 3.83 8.03 -6.74
CA ALA A 35 4.75 7.09 -6.15
C ALA A 35 6.01 7.74 -5.61
N LYS A 36 6.42 8.87 -6.20
CA LYS A 36 7.63 9.55 -5.77
C LYS A 36 7.35 10.58 -4.69
N LYS A 37 6.41 11.47 -4.94
CA LYS A 37 6.06 12.50 -3.98
C LYS A 37 5.36 11.91 -2.76
N GLY A 38 5.04 10.62 -2.83
CA GLY A 38 4.43 9.98 -1.71
C GLY A 38 5.47 9.47 -0.74
N GLY A 39 6.49 8.84 -1.29
CA GLY A 39 7.57 8.30 -0.48
C GLY A 39 8.22 9.37 0.36
N GLU A 40 8.41 10.56 -0.22
CA GLU A 40 9.02 11.66 0.52
C GLU A 40 8.22 11.95 1.78
N MET A 41 6.89 12.01 1.63
CA MET A 41 6.00 12.28 2.75
C MET A 41 5.85 11.05 3.63
N TRP A 42 5.80 9.89 3.00
CA TRP A 42 5.64 8.66 3.70
C TRP A 42 6.80 8.42 4.68
N LYS A 43 8.02 8.59 4.19
CA LYS A 43 9.22 8.41 5.02
C LYS A 43 9.02 9.01 6.41
N GLU A 44 8.56 10.26 6.46
CA GLU A 44 8.32 10.94 7.73
C GLU A 44 6.83 10.98 8.05
N LEU A 45 6.20 9.81 7.98
CA LEU A 45 4.77 9.68 8.25
C LEU A 45 4.53 9.06 9.63
N LYS A 46 3.67 9.71 10.44
CA LYS A 46 3.35 9.21 11.78
C LYS A 46 2.22 8.21 11.74
N ASP A 47 1.69 8.01 10.55
CA ASP A 47 0.65 7.02 10.34
C ASP A 47 1.32 5.79 9.74
N LYS A 48 2.63 5.92 9.50
CA LYS A 48 3.42 4.85 8.92
C LYS A 48 3.79 3.84 9.98
N SER A 49 3.87 4.28 11.22
CA SER A 49 4.14 3.36 12.31
C SER A 49 2.89 2.52 12.48
N LYS A 50 1.75 3.16 12.17
CA LYS A 50 0.44 2.51 12.26
C LYS A 50 -0.03 1.98 10.91
N TRP A 51 0.73 2.24 9.83
CA TRP A 51 0.36 1.78 8.50
C TRP A 51 1.40 0.84 7.91
N GLU A 52 2.67 1.14 8.15
CA GLU A 52 3.75 0.31 7.67
C GLU A 52 3.55 -1.12 8.15
N ASP A 53 2.86 -1.24 9.27
CA ASP A 53 2.58 -2.53 9.84
C ASP A 53 1.46 -3.23 9.10
N ALA A 54 0.59 -2.44 8.47
CA ALA A 54 -0.47 -3.03 7.70
C ALA A 54 0.14 -3.87 6.59
N ALA A 55 1.18 -3.31 5.98
CA ALA A 55 1.90 -3.94 4.87
C ALA A 55 2.65 -5.21 5.27
N ALA A 56 3.39 -5.15 6.38
CA ALA A 56 4.13 -6.32 6.84
C ALA A 56 3.18 -7.33 7.46
N LYS A 57 2.16 -6.82 8.12
CA LYS A 57 1.16 -7.65 8.78
C LYS A 57 0.25 -8.30 7.75
N ASP A 58 -0.04 -7.58 6.67
CA ASP A 58 -0.93 -8.08 5.63
C ASP A 58 -0.20 -9.09 4.75
N LYS A 59 1.10 -8.91 4.57
CA LYS A 59 1.86 -9.85 3.77
C LYS A 59 1.91 -11.20 4.48
N GLN A 60 1.79 -11.13 5.80
CA GLN A 60 1.81 -12.30 6.64
C GLN A 60 0.41 -12.86 6.79
N ARG A 61 -0.53 -12.01 7.19
CA ARG A 61 -1.91 -12.44 7.40
C ARG A 61 -2.59 -12.80 6.08
N TYR A 62 -2.01 -12.34 4.98
CA TYR A 62 -2.58 -12.60 3.66
C TYR A 62 -2.02 -13.89 3.13
N HIS A 63 -0.71 -14.00 3.17
CA HIS A 63 -0.05 -15.20 2.72
C HIS A 63 -0.28 -16.31 3.73
N ASP A 64 -0.79 -15.94 4.91
CA ASP A 64 -1.03 -16.91 5.98
C ASP A 64 -2.48 -17.39 5.98
N GLU A 65 -3.36 -16.65 5.32
CA GLU A 65 -4.76 -17.02 5.29
C GLU A 65 -5.26 -17.10 3.86
N MET A 66 -4.86 -16.13 3.04
CA MET A 66 -5.30 -16.11 1.67
C MET A 66 -4.58 -17.17 0.87
N ARG A 67 -3.28 -17.38 1.17
CA ARG A 67 -2.51 -18.40 0.47
C ARG A 67 -3.31 -19.73 0.46
N ASN A 68 -4.14 -19.86 1.51
CA ASN A 68 -4.98 -21.03 1.72
C ASN A 68 -6.48 -20.70 1.71
N TYR A 69 -6.84 -19.54 1.18
CA TYR A 69 -8.25 -19.12 1.12
C TYR A 69 -9.13 -20.25 0.61
N LYS A 70 -10.34 -20.35 1.16
CA LYS A 70 -11.28 -21.39 0.75
C LYS A 70 -11.58 -21.31 -0.74
N PRO A 71 -11.08 -22.28 -1.53
CA PRO A 71 -11.29 -22.31 -2.98
C PRO A 71 -12.77 -22.36 -3.35
N GLU A 72 -13.42 -21.19 -3.36
CA GLU A 72 -14.83 -21.10 -3.69
C GLU A 72 -15.66 -22.00 -2.78
N ALA A 73 -15.95 -21.52 -1.58
CA ALA A 73 -16.74 -22.28 -0.62
C ALA A 73 -18.17 -22.45 -1.09
N SER A 1 -11.57 -8.07 -7.51
CA SER A 1 -12.39 -9.16 -8.02
C SER A 1 -12.39 -10.33 -7.04
N HIS A 2 -12.39 -10.02 -5.75
CA HIS A 2 -12.39 -11.05 -4.71
C HIS A 2 -11.16 -11.93 -4.82
N MET A 3 -10.13 -11.59 -4.04
CA MET A 3 -8.89 -12.36 -4.04
C MET A 3 -7.92 -11.82 -2.99
N PRO A 4 -7.07 -12.69 -2.43
CA PRO A 4 -6.09 -12.30 -1.41
C PRO A 4 -4.78 -11.81 -2.01
N LYS A 5 -4.86 -11.17 -3.19
CA LYS A 5 -3.66 -10.64 -3.88
C LYS A 5 -2.40 -11.05 -3.15
N ARG A 6 -2.01 -10.23 -2.22
CA ARG A 6 -0.85 -10.49 -1.38
C ARG A 6 -0.57 -9.32 -0.44
N ALA A 7 -1.61 -8.61 -0.02
CA ALA A 7 -1.46 -7.50 0.90
C ALA A 7 -0.72 -6.33 0.26
N THR A 8 -0.72 -5.19 0.95
CA THR A 8 -0.10 -3.96 0.46
C THR A 8 1.17 -3.61 1.22
N THR A 9 2.23 -3.28 0.51
CA THR A 9 3.48 -2.89 1.14
C THR A 9 3.26 -1.63 1.94
N ALA A 10 4.07 -1.43 2.97
CA ALA A 10 3.95 -0.25 3.79
C ALA A 10 3.76 0.96 2.92
N PHE A 11 4.55 1.00 1.85
CA PHE A 11 4.51 2.10 0.89
C PHE A 11 3.24 2.10 0.05
N MET A 12 2.72 0.91 -0.21
CA MET A 12 1.54 0.79 -1.02
C MET A 12 0.30 1.11 -0.21
N LEU A 13 0.05 0.31 0.82
CA LEU A 13 -1.12 0.50 1.64
C LEU A 13 -1.32 1.94 2.08
N TRP A 14 -0.23 2.67 2.29
CA TRP A 14 -0.33 4.06 2.70
C TRP A 14 -0.51 4.92 1.48
N LEU A 15 0.24 4.59 0.44
CA LEU A 15 0.14 5.31 -0.81
C LEU A 15 -1.23 5.06 -1.40
N ASN A 16 -1.91 4.06 -0.90
CA ASN A 16 -3.22 3.71 -1.37
C ASN A 16 -4.22 4.75 -0.88
N ASP A 17 -4.19 4.93 0.43
CA ASP A 17 -5.01 5.89 1.10
C ASP A 17 -4.55 7.29 0.80
N THR A 18 -3.26 7.45 0.53
CA THR A 18 -2.71 8.74 0.24
C THR A 18 -2.48 8.96 -1.24
N ARG A 19 -2.35 7.89 -2.04
CA ARG A 19 -2.17 8.07 -3.48
C ARG A 19 -3.33 8.88 -3.96
N GLU A 20 -4.45 8.64 -3.32
CA GLU A 20 -5.64 9.40 -3.65
C GLU A 20 -5.36 10.87 -3.27
N SER A 21 -4.70 11.02 -2.13
CA SER A 21 -4.36 12.32 -1.59
C SER A 21 -3.29 13.01 -2.41
N ILE A 22 -2.60 12.23 -3.24
CA ILE A 22 -1.52 12.75 -4.05
C ILE A 22 -2.02 13.33 -5.36
N LYS A 23 -2.93 12.61 -6.01
CA LYS A 23 -3.46 13.09 -7.26
C LYS A 23 -4.31 14.33 -7.04
N ARG A 24 -4.93 14.42 -5.87
CA ARG A 24 -5.75 15.58 -5.52
C ARG A 24 -4.81 16.74 -5.21
N GLU A 25 -3.77 16.42 -4.44
CA GLU A 25 -2.75 17.39 -4.07
C GLU A 25 -1.98 17.80 -5.32
N ASN A 26 -2.16 17.03 -6.39
CA ASN A 26 -1.53 17.30 -7.67
C ASN A 26 -2.37 16.71 -8.79
N PRO A 27 -3.52 17.36 -9.10
CA PRO A 27 -4.44 16.91 -10.15
C PRO A 27 -3.87 17.00 -11.55
N GLY A 28 -2.63 16.54 -11.72
CA GLY A 28 -1.99 16.56 -13.01
C GLY A 28 -0.72 15.74 -13.07
N ILE A 29 -0.53 14.86 -12.06
CA ILE A 29 0.64 14.02 -12.02
C ILE A 29 0.43 12.73 -12.79
N LYS A 30 1.11 11.70 -12.35
CA LYS A 30 1.03 10.41 -12.95
C LYS A 30 1.30 9.33 -11.93
N VAL A 31 0.72 8.19 -12.17
CA VAL A 31 0.87 7.02 -11.33
C VAL A 31 2.26 6.92 -10.70
N THR A 32 3.26 7.35 -11.46
CA THR A 32 4.65 7.29 -11.02
C THR A 32 5.05 8.44 -10.09
N GLU A 33 4.35 9.56 -10.19
CA GLU A 33 4.64 10.69 -9.32
C GLU A 33 4.03 10.46 -7.95
N ILE A 34 2.90 9.77 -7.94
CA ILE A 34 2.22 9.46 -6.70
C ILE A 34 3.09 8.58 -5.84
N ALA A 35 3.72 7.62 -6.49
CA ALA A 35 4.58 6.68 -5.81
C ALA A 35 5.91 7.30 -5.41
N LYS A 36 6.32 8.37 -6.08
CA LYS A 36 7.60 9.00 -5.78
C LYS A 36 7.45 10.14 -4.78
N LYS A 37 6.53 11.06 -5.06
CA LYS A 37 6.31 12.18 -4.16
C LYS A 37 5.64 11.73 -2.87
N GLY A 38 5.06 10.55 -2.91
CA GLY A 38 4.43 10.03 -1.73
C GLY A 38 5.48 9.50 -0.79
N GLY A 39 6.49 8.88 -1.36
CA GLY A 39 7.57 8.30 -0.60
C GLY A 39 8.30 9.33 0.24
N GLU A 40 8.61 10.46 -0.36
CA GLU A 40 9.31 11.52 0.37
C GLU A 40 8.56 11.90 1.64
N MET A 41 7.25 12.03 1.49
CA MET A 41 6.37 12.40 2.59
C MET A 41 6.09 11.19 3.47
N TRP A 42 5.96 10.03 2.83
CA TRP A 42 5.70 8.80 3.55
C TRP A 42 6.82 8.50 4.55
N LYS A 43 8.06 8.49 4.06
CA LYS A 43 9.20 8.22 4.93
C LYS A 43 9.25 9.18 6.11
N GLU A 44 8.72 10.39 5.92
CA GLU A 44 8.71 11.41 6.96
C GLU A 44 7.31 11.59 7.54
N LEU A 45 6.57 10.50 7.66
CA LEU A 45 5.22 10.54 8.19
C LEU A 45 5.08 9.60 9.39
N LYS A 46 4.38 10.06 10.44
CA LYS A 46 4.19 9.27 11.66
C LYS A 46 2.96 8.39 11.59
N ASP A 47 2.50 8.14 10.38
CA ASP A 47 1.37 7.26 10.14
C ASP A 47 1.86 5.96 9.53
N LYS A 48 3.14 5.96 9.13
CA LYS A 48 3.76 4.80 8.52
C LYS A 48 4.21 3.82 9.59
N SER A 49 4.48 4.31 10.78
CA SER A 49 4.86 3.42 11.87
C SER A 49 3.63 2.63 12.27
N LYS A 50 2.48 3.27 12.09
CA LYS A 50 1.19 2.67 12.41
C LYS A 50 0.51 2.11 11.17
N TRP A 51 1.09 2.36 10.00
CA TRP A 51 0.53 1.86 8.74
C TRP A 51 1.44 0.83 8.10
N GLU A 52 2.73 1.11 8.10
CA GLU A 52 3.71 0.19 7.54
C GLU A 52 3.49 -1.21 8.05
N ASP A 53 3.03 -1.28 9.29
CA ASP A 53 2.77 -2.56 9.93
C ASP A 53 1.56 -3.22 9.30
N ALA A 54 0.63 -2.42 8.81
CA ALA A 54 -0.54 -2.99 8.17
C ALA A 54 -0.07 -3.84 7.00
N ALA A 55 0.88 -3.30 6.25
CA ALA A 55 1.44 -3.97 5.07
C ALA A 55 2.05 -5.33 5.41
N ALA A 56 2.96 -5.35 6.38
CA ALA A 56 3.61 -6.59 6.78
C ALA A 56 2.62 -7.52 7.47
N LYS A 57 1.70 -6.92 8.21
CA LYS A 57 0.69 -7.67 8.94
C LYS A 57 -0.31 -8.29 7.98
N ASP A 58 -0.60 -7.59 6.88
CA ASP A 58 -1.55 -8.09 5.90
C ASP A 58 -0.90 -9.05 4.93
N LYS A 59 0.38 -8.83 4.60
CA LYS A 59 1.08 -9.71 3.67
C LYS A 59 1.30 -11.06 4.33
N GLN A 60 1.61 -11.01 5.60
CA GLN A 60 1.85 -12.20 6.39
C GLN A 60 0.52 -12.87 6.74
N ARG A 61 -0.54 -12.09 6.80
CA ARG A 61 -1.85 -12.64 7.13
C ARG A 61 -2.61 -13.06 5.88
N TYR A 62 -2.14 -12.60 4.74
CA TYR A 62 -2.79 -12.95 3.47
C TYR A 62 -2.19 -14.24 2.98
N HIS A 63 -0.89 -14.30 3.09
CA HIS A 63 -0.14 -15.45 2.68
C HIS A 63 -0.34 -16.55 3.73
N ASP A 64 -0.64 -16.14 4.95
CA ASP A 64 -0.81 -17.08 6.04
C ASP A 64 -2.04 -17.93 5.85
N GLU A 65 -2.84 -17.67 4.83
CA GLU A 65 -4.02 -18.46 4.67
C GLU A 65 -4.59 -18.30 3.29
N MET A 66 -4.47 -17.11 2.77
CA MET A 66 -4.97 -16.82 1.45
C MET A 66 -3.80 -16.65 0.51
N ARG A 67 -2.63 -17.16 0.93
CA ARG A 67 -1.43 -17.08 0.12
C ARG A 67 -1.79 -17.34 -1.31
N ASN A 68 -2.46 -18.47 -1.51
CA ASN A 68 -2.85 -18.88 -2.85
C ASN A 68 -4.37 -19.04 -2.98
N TYR A 69 -5.13 -18.43 -2.08
CA TYR A 69 -6.59 -18.52 -2.13
C TYR A 69 -7.15 -17.71 -3.29
N LYS A 70 -8.25 -18.17 -3.87
CA LYS A 70 -8.88 -17.49 -4.98
C LYS A 70 -9.94 -16.50 -4.49
N PRO A 71 -10.89 -16.97 -3.64
CA PRO A 71 -11.95 -16.11 -3.10
C PRO A 71 -11.40 -14.87 -2.42
N GLU A 72 -12.29 -13.99 -1.98
CA GLU A 72 -11.90 -12.76 -1.30
C GLU A 72 -11.42 -13.04 0.12
N ALA A 73 -12.10 -13.98 0.79
CA ALA A 73 -11.74 -14.34 2.15
C ALA A 73 -11.65 -15.85 2.31
N SER A 1 -11.91 -15.36 2.40
CA SER A 1 -11.59 -15.63 0.99
C SER A 1 -12.33 -14.68 0.07
N HIS A 2 -11.59 -13.74 -0.53
CA HIS A 2 -12.18 -12.77 -1.44
C HIS A 2 -11.19 -12.36 -2.52
N MET A 3 -10.14 -11.66 -2.13
CA MET A 3 -9.12 -11.21 -3.06
C MET A 3 -7.84 -10.81 -2.33
N PRO A 4 -7.03 -11.79 -1.92
CA PRO A 4 -5.77 -11.54 -1.21
C PRO A 4 -4.64 -11.14 -2.15
N LYS A 5 -4.51 -9.84 -2.41
CA LYS A 5 -3.47 -9.34 -3.29
C LYS A 5 -2.10 -9.41 -2.61
N ARG A 6 -1.82 -10.56 -2.00
CA ARG A 6 -0.56 -10.79 -1.30
C ARG A 6 -0.20 -9.62 -0.38
N ALA A 7 -1.19 -8.83 0.02
CA ALA A 7 -0.96 -7.70 0.89
C ALA A 7 -0.18 -6.57 0.21
N THR A 8 0.00 -5.47 0.94
CA THR A 8 0.68 -4.30 0.41
C THR A 8 1.89 -3.91 1.25
N THR A 9 2.94 -3.42 0.59
CA THR A 9 4.13 -2.98 1.29
C THR A 9 3.78 -1.74 2.09
N ALA A 10 4.53 -1.49 3.16
CA ALA A 10 4.27 -0.33 3.98
C ALA A 10 4.02 0.89 3.11
N PHE A 11 4.81 0.96 2.04
CA PHE A 11 4.74 2.07 1.09
C PHE A 11 3.59 1.95 0.09
N MET A 12 3.24 0.72 -0.24
CA MET A 12 2.20 0.47 -1.23
C MET A 12 0.82 0.31 -0.60
N LEU A 13 0.73 0.30 0.72
CA LEU A 13 -0.58 0.24 1.36
C LEU A 13 -0.97 1.65 1.78
N TRP A 14 0.04 2.45 2.11
CA TRP A 14 -0.16 3.82 2.54
C TRP A 14 -0.30 4.67 1.31
N LEU A 15 0.55 4.41 0.32
CA LEU A 15 0.47 5.15 -0.91
C LEU A 15 -0.87 4.88 -1.53
N ASN A 16 -1.49 3.79 -1.14
CA ASN A 16 -2.78 3.41 -1.63
C ASN A 16 -3.84 4.37 -1.09
N ASP A 17 -3.79 4.49 0.23
CA ASP A 17 -4.67 5.37 0.95
C ASP A 17 -4.26 6.82 0.77
N THR A 18 -2.99 7.02 0.45
CA THR A 18 -2.47 8.34 0.24
C THR A 18 -2.30 8.61 -1.24
N ARG A 19 -2.20 7.56 -2.06
CA ARG A 19 -2.06 7.74 -3.50
C ARG A 19 -3.20 8.58 -3.95
N GLU A 20 -4.32 8.34 -3.30
CA GLU A 20 -5.50 9.13 -3.59
C GLU A 20 -5.24 10.57 -3.14
N SER A 21 -4.56 10.69 -2.00
CA SER A 21 -4.25 11.98 -1.40
C SER A 21 -3.18 12.75 -2.18
N ILE A 22 -2.40 12.01 -2.95
CA ILE A 22 -1.31 12.59 -3.72
C ILE A 22 -1.84 13.23 -4.98
N LYS A 23 -2.79 12.57 -5.61
CA LYS A 23 -3.38 13.12 -6.82
C LYS A 23 -4.23 14.33 -6.47
N ARG A 24 -4.78 14.33 -5.25
CA ARG A 24 -5.60 15.44 -4.77
C ARG A 24 -4.67 16.59 -4.38
N GLU A 25 -3.63 16.23 -3.63
CA GLU A 25 -2.63 17.19 -3.20
C GLU A 25 -1.89 17.71 -4.42
N ASN A 26 -2.09 17.02 -5.55
CA ASN A 26 -1.48 17.39 -6.80
C ASN A 26 -2.38 16.93 -7.94
N PRO A 27 -3.44 17.69 -8.25
CA PRO A 27 -4.40 17.36 -9.30
C PRO A 27 -3.86 17.56 -10.71
N GLY A 28 -2.58 17.23 -10.90
CA GLY A 28 -1.96 17.38 -12.19
C GLY A 28 -0.74 16.49 -12.35
N ILE A 29 -0.63 15.47 -11.50
CA ILE A 29 0.49 14.56 -11.55
C ILE A 29 0.17 13.34 -12.39
N LYS A 30 0.83 12.25 -12.07
CA LYS A 30 0.66 11.02 -12.76
C LYS A 30 1.04 9.87 -11.85
N VAL A 31 0.45 8.73 -12.14
CA VAL A 31 0.68 7.50 -11.41
C VAL A 31 2.11 7.39 -10.89
N THR A 32 3.05 7.87 -11.69
CA THR A 32 4.47 7.81 -11.36
C THR A 32 4.89 8.88 -10.35
N GLU A 33 4.18 9.99 -10.30
CA GLU A 33 4.48 11.03 -9.34
C GLU A 33 3.81 10.69 -8.01
N ILE A 34 2.83 9.79 -8.08
CA ILE A 34 2.13 9.38 -6.89
C ILE A 34 3.07 8.55 -6.03
N ALA A 35 3.81 7.68 -6.70
CA ALA A 35 4.76 6.81 -6.03
C ALA A 35 6.00 7.58 -5.59
N LYS A 36 6.32 8.67 -6.28
CA LYS A 36 7.49 9.46 -5.95
C LYS A 36 7.17 10.52 -4.91
N LYS A 37 6.20 11.38 -5.22
CA LYS A 37 5.79 12.45 -4.33
C LYS A 37 5.27 11.92 -3.01
N GLY A 38 4.80 10.69 -3.00
CA GLY A 38 4.30 10.14 -1.78
C GLY A 38 5.42 9.70 -0.88
N GLY A 39 6.36 8.99 -1.47
CA GLY A 39 7.51 8.49 -0.73
C GLY A 39 8.18 9.56 0.10
N GLU A 40 8.36 10.74 -0.48
CA GLU A 40 9.01 11.85 0.23
C GLU A 40 8.26 12.17 1.53
N MET A 41 6.93 12.24 1.44
CA MET A 41 6.11 12.55 2.60
C MET A 41 6.04 11.35 3.53
N TRP A 42 5.94 10.18 2.94
CA TRP A 42 5.84 8.95 3.69
C TRP A 42 7.06 8.73 4.57
N LYS A 43 8.25 8.80 3.98
CA LYS A 43 9.49 8.59 4.72
C LYS A 43 9.52 9.38 6.03
N GLU A 44 8.79 10.48 6.10
CA GLU A 44 8.77 11.30 7.32
C GLU A 44 7.33 11.52 7.82
N LEU A 45 6.49 10.51 7.69
CA LEU A 45 5.10 10.61 8.14
C LEU A 45 4.84 9.66 9.31
N LYS A 46 3.98 10.10 10.26
CA LYS A 46 3.67 9.29 11.44
C LYS A 46 2.44 8.42 11.23
N ASP A 47 2.06 8.27 9.98
CA ASP A 47 0.94 7.42 9.61
C ASP A 47 1.49 6.09 9.10
N LYS A 48 2.80 6.07 8.86
CA LYS A 48 3.49 4.90 8.37
C LYS A 48 3.79 3.93 9.52
N SER A 49 3.89 4.46 10.72
CA SER A 49 4.13 3.59 11.87
C SER A 49 2.88 2.76 12.09
N LYS A 50 1.75 3.36 11.71
CA LYS A 50 0.45 2.72 11.83
C LYS A 50 0.04 2.03 10.53
N TRP A 51 0.66 2.44 9.42
CA TRP A 51 0.35 1.85 8.12
C TRP A 51 1.38 0.78 7.72
N GLU A 52 2.65 1.07 7.97
CA GLU A 52 3.72 0.13 7.64
C GLU A 52 3.41 -1.25 8.19
N ASP A 53 2.85 -1.28 9.38
CA ASP A 53 2.51 -2.53 10.03
C ASP A 53 1.40 -3.22 9.27
N ALA A 54 0.51 -2.47 8.67
CA ALA A 54 -0.56 -3.06 7.89
C ALA A 54 0.06 -3.96 6.83
N ALA A 55 1.11 -3.46 6.18
CA ALA A 55 1.80 -4.18 5.12
C ALA A 55 2.35 -5.51 5.59
N ALA A 56 3.13 -5.50 6.67
CA ALA A 56 3.73 -6.71 7.21
C ALA A 56 2.68 -7.62 7.86
N LYS A 57 1.62 -7.01 8.35
CA LYS A 57 0.54 -7.73 8.99
C LYS A 57 -0.35 -8.36 7.94
N ASP A 58 -0.53 -7.65 6.83
CA ASP A 58 -1.37 -8.11 5.75
C ASP A 58 -0.63 -9.13 4.89
N LYS A 59 0.68 -8.94 4.72
CA LYS A 59 1.46 -9.87 3.92
C LYS A 59 1.45 -11.22 4.58
N GLN A 60 1.54 -11.19 5.90
CA GLN A 60 1.55 -12.37 6.70
C GLN A 60 0.15 -12.92 6.87
N ARG A 61 -0.81 -12.05 7.09
CA ARG A 61 -2.17 -12.50 7.26
C ARG A 61 -2.77 -12.96 5.94
N TYR A 62 -2.13 -12.60 4.84
CA TYR A 62 -2.61 -12.96 3.52
C TYR A 62 -2.03 -14.30 3.13
N HIS A 63 -0.73 -14.42 3.28
CA HIS A 63 -0.03 -15.64 3.00
C HIS A 63 -0.36 -16.66 4.09
N ASP A 64 -0.95 -16.17 5.16
CA ASP A 64 -1.29 -17.02 6.29
C ASP A 64 -2.54 -17.81 6.01
N GLU A 65 -3.25 -17.47 4.94
CA GLU A 65 -4.48 -18.17 4.67
C GLU A 65 -4.98 -17.88 3.29
N MET A 66 -4.76 -16.66 2.83
CA MET A 66 -5.21 -16.27 1.52
C MET A 66 -4.03 -16.16 0.59
N ARG A 67 -2.91 -16.75 1.01
CA ARG A 67 -1.69 -16.73 0.23
C ARG A 67 -2.05 -16.89 -1.20
N ASN A 68 -2.77 -17.95 -1.46
CA ASN A 68 -3.18 -18.29 -2.81
C ASN A 68 -4.70 -18.33 -2.98
N TYR A 69 -5.43 -17.66 -2.11
CA TYR A 69 -6.89 -17.64 -2.19
C TYR A 69 -7.36 -16.67 -3.27
N LYS A 70 -6.98 -16.94 -4.51
CA LYS A 70 -7.36 -16.09 -5.64
C LYS A 70 -8.70 -16.53 -6.22
N PRO A 71 -9.53 -15.58 -6.68
CA PRO A 71 -10.84 -15.88 -7.26
C PRO A 71 -10.72 -16.48 -8.66
N GLU A 72 -10.70 -17.81 -8.72
CA GLU A 72 -10.59 -18.51 -10.00
C GLU A 72 -10.99 -19.98 -9.85
N ALA A 73 -11.66 -20.51 -10.86
CA ALA A 73 -12.10 -21.90 -10.85
C ALA A 73 -10.94 -22.85 -11.13
N SER A 1 -7.25 -7.96 -11.04
CA SER A 1 -7.93 -8.52 -9.88
C SER A 1 -8.34 -9.97 -10.13
N HIS A 2 -7.63 -10.89 -9.47
CA HIS A 2 -7.91 -12.31 -9.63
C HIS A 2 -7.51 -13.09 -8.38
N MET A 3 -6.28 -12.86 -7.91
CA MET A 3 -5.77 -13.53 -6.73
C MET A 3 -5.16 -12.53 -5.76
N PRO A 4 -4.90 -12.95 -4.51
CA PRO A 4 -4.30 -12.08 -3.49
C PRO A 4 -2.90 -11.63 -3.87
N LYS A 5 -2.60 -10.35 -3.60
CA LYS A 5 -1.29 -9.78 -3.92
C LYS A 5 -0.29 -10.04 -2.81
N ARG A 6 -0.56 -11.06 -2.00
CA ARG A 6 0.32 -11.42 -0.89
C ARG A 6 0.62 -10.23 0.02
N ALA A 7 -0.35 -9.32 0.14
CA ALA A 7 -0.22 -8.13 1.01
C ALA A 7 0.37 -6.92 0.30
N THR A 8 0.32 -5.79 1.02
CA THR A 8 0.81 -4.50 0.52
C THR A 8 1.97 -3.99 1.38
N THR A 9 3.00 -3.44 0.73
CA THR A 9 4.16 -2.89 1.42
C THR A 9 3.76 -1.67 2.21
N ALA A 10 4.52 -1.39 3.27
CA ALA A 10 4.24 -0.23 4.08
C ALA A 10 4.02 0.96 3.16
N PHE A 11 4.90 1.07 2.18
CA PHE A 11 4.86 2.15 1.20
C PHE A 11 3.65 2.06 0.28
N MET A 12 3.29 0.85 -0.09
CA MET A 12 2.18 0.64 -0.99
C MET A 12 0.88 0.90 -0.28
N LEU A 13 0.67 0.20 0.83
CA LEU A 13 -0.55 0.36 1.57
C LEU A 13 -0.78 1.81 1.97
N TRP A 14 0.29 2.55 2.22
CA TRP A 14 0.16 3.96 2.58
C TRP A 14 -0.09 4.76 1.33
N LEU A 15 0.69 4.47 0.32
CA LEU A 15 0.53 5.15 -0.94
C LEU A 15 -0.83 4.84 -1.52
N ASN A 16 -1.45 3.79 -1.02
CA ASN A 16 -2.74 3.38 -1.49
C ASN A 16 -3.83 4.31 -0.96
N ASP A 17 -3.78 4.47 0.35
CA ASP A 17 -4.71 5.33 1.05
C ASP A 17 -4.29 6.78 0.94
N THR A 18 -3.02 7.01 0.67
CA THR A 18 -2.54 8.37 0.55
C THR A 18 -2.34 8.73 -0.91
N ARG A 19 -2.07 7.74 -1.77
CA ARG A 19 -1.90 8.03 -3.19
C ARG A 19 -3.15 8.72 -3.65
N GLU A 20 -4.26 8.27 -3.08
CA GLU A 20 -5.52 8.92 -3.39
C GLU A 20 -5.40 10.37 -2.94
N SER A 21 -4.80 10.52 -1.76
CA SER A 21 -4.62 11.83 -1.14
C SER A 21 -3.59 12.69 -1.88
N ILE A 22 -2.78 12.04 -2.69
CA ILE A 22 -1.73 12.72 -3.44
C ILE A 22 -2.27 13.32 -4.72
N LYS A 23 -3.10 12.58 -5.42
CA LYS A 23 -3.65 13.08 -6.66
C LYS A 23 -4.60 14.23 -6.39
N ARG A 24 -5.26 14.21 -5.23
CA ARG A 24 -6.16 15.30 -4.86
C ARG A 24 -5.30 16.54 -4.59
N GLU A 25 -4.18 16.30 -3.91
CA GLU A 25 -3.22 17.33 -3.58
C GLU A 25 -2.51 17.79 -4.85
N ASN A 26 -2.65 17.01 -5.91
CA ASN A 26 -2.05 17.32 -7.19
C ASN A 26 -2.88 16.73 -8.31
N PRO A 27 -4.04 17.35 -8.62
CA PRO A 27 -4.96 16.88 -9.67
C PRO A 27 -4.43 17.13 -11.07
N GLY A 28 -3.15 16.81 -11.28
CA GLY A 28 -2.55 16.99 -12.58
C GLY A 28 -1.24 16.24 -12.72
N ILE A 29 -0.99 15.29 -11.82
CA ILE A 29 0.22 14.52 -11.85
C ILE A 29 0.03 13.25 -12.67
N LYS A 30 0.78 12.22 -12.33
CA LYS A 30 0.72 10.95 -13.02
C LYS A 30 0.92 9.82 -12.03
N VAL A 31 0.26 8.74 -12.32
CA VAL A 31 0.30 7.52 -11.54
C VAL A 31 1.67 7.29 -10.88
N THR A 32 2.71 7.65 -11.61
CA THR A 32 4.09 7.46 -11.14
C THR A 32 4.61 8.61 -10.29
N GLU A 33 3.98 9.77 -10.41
CA GLU A 33 4.38 10.92 -9.60
C GLU A 33 3.92 10.71 -8.18
N ILE A 34 2.77 10.07 -8.03
CA ILE A 34 2.18 9.81 -6.75
C ILE A 34 3.11 8.91 -5.96
N ALA A 35 3.64 7.92 -6.66
CA ALA A 35 4.53 6.95 -6.06
C ALA A 35 5.89 7.54 -5.73
N LYS A 36 6.26 8.62 -6.40
CA LYS A 36 7.56 9.24 -6.19
C LYS A 36 7.49 10.36 -5.16
N LYS A 37 6.61 11.33 -5.39
CA LYS A 37 6.46 12.45 -4.48
C LYS A 37 5.68 12.04 -3.24
N GLY A 38 5.19 10.80 -3.24
CA GLY A 38 4.51 10.31 -2.08
C GLY A 38 5.52 9.72 -1.13
N GLY A 39 6.48 9.05 -1.73
CA GLY A 39 7.54 8.42 -0.98
C GLY A 39 8.34 9.42 -0.18
N GLU A 40 8.56 10.59 -0.77
CA GLU A 40 9.32 11.63 -0.08
C GLU A 40 8.65 12.00 1.24
N MET A 41 7.32 12.10 1.21
CA MET A 41 6.55 12.44 2.40
C MET A 41 6.39 11.23 3.30
N TRP A 42 6.26 10.08 2.68
CA TRP A 42 6.08 8.83 3.38
C TRP A 42 7.30 8.49 4.23
N LYS A 43 8.49 8.50 3.63
CA LYS A 43 9.71 8.20 4.34
C LYS A 43 9.85 9.07 5.60
N GLU A 44 9.61 10.37 5.46
CA GLU A 44 9.72 11.29 6.58
C GLU A 44 8.40 11.39 7.36
N LEU A 45 7.40 10.61 6.94
CA LEU A 45 6.11 10.61 7.59
C LEU A 45 6.16 9.71 8.85
N LYS A 46 5.56 10.17 9.95
CA LYS A 46 5.58 9.41 11.21
C LYS A 46 4.34 8.54 11.35
N ASP A 47 3.62 8.40 10.25
CA ASP A 47 2.47 7.54 10.22
C ASP A 47 2.81 6.35 9.37
N LYS A 48 4.11 6.21 9.10
CA LYS A 48 4.60 5.09 8.35
C LYS A 48 4.48 3.90 9.25
N SER A 49 5.14 3.98 10.40
CA SER A 49 5.09 2.90 11.36
C SER A 49 3.66 2.64 11.75
N LYS A 50 2.88 3.70 11.86
CA LYS A 50 1.47 3.57 12.23
C LYS A 50 0.69 2.87 11.12
N TRP A 51 1.26 2.85 9.91
CA TRP A 51 0.64 2.22 8.75
C TRP A 51 1.41 0.98 8.32
N GLU A 52 2.72 1.01 8.54
CA GLU A 52 3.58 -0.11 8.19
C GLU A 52 3.00 -1.38 8.73
N ASP A 53 2.29 -1.27 9.84
CA ASP A 53 1.69 -2.43 10.45
C ASP A 53 0.66 -3.03 9.54
N ALA A 54 0.03 -2.19 8.74
CA ALA A 54 -0.93 -2.69 7.78
C ALA A 54 -0.16 -3.63 6.85
N ALA A 55 1.00 -3.13 6.42
CA ALA A 55 1.88 -3.85 5.49
C ALA A 55 2.43 -5.15 6.09
N ALA A 56 2.98 -5.07 7.30
CA ALA A 56 3.55 -6.25 7.95
C ALA A 56 2.45 -7.20 8.41
N LYS A 57 1.25 -6.66 8.59
CA LYS A 57 0.12 -7.46 9.03
C LYS A 57 -0.59 -8.08 7.83
N ASP A 58 -0.69 -7.32 6.75
CA ASP A 58 -1.33 -7.83 5.54
C ASP A 58 -0.52 -8.98 4.98
N LYS A 59 0.80 -8.88 5.15
CA LYS A 59 1.69 -9.94 4.68
C LYS A 59 1.32 -11.26 5.36
N GLN A 60 0.73 -11.10 6.54
CA GLN A 60 0.32 -12.22 7.35
C GLN A 60 -1.09 -12.68 6.96
N ARG A 61 -1.99 -11.74 6.81
CA ARG A 61 -3.36 -12.08 6.45
C ARG A 61 -3.47 -12.56 5.01
N TYR A 62 -2.46 -12.25 4.22
CA TYR A 62 -2.44 -12.66 2.83
C TYR A 62 -1.82 -14.02 2.71
N HIS A 63 -0.63 -14.14 3.27
CA HIS A 63 0.03 -15.40 3.26
C HIS A 63 -0.78 -16.39 4.10
N ASP A 64 -1.71 -15.88 4.91
CA ASP A 64 -2.53 -16.76 5.73
C ASP A 64 -3.67 -17.37 4.92
N GLU A 65 -3.99 -16.77 3.79
CA GLU A 65 -5.07 -17.26 2.96
C GLU A 65 -4.56 -17.49 1.56
N MET A 66 -3.83 -16.51 1.06
CA MET A 66 -3.25 -16.60 -0.25
C MET A 66 -2.22 -17.73 -0.30
N ARG A 67 -1.33 -17.81 0.70
CA ARG A 67 -0.30 -18.86 0.72
C ARG A 67 -0.95 -20.27 0.77
N ASN A 68 -2.17 -20.33 0.26
CA ASN A 68 -2.95 -21.57 0.16
C ASN A 68 -4.04 -21.44 -0.89
N TYR A 69 -4.89 -20.43 -0.73
CA TYR A 69 -6.00 -20.18 -1.65
C TYR A 69 -6.77 -21.46 -1.99
N LYS A 70 -6.73 -22.42 -1.07
CA LYS A 70 -7.42 -23.69 -1.27
C LYS A 70 -8.93 -23.52 -1.13
N PRO A 71 -9.39 -22.89 -0.04
CA PRO A 71 -10.83 -22.68 0.20
C PRO A 71 -11.40 -21.57 -0.69
N GLU A 72 -12.72 -21.39 -0.61
CA GLU A 72 -13.39 -20.37 -1.41
C GLU A 72 -14.33 -19.54 -0.54
N ALA A 73 -13.77 -18.59 0.20
CA ALA A 73 -14.57 -17.73 1.07
C ALA A 73 -15.22 -16.60 0.28
N SER A 1 -1.97 -18.45 -10.63
CA SER A 1 -0.84 -17.95 -9.86
C SER A 1 -1.28 -17.42 -8.50
N HIS A 2 -0.36 -16.77 -7.80
CA HIS A 2 -0.65 -16.22 -6.48
C HIS A 2 -1.73 -15.14 -6.57
N MET A 3 -2.98 -15.56 -6.60
CA MET A 3 -4.10 -14.63 -6.69
C MET A 3 -4.43 -14.04 -5.31
N PRO A 4 -4.65 -14.90 -4.30
CA PRO A 4 -4.98 -14.45 -2.95
C PRO A 4 -4.10 -13.29 -2.48
N LYS A 5 -4.64 -12.07 -2.62
CA LYS A 5 -3.96 -10.82 -2.22
C LYS A 5 -2.68 -11.10 -1.45
N ARG A 6 -1.56 -10.93 -2.12
CA ARG A 6 -0.26 -11.17 -1.53
C ARG A 6 0.26 -9.95 -0.75
N ALA A 7 -0.66 -9.27 -0.06
CA ALA A 7 -0.31 -8.13 0.77
C ALA A 7 0.29 -6.95 0.00
N THR A 8 0.26 -5.79 0.67
CA THR A 8 0.76 -4.53 0.13
C THR A 8 1.92 -3.99 0.97
N THR A 9 2.92 -3.41 0.31
CA THR A 9 4.08 -2.85 1.01
C THR A 9 3.69 -1.62 1.81
N ALA A 10 4.44 -1.38 2.88
CA ALA A 10 4.19 -0.22 3.72
C ALA A 10 3.99 0.98 2.84
N PHE A 11 4.86 1.10 1.84
CA PHE A 11 4.82 2.20 0.89
C PHE A 11 3.62 2.12 -0.02
N MET A 12 3.19 0.91 -0.30
CA MET A 12 2.07 0.70 -1.20
C MET A 12 0.77 0.94 -0.46
N LEU A 13 0.52 0.12 0.55
CA LEU A 13 -0.70 0.23 1.31
C LEU A 13 -0.96 1.66 1.79
N TRP A 14 0.11 2.40 2.06
CA TRP A 14 -0.04 3.78 2.52
C TRP A 14 -0.23 4.67 1.31
N LEU A 15 0.60 4.43 0.30
CA LEU A 15 0.50 5.19 -0.91
C LEU A 15 -0.85 4.95 -1.53
N ASN A 16 -1.50 3.89 -1.12
CA ASN A 16 -2.80 3.55 -1.63
C ASN A 16 -3.85 4.50 -1.08
N ASP A 17 -3.81 4.59 0.25
CA ASP A 17 -4.69 5.46 0.98
C ASP A 17 -4.27 6.90 0.83
N THR A 18 -2.98 7.11 0.55
CA THR A 18 -2.46 8.43 0.39
C THR A 18 -2.27 8.76 -1.09
N ARG A 19 -2.14 7.74 -1.94
CA ARG A 19 -1.99 7.98 -3.37
C ARG A 19 -3.13 8.84 -3.78
N GLU A 20 -4.26 8.52 -3.18
CA GLU A 20 -5.46 9.31 -3.44
C GLU A 20 -5.22 10.74 -2.92
N SER A 21 -4.55 10.79 -1.78
CA SER A 21 -4.24 12.06 -1.11
C SER A 21 -3.19 12.88 -1.86
N ILE A 22 -2.47 12.22 -2.75
CA ILE A 22 -1.42 12.84 -3.51
C ILE A 22 -1.96 13.50 -4.75
N LYS A 23 -2.83 12.79 -5.46
CA LYS A 23 -3.40 13.33 -6.67
C LYS A 23 -4.25 14.55 -6.34
N ARG A 24 -4.85 14.55 -5.16
CA ARG A 24 -5.65 15.69 -4.71
C ARG A 24 -4.71 16.83 -4.38
N GLU A 25 -3.58 16.47 -3.77
CA GLU A 25 -2.55 17.42 -3.40
C GLU A 25 -1.89 17.95 -4.67
N ASN A 26 -2.15 17.26 -5.79
CA ASN A 26 -1.62 17.65 -7.07
C ASN A 26 -2.54 17.14 -8.18
N PRO A 27 -3.68 17.82 -8.40
CA PRO A 27 -4.67 17.42 -9.41
C PRO A 27 -4.18 17.62 -10.84
N GLY A 28 -2.99 17.12 -11.12
CA GLY A 28 -2.43 17.26 -12.46
C GLY A 28 -1.15 16.46 -12.64
N ILE A 29 -0.87 15.55 -11.72
CA ILE A 29 0.33 14.75 -11.78
C ILE A 29 0.12 13.52 -12.67
N LYS A 30 0.81 12.45 -12.32
CA LYS A 30 0.74 11.22 -13.04
C LYS A 30 0.94 10.06 -12.08
N VAL A 31 0.32 8.98 -12.43
CA VAL A 31 0.38 7.73 -11.68
C VAL A 31 1.75 7.50 -11.03
N THR A 32 2.79 7.92 -11.73
CA THR A 32 4.16 7.73 -11.26
C THR A 32 4.63 8.85 -10.34
N GLU A 33 3.99 10.01 -10.43
CA GLU A 33 4.34 11.12 -9.55
C GLU A 33 3.87 10.82 -8.15
N ILE A 34 2.73 10.16 -8.06
CA ILE A 34 2.14 9.81 -6.79
C ILE A 34 3.10 8.92 -6.03
N ALA A 35 3.68 7.98 -6.76
CA ALA A 35 4.61 7.04 -6.19
C ALA A 35 5.90 7.70 -5.72
N LYS A 36 6.29 8.80 -6.35
CA LYS A 36 7.53 9.48 -5.98
C LYS A 36 7.29 10.56 -4.91
N LYS A 37 6.33 11.44 -5.17
CA LYS A 37 6.02 12.51 -4.24
C LYS A 37 5.38 11.96 -2.96
N GLY A 38 5.05 10.67 -2.96
CA GLY A 38 4.48 10.09 -1.78
C GLY A 38 5.56 9.58 -0.86
N GLY A 39 6.53 8.90 -1.45
CA GLY A 39 7.63 8.37 -0.69
C GLY A 39 8.35 9.45 0.10
N GLU A 40 8.49 10.62 -0.49
CA GLU A 40 9.15 11.73 0.18
C GLU A 40 8.43 12.06 1.49
N MET A 41 7.10 12.17 1.42
CA MET A 41 6.28 12.47 2.57
C MET A 41 6.19 11.28 3.51
N TRP A 42 6.11 10.11 2.90
CA TRP A 42 5.97 8.88 3.63
C TRP A 42 7.19 8.61 4.53
N LYS A 43 8.38 8.67 3.95
CA LYS A 43 9.62 8.42 4.67
C LYS A 43 9.63 9.02 6.08
N GLU A 44 8.91 10.13 6.29
CA GLU A 44 8.89 10.78 7.61
C GLU A 44 7.47 11.07 8.09
N LEU A 45 6.48 10.41 7.50
CA LEU A 45 5.09 10.63 7.89
C LEU A 45 4.72 9.74 9.09
N LYS A 46 3.74 10.18 9.89
CA LYS A 46 3.32 9.43 11.09
C LYS A 46 2.14 8.51 10.82
N ASP A 47 1.79 8.39 9.55
CA ASP A 47 0.72 7.51 9.14
C ASP A 47 1.34 6.19 8.68
N LYS A 48 2.67 6.17 8.62
CA LYS A 48 3.42 4.99 8.22
C LYS A 48 3.66 4.07 9.40
N SER A 49 3.61 4.61 10.61
CA SER A 49 3.78 3.78 11.79
C SER A 49 2.54 2.90 11.90
N LYS A 50 1.42 3.49 11.47
CA LYS A 50 0.13 2.81 11.49
C LYS A 50 -0.17 2.14 10.15
N TRP A 51 0.52 2.55 9.09
CA TRP A 51 0.31 1.97 7.76
C TRP A 51 1.37 0.92 7.45
N GLU A 52 2.60 1.18 7.87
CA GLU A 52 3.69 0.25 7.64
C GLU A 52 3.34 -1.11 8.22
N ASP A 53 2.57 -1.09 9.30
CA ASP A 53 2.17 -2.32 9.94
C ASP A 53 1.16 -3.06 9.12
N ALA A 54 0.39 -2.34 8.32
CA ALA A 54 -0.58 -2.99 7.45
C ALA A 54 0.16 -3.88 6.48
N ALA A 55 1.28 -3.38 5.99
CA ALA A 55 2.12 -4.10 5.02
C ALA A 55 2.66 -5.41 5.60
N ALA A 56 3.18 -5.33 6.82
CA ALA A 56 3.74 -6.51 7.48
C ALA A 56 2.63 -7.41 8.00
N LYS A 57 1.50 -6.81 8.31
CA LYS A 57 0.36 -7.56 8.83
C LYS A 57 -0.37 -8.24 7.67
N ASP A 58 -0.43 -7.57 6.53
CA ASP A 58 -1.10 -8.12 5.37
C ASP A 58 -0.27 -9.23 4.74
N LYS A 59 1.06 -9.13 4.89
CA LYS A 59 1.95 -10.15 4.35
C LYS A 59 1.75 -11.46 5.09
N GLN A 60 1.41 -11.34 6.37
CA GLN A 60 1.18 -12.47 7.23
C GLN A 60 -0.27 -12.92 7.09
N ARG A 61 -1.18 -11.98 7.18
CA ARG A 61 -2.59 -12.29 7.06
C ARG A 61 -2.90 -12.83 5.67
N TYR A 62 -2.01 -12.56 4.73
CA TYR A 62 -2.21 -13.04 3.37
C TYR A 62 -1.76 -14.47 3.28
N HIS A 63 -0.51 -14.66 3.63
CA HIS A 63 0.11 -15.95 3.59
C HIS A 63 -0.52 -16.89 4.59
N ASP A 64 -1.33 -16.36 5.49
CA ASP A 64 -1.96 -17.19 6.49
C ASP A 64 -3.22 -17.82 5.95
N GLU A 65 -3.76 -17.26 4.88
CA GLU A 65 -4.99 -17.77 4.31
C GLU A 65 -4.96 -17.66 2.81
N MET A 66 -4.45 -16.55 2.30
CA MET A 66 -4.38 -16.34 0.89
C MET A 66 -3.43 -17.34 0.25
N ARG A 67 -2.22 -17.43 0.80
CA ARG A 67 -1.25 -18.39 0.28
C ARG A 67 -1.81 -19.81 0.53
N ASN A 68 -2.41 -19.93 1.71
CA ASN A 68 -3.01 -21.15 2.19
C ASN A 68 -4.09 -21.56 1.23
N TYR A 69 -5.22 -20.89 1.31
CA TYR A 69 -6.33 -21.19 0.45
C TYR A 69 -6.47 -20.16 -0.66
N LYS A 70 -6.87 -20.63 -1.85
CA LYS A 70 -7.05 -19.76 -3.00
C LYS A 70 -8.37 -20.07 -3.70
N PRO A 71 -9.18 -19.03 -4.01
CA PRO A 71 -10.47 -19.21 -4.68
C PRO A 71 -10.31 -19.75 -6.10
N GLU A 72 -11.17 -20.68 -6.48
CA GLU A 72 -11.13 -21.27 -7.81
C GLU A 72 -9.80 -22.00 -8.04
N ALA A 73 -9.25 -22.55 -6.96
CA ALA A 73 -7.98 -23.27 -7.05
C ALA A 73 -6.86 -22.37 -7.56
N SER A 1 -14.84 -14.04 -3.44
CA SER A 1 -14.50 -12.87 -4.24
C SER A 1 -13.34 -13.17 -5.18
N HIS A 2 -13.65 -13.82 -6.30
CA HIS A 2 -12.65 -14.18 -7.29
C HIS A 2 -11.62 -15.16 -6.70
N MET A 3 -10.68 -14.63 -5.93
CA MET A 3 -9.64 -15.45 -5.32
C MET A 3 -8.73 -14.61 -4.43
N PRO A 4 -8.39 -15.10 -3.23
CA PRO A 4 -7.51 -14.38 -2.30
C PRO A 4 -6.26 -13.84 -2.98
N LYS A 5 -6.03 -12.54 -2.83
CA LYS A 5 -4.86 -11.88 -3.40
C LYS A 5 -3.68 -11.97 -2.43
N ARG A 6 -3.03 -10.85 -2.19
CA ARG A 6 -1.93 -10.80 -1.27
C ARG A 6 -1.93 -9.43 -0.60
N ALA A 7 -0.90 -9.12 0.14
CA ALA A 7 -0.88 -7.86 0.86
C ALA A 7 -0.06 -6.75 0.18
N THR A 8 0.19 -5.68 0.96
CA THR A 8 0.91 -4.50 0.47
C THR A 8 2.09 -4.12 1.35
N THR A 9 3.11 -3.52 0.74
CA THR A 9 4.28 -3.05 1.47
C THR A 9 3.89 -1.82 2.25
N ALA A 10 4.61 -1.53 3.33
CA ALA A 10 4.30 -0.37 4.13
C ALA A 10 4.08 0.83 3.23
N PHE A 11 4.92 0.91 2.21
CA PHE A 11 4.89 2.00 1.24
C PHE A 11 3.78 1.86 0.21
N MET A 12 3.44 0.63 -0.13
CA MET A 12 2.44 0.37 -1.15
C MET A 12 1.03 0.24 -0.58
N LEU A 13 0.88 0.23 0.73
CA LEU A 13 -0.44 0.18 1.31
C LEU A 13 -0.90 1.59 1.68
N TRP A 14 0.09 2.42 2.02
CA TRP A 14 -0.18 3.80 2.38
C TRP A 14 -0.34 4.60 1.12
N LEU A 15 0.51 4.31 0.15
CA LEU A 15 0.40 5.00 -1.12
C LEU A 15 -0.93 4.70 -1.72
N ASN A 16 -1.56 3.63 -1.26
CA ASN A 16 -2.84 3.24 -1.76
C ASN A 16 -3.94 4.17 -1.25
N ASP A 17 -3.92 4.30 0.06
CA ASP A 17 -4.86 5.16 0.75
C ASP A 17 -4.46 6.60 0.64
N THR A 18 -3.17 6.85 0.45
CA THR A 18 -2.67 8.19 0.33
C THR A 18 -2.38 8.56 -1.11
N ARG A 19 -2.11 7.58 -1.99
CA ARG A 19 -1.86 7.90 -3.39
C ARG A 19 -3.06 8.63 -3.89
N GLU A 20 -4.21 8.18 -3.42
CA GLU A 20 -5.43 8.87 -3.77
C GLU A 20 -5.31 10.30 -3.26
N SER A 21 -4.78 10.39 -2.04
CA SER A 21 -4.59 11.67 -1.37
C SER A 21 -3.52 12.53 -2.05
N ILE A 22 -2.71 11.88 -2.88
CA ILE A 22 -1.64 12.57 -3.58
C ILE A 22 -2.17 13.30 -4.79
N LYS A 23 -3.07 12.65 -5.51
CA LYS A 23 -3.63 13.27 -6.69
C LYS A 23 -4.55 14.42 -6.28
N ARG A 24 -5.17 14.31 -5.11
CA ARG A 24 -6.03 15.37 -4.60
C ARG A 24 -5.16 16.54 -4.17
N GLU A 25 -4.12 16.20 -3.40
CA GLU A 25 -3.17 17.18 -2.92
C GLU A 25 -2.40 17.75 -4.11
N ASN A 26 -2.55 17.10 -5.26
CA ASN A 26 -1.92 17.52 -6.49
C ASN A 26 -2.67 16.94 -7.68
N PRO A 27 -3.79 17.57 -8.08
CA PRO A 27 -4.61 17.10 -9.20
C PRO A 27 -3.99 17.37 -10.56
N GLY A 28 -2.71 17.68 -10.55
CA GLY A 28 -2.01 17.96 -11.79
C GLY A 28 -0.77 17.11 -11.92
N ILE A 29 -0.73 15.98 -11.22
CA ILE A 29 0.42 15.10 -11.28
C ILE A 29 0.13 13.91 -12.17
N LYS A 30 0.82 12.81 -11.89
CA LYS A 30 0.66 11.60 -12.65
C LYS A 30 1.20 10.43 -11.87
N VAL A 31 0.76 9.26 -12.26
CA VAL A 31 1.15 8.00 -11.67
C VAL A 31 2.60 8.00 -11.16
N THR A 32 3.45 8.72 -11.87
CA THR A 32 4.87 8.79 -11.54
C THR A 32 5.17 9.76 -10.40
N GLU A 33 4.35 10.78 -10.23
CA GLU A 33 4.54 11.73 -9.15
C GLU A 33 3.81 11.25 -7.91
N ILE A 34 2.88 10.33 -8.11
CA ILE A 34 2.14 9.77 -6.99
C ILE A 34 3.04 8.82 -6.22
N ALA A 35 3.68 7.94 -6.97
CA ALA A 35 4.58 6.96 -6.39
C ALA A 35 5.89 7.59 -5.94
N LYS A 36 6.26 8.72 -6.56
CA LYS A 36 7.50 9.39 -6.22
C LYS A 36 7.29 10.45 -5.13
N LYS A 37 6.33 11.34 -5.33
CA LYS A 37 6.06 12.39 -4.37
C LYS A 37 5.41 11.83 -3.11
N GLY A 38 4.96 10.57 -3.19
CA GLY A 38 4.37 9.97 -2.03
C GLY A 38 5.45 9.47 -1.10
N GLY A 39 6.41 8.77 -1.66
CA GLY A 39 7.50 8.22 -0.89
C GLY A 39 8.23 9.28 -0.09
N GLU A 40 8.47 10.43 -0.72
CA GLU A 40 9.16 11.52 -0.03
C GLU A 40 8.45 11.87 1.29
N MET A 41 7.13 12.02 1.21
CA MET A 41 6.32 12.36 2.37
C MET A 41 6.19 11.17 3.31
N TRP A 42 6.03 10.00 2.71
CA TRP A 42 5.84 8.78 3.45
C TRP A 42 7.06 8.46 4.32
N LYS A 43 8.26 8.59 3.77
CA LYS A 43 9.49 8.32 4.52
C LYS A 43 9.41 8.85 5.95
N GLU A 44 9.02 10.12 6.08
CA GLU A 44 8.89 10.75 7.39
C GLU A 44 7.41 10.87 7.77
N LEU A 45 6.72 9.74 7.71
CA LEU A 45 5.29 9.67 8.01
C LEU A 45 5.04 9.14 9.41
N LYS A 46 4.14 9.80 10.14
CA LYS A 46 3.78 9.38 11.50
C LYS A 46 2.62 8.40 11.43
N ASP A 47 2.07 8.22 10.25
CA ASP A 47 1.00 7.26 10.03
C ASP A 47 1.61 5.98 9.49
N LYS A 48 2.88 6.06 9.09
CA LYS A 48 3.60 4.91 8.55
C LYS A 48 4.00 3.99 9.68
N SER A 49 4.11 4.52 10.89
CA SER A 49 4.44 3.67 12.02
C SER A 49 3.22 2.82 12.32
N LYS A 50 2.06 3.44 12.14
CA LYS A 50 0.77 2.80 12.37
C LYS A 50 0.25 2.13 11.09
N TRP A 51 0.85 2.45 9.95
CA TRP A 51 0.42 1.87 8.68
C TRP A 51 1.43 0.84 8.17
N GLU A 52 2.71 1.08 8.45
CA GLU A 52 3.75 0.17 8.04
C GLU A 52 3.44 -1.23 8.55
N ASP A 53 2.69 -1.29 9.64
CA ASP A 53 2.32 -2.55 10.23
C ASP A 53 1.20 -3.19 9.44
N ALA A 54 0.39 -2.39 8.77
CA ALA A 54 -0.67 -2.92 7.96
C ALA A 54 -0.05 -3.82 6.89
N ALA A 55 1.04 -3.32 6.32
CA ALA A 55 1.77 -3.99 5.24
C ALA A 55 2.41 -5.31 5.68
N ALA A 56 3.12 -5.29 6.80
CA ALA A 56 3.77 -6.50 7.31
C ALA A 56 2.75 -7.44 7.92
N LYS A 57 1.73 -6.86 8.53
CA LYS A 57 0.67 -7.62 9.16
C LYS A 57 -0.26 -8.23 8.12
N ASP A 58 -0.50 -7.49 7.04
CA ASP A 58 -1.37 -7.96 5.98
C ASP A 58 -0.64 -8.95 5.09
N LYS A 59 0.66 -8.79 4.95
CA LYS A 59 1.45 -9.72 4.14
C LYS A 59 1.47 -11.07 4.82
N GLN A 60 1.40 -11.02 6.14
CA GLN A 60 1.42 -12.21 6.96
C GLN A 60 0.02 -12.78 7.17
N ARG A 61 -0.97 -11.92 7.30
CA ARG A 61 -2.33 -12.40 7.51
C ARG A 61 -2.99 -12.77 6.21
N TYR A 62 -2.51 -12.19 5.12
CA TYR A 62 -3.08 -12.44 3.82
C TYR A 62 -2.44 -13.67 3.23
N HIS A 63 -1.13 -13.75 3.32
CA HIS A 63 -0.46 -14.91 2.81
C HIS A 63 -0.81 -16.12 3.67
N ASP A 64 -1.19 -15.88 4.93
CA ASP A 64 -1.56 -16.95 5.82
C ASP A 64 -2.93 -17.51 5.47
N GLU A 65 -3.62 -16.83 4.57
CA GLU A 65 -4.93 -17.26 4.14
C GLU A 65 -4.98 -17.30 2.63
N MET A 66 -4.49 -16.23 2.02
CA MET A 66 -4.44 -16.13 0.58
C MET A 66 -3.39 -17.09 0.03
N ARG A 67 -2.19 -17.10 0.62
CA ARG A 67 -1.15 -18.03 0.18
C ARG A 67 -1.57 -19.44 0.60
N ASN A 68 -2.11 -19.49 1.82
CA ASN A 68 -2.59 -20.72 2.41
C ASN A 68 -3.60 -21.32 1.48
N TYR A 69 -4.77 -20.72 1.43
CA TYR A 69 -5.82 -21.21 0.58
C TYR A 69 -5.38 -21.26 -0.89
N LYS A 70 -5.04 -20.11 -1.44
CA LYS A 70 -4.61 -20.02 -2.83
C LYS A 70 -3.08 -20.15 -2.94
N PRO A 71 -2.59 -21.01 -3.84
CA PRO A 71 -1.14 -21.19 -4.04
C PRO A 71 -0.50 -20.04 -4.79
N GLU A 72 0.77 -20.19 -5.13
CA GLU A 72 1.51 -19.16 -5.85
C GLU A 72 1.73 -17.93 -4.97
N ALA A 73 0.64 -17.24 -4.64
CA ALA A 73 0.72 -16.04 -3.80
C ALA A 73 1.57 -14.96 -4.47
N SER A 1 -12.97 -5.46 -6.11
CA SER A 1 -12.96 -6.90 -5.87
C SER A 1 -12.07 -7.24 -4.69
N HIS A 2 -12.68 -7.74 -3.61
CA HIS A 2 -11.95 -8.10 -2.40
C HIS A 2 -11.28 -9.47 -2.58
N MET A 3 -9.96 -9.45 -2.70
CA MET A 3 -9.20 -10.69 -2.87
C MET A 3 -7.83 -10.58 -2.22
N PRO A 4 -7.18 -11.72 -1.93
CA PRO A 4 -5.85 -11.75 -1.30
C PRO A 4 -4.75 -11.35 -2.29
N LYS A 5 -4.62 -10.05 -2.53
CA LYS A 5 -3.59 -9.53 -3.44
C LYS A 5 -2.22 -9.54 -2.77
N ARG A 6 -1.92 -10.63 -2.09
CA ARG A 6 -0.66 -10.81 -1.39
C ARG A 6 -0.33 -9.63 -0.49
N ALA A 7 -1.34 -8.82 -0.17
CA ALA A 7 -1.17 -7.70 0.74
C ALA A 7 -0.48 -6.49 0.12
N THR A 8 -0.62 -5.37 0.82
CA THR A 8 -0.08 -4.08 0.41
C THR A 8 1.16 -3.68 1.22
N THR A 9 2.25 -3.35 0.52
CA THR A 9 3.48 -2.94 1.19
C THR A 9 3.26 -1.67 2.00
N ALA A 10 4.08 -1.50 3.03
CA ALA A 10 4.00 -0.33 3.88
C ALA A 10 3.82 0.89 3.01
N PHE A 11 4.61 0.93 1.95
CA PHE A 11 4.57 2.03 1.00
C PHE A 11 3.31 2.01 0.16
N MET A 12 2.78 0.83 -0.04
CA MET A 12 1.59 0.67 -0.84
C MET A 12 0.37 0.99 0.00
N LEU A 13 0.13 0.19 1.05
CA LEU A 13 -1.04 0.40 1.88
C LEU A 13 -1.18 1.84 2.36
N TRP A 14 -0.07 2.55 2.53
CA TRP A 14 -0.14 3.94 2.95
C TRP A 14 -0.33 4.82 1.73
N LEU A 15 0.40 4.48 0.67
CA LEU A 15 0.29 5.23 -0.56
C LEU A 15 -1.08 5.01 -1.15
N ASN A 16 -1.78 4.03 -0.65
CA ASN A 16 -3.11 3.72 -1.13
C ASN A 16 -4.10 4.75 -0.62
N ASP A 17 -4.03 4.92 0.69
CA ASP A 17 -4.85 5.88 1.38
C ASP A 17 -4.36 7.28 1.10
N THR A 18 -3.07 7.40 0.77
CA THR A 18 -2.49 8.68 0.49
C THR A 18 -2.32 8.88 -1.01
N ARG A 19 -2.30 7.77 -1.77
CA ARG A 19 -2.17 7.88 -3.22
C ARG A 19 -3.25 8.79 -3.70
N GLU A 20 -4.36 8.65 -3.02
CA GLU A 20 -5.50 9.51 -3.33
C GLU A 20 -5.15 10.94 -2.93
N SER A 21 -4.45 11.04 -1.80
CA SER A 21 -4.05 12.32 -1.23
C SER A 21 -2.97 13.01 -2.06
N ILE A 22 -2.30 12.22 -2.88
CA ILE A 22 -1.22 12.72 -3.72
C ILE A 22 -1.74 13.34 -4.99
N LYS A 23 -2.71 12.70 -5.60
CA LYS A 23 -3.27 13.21 -6.83
C LYS A 23 -4.04 14.49 -6.57
N ARG A 24 -4.59 14.62 -5.37
CA ARG A 24 -5.34 15.82 -5.00
C ARG A 24 -4.37 16.98 -4.80
N GLU A 25 -3.31 16.72 -4.03
CA GLU A 25 -2.29 17.73 -3.77
C GLU A 25 -1.53 18.00 -5.07
N ASN A 26 -1.73 17.12 -6.06
CA ASN A 26 -1.10 17.27 -7.36
C ASN A 26 -2.07 16.80 -8.44
N PRO A 27 -3.16 17.57 -8.67
CA PRO A 27 -4.19 17.23 -9.66
C PRO A 27 -3.71 17.30 -11.10
N GLY A 28 -2.53 16.74 -11.37
CA GLY A 28 -1.99 16.75 -12.72
C GLY A 28 -0.78 15.84 -12.87
N ILE A 29 -0.61 14.92 -11.92
CA ILE A 29 0.51 14.01 -11.96
C ILE A 29 0.18 12.75 -12.74
N LYS A 30 0.80 11.66 -12.33
CA LYS A 30 0.63 10.39 -12.96
C LYS A 30 0.82 9.29 -11.95
N VAL A 31 0.16 8.20 -12.20
CA VAL A 31 0.21 7.01 -11.37
C VAL A 31 1.60 6.78 -10.76
N THR A 32 2.62 7.13 -11.53
CA THR A 32 4.01 6.93 -11.11
C THR A 32 4.54 8.07 -10.24
N GLU A 33 3.96 9.25 -10.38
CA GLU A 33 4.38 10.38 -9.57
C GLU A 33 3.88 10.19 -8.15
N ILE A 34 2.72 9.56 -8.04
CA ILE A 34 2.12 9.29 -6.75
C ILE A 34 3.01 8.37 -5.96
N ALA A 35 3.58 7.40 -6.66
CA ALA A 35 4.45 6.42 -6.05
C ALA A 35 5.78 7.02 -5.61
N LYS A 36 6.20 8.09 -6.27
CA LYS A 36 7.48 8.73 -5.93
C LYS A 36 7.30 9.85 -4.92
N LYS A 37 6.36 10.75 -5.18
CA LYS A 37 6.10 11.86 -4.29
C LYS A 37 5.49 11.42 -2.99
N GLY A 38 5.01 10.20 -2.97
CA GLY A 38 4.47 9.70 -1.75
C GLY A 38 5.64 9.29 -0.87
N GLY A 39 6.68 8.82 -1.51
CA GLY A 39 7.88 8.39 -0.81
C GLY A 39 8.50 9.50 -0.02
N GLU A 40 8.60 10.68 -0.63
CA GLU A 40 9.19 11.81 0.06
C GLU A 40 8.41 12.12 1.34
N MET A 41 7.09 12.11 1.24
CA MET A 41 6.24 12.39 2.38
C MET A 41 6.19 11.21 3.33
N TRP A 42 6.16 10.01 2.77
CA TRP A 42 6.08 8.81 3.55
C TRP A 42 7.33 8.64 4.42
N LYS A 43 8.50 8.69 3.80
CA LYS A 43 9.76 8.55 4.54
C LYS A 43 9.79 9.42 5.80
N GLU A 44 9.05 10.53 5.78
CA GLU A 44 9.00 11.44 6.92
C GLU A 44 7.57 11.64 7.43
N LEU A 45 6.88 10.54 7.70
CA LEU A 45 5.50 10.62 8.19
C LEU A 45 5.27 9.63 9.34
N LYS A 46 4.51 10.08 10.36
CA LYS A 46 4.23 9.25 11.54
C LYS A 46 2.92 8.49 11.38
N ASP A 47 2.48 8.38 10.15
CA ASP A 47 1.29 7.64 9.81
C ASP A 47 1.73 6.30 9.21
N LYS A 48 3.04 6.21 8.94
CA LYS A 48 3.65 5.01 8.38
C LYS A 48 3.89 3.99 9.47
N SER A 49 4.03 4.45 10.71
CA SER A 49 4.20 3.53 11.82
C SER A 49 2.90 2.81 12.04
N LYS A 50 1.81 3.47 11.65
CA LYS A 50 0.48 2.91 11.78
C LYS A 50 0.02 2.26 10.48
N TRP A 51 0.62 2.65 9.36
CA TRP A 51 0.26 2.11 8.06
C TRP A 51 1.22 1.01 7.63
N GLU A 52 2.51 1.23 7.82
CA GLU A 52 3.51 0.24 7.46
C GLU A 52 3.21 -1.09 8.12
N ASP A 53 2.61 -1.02 9.30
CA ASP A 53 2.28 -2.22 10.02
C ASP A 53 1.18 -2.97 9.32
N ALA A 54 0.28 -2.24 8.69
CA ALA A 54 -0.78 -2.86 7.94
C ALA A 54 -0.16 -3.79 6.91
N ALA A 55 0.87 -3.30 6.24
CA ALA A 55 1.58 -4.07 5.21
C ALA A 55 2.08 -5.39 5.75
N ALA A 56 2.80 -5.34 6.87
CA ALA A 56 3.33 -6.56 7.48
C ALA A 56 2.20 -7.40 8.04
N LYS A 57 1.09 -6.75 8.35
CA LYS A 57 -0.07 -7.43 8.90
C LYS A 57 -0.87 -8.11 7.79
N ASP A 58 -0.97 -7.45 6.63
CA ASP A 58 -1.73 -8.00 5.52
C ASP A 58 -0.90 -8.99 4.72
N LYS A 59 0.41 -8.76 4.62
CA LYS A 59 1.28 -9.66 3.87
C LYS A 59 1.32 -11.00 4.57
N GLN A 60 1.48 -10.94 5.88
CA GLN A 60 1.56 -12.13 6.70
C GLN A 60 0.20 -12.75 6.89
N ARG A 61 -0.85 -11.98 6.75
CA ARG A 61 -2.17 -12.52 6.93
C ARG A 61 -2.75 -13.00 5.60
N TYR A 62 -2.15 -12.57 4.50
CA TYR A 62 -2.62 -12.97 3.19
C TYR A 62 -1.93 -14.25 2.80
N HIS A 63 -0.64 -14.28 3.06
CA HIS A 63 0.15 -15.44 2.80
C HIS A 63 -0.23 -16.51 3.82
N ASP A 64 -0.66 -16.06 5.00
CA ASP A 64 -1.01 -16.96 6.07
C ASP A 64 -2.19 -17.83 5.70
N GLU A 65 -2.83 -17.59 4.56
CA GLU A 65 -3.96 -18.42 4.23
C GLU A 65 -4.31 -18.28 2.78
N MET A 66 -4.12 -17.09 2.24
CA MET A 66 -4.40 -16.82 0.87
C MET A 66 -3.08 -16.68 0.11
N ARG A 67 -1.99 -17.16 0.72
CA ARG A 67 -0.68 -17.11 0.11
C ARG A 67 -0.83 -17.36 -1.36
N ASN A 68 -1.44 -18.49 -1.66
CA ASN A 68 -1.66 -18.90 -3.04
C ASN A 68 -3.00 -18.42 -3.58
N TYR A 69 -4.05 -18.57 -2.76
CA TYR A 69 -5.42 -18.17 -3.12
C TYR A 69 -5.49 -17.46 -4.48
N LYS A 70 -5.00 -16.22 -4.52
CA LYS A 70 -5.01 -15.44 -5.75
C LYS A 70 -6.44 -15.20 -6.23
N PRO A 71 -6.65 -14.13 -7.02
CA PRO A 71 -7.98 -13.78 -7.55
C PRO A 71 -8.64 -14.96 -8.24
N GLU A 72 -7.95 -15.54 -9.21
CA GLU A 72 -8.48 -16.67 -9.95
C GLU A 72 -7.96 -17.99 -9.38
N ALA A 73 -8.85 -18.75 -8.77
CA ALA A 73 -8.48 -20.04 -8.18
C ALA A 73 -9.50 -21.12 -8.53
N SER A 1 -13.61 -6.33 -2.25
CA SER A 1 -12.19 -6.05 -2.11
C SER A 1 -11.42 -6.48 -3.35
N HIS A 2 -10.11 -6.31 -3.32
CA HIS A 2 -9.26 -6.68 -4.44
C HIS A 2 -8.62 -8.04 -4.22
N MET A 3 -9.32 -8.91 -3.51
CA MET A 3 -8.83 -10.26 -3.22
C MET A 3 -7.50 -10.20 -2.45
N PRO A 4 -7.06 -11.34 -1.89
CA PRO A 4 -5.81 -11.41 -1.13
C PRO A 4 -4.59 -11.20 -2.02
N LYS A 5 -4.48 -10.00 -2.59
CA LYS A 5 -3.37 -9.65 -3.47
C LYS A 5 -2.04 -9.63 -2.70
N ARG A 6 -1.70 -10.76 -2.12
CA ARG A 6 -0.47 -10.92 -1.35
C ARG A 6 -0.20 -9.73 -0.41
N ALA A 7 -1.23 -8.97 -0.10
CA ALA A 7 -1.09 -7.83 0.81
C ALA A 7 -0.41 -6.63 0.15
N THR A 8 -0.48 -5.49 0.83
CA THR A 8 0.07 -4.24 0.35
C THR A 8 1.28 -3.79 1.17
N THR A 9 2.36 -3.37 0.48
CA THR A 9 3.57 -2.92 1.14
C THR A 9 3.31 -1.65 1.93
N ALA A 10 4.12 -1.43 2.95
CA ALA A 10 3.99 -0.25 3.77
C ALA A 10 3.80 0.96 2.87
N PHE A 11 4.60 1.00 1.82
CA PHE A 11 4.57 2.09 0.86
C PHE A 11 3.31 2.05 0.02
N MET A 12 2.81 0.86 -0.23
CA MET A 12 1.62 0.71 -1.04
C MET A 12 0.39 1.02 -0.24
N LEU A 13 0.15 0.22 0.80
CA LEU A 13 -1.03 0.39 1.62
C LEU A 13 -1.21 1.84 2.06
N TRP A 14 -0.11 2.56 2.26
CA TRP A 14 -0.21 3.95 2.66
C TRP A 14 -0.39 4.80 1.44
N LEU A 15 0.36 4.48 0.39
CA LEU A 15 0.24 5.21 -0.84
C LEU A 15 -1.12 4.95 -1.43
N ASN A 16 -1.82 3.97 -0.91
CA ASN A 16 -3.13 3.61 -1.38
C ASN A 16 -4.15 4.63 -0.87
N ASP A 17 -4.11 4.79 0.44
CA ASP A 17 -4.95 5.73 1.13
C ASP A 17 -4.49 7.14 0.87
N THR A 18 -3.21 7.29 0.55
CA THR A 18 -2.65 8.58 0.28
C THR A 18 -2.49 8.79 -1.22
N ARG A 19 -2.42 7.70 -1.99
CA ARG A 19 -2.28 7.83 -3.43
C ARG A 19 -3.40 8.70 -3.91
N GLU A 20 -4.51 8.52 -3.25
CA GLU A 20 -5.68 9.33 -3.53
C GLU A 20 -5.40 10.76 -3.09
N SER A 21 -4.71 10.86 -1.96
CA SER A 21 -4.36 12.14 -1.35
C SER A 21 -3.33 12.90 -2.18
N ILE A 22 -2.63 12.16 -3.01
CA ILE A 22 -1.61 12.72 -3.86
C ILE A 22 -2.21 13.35 -5.08
N LYS A 23 -2.90 12.54 -5.87
CA LYS A 23 -3.51 13.02 -7.10
C LYS A 23 -4.39 14.25 -6.83
N ARG A 24 -5.00 14.30 -5.64
CA ARG A 24 -5.83 15.44 -5.27
C ARG A 24 -4.91 16.62 -4.92
N GLU A 25 -3.87 16.30 -4.16
CA GLU A 25 -2.86 17.28 -3.77
C GLU A 25 -2.12 17.74 -5.01
N ASN A 26 -2.30 17.01 -6.10
CA ASN A 26 -1.68 17.32 -7.36
C ASN A 26 -2.51 16.74 -8.50
N PRO A 27 -3.60 17.43 -8.88
CA PRO A 27 -4.50 16.99 -9.96
C PRO A 27 -3.88 17.10 -11.34
N GLY A 28 -2.62 16.74 -11.46
CA GLY A 28 -1.94 16.81 -12.74
C GLY A 28 -0.70 15.94 -12.78
N ILE A 29 -0.56 15.03 -11.83
CA ILE A 29 0.59 14.15 -11.78
C ILE A 29 0.32 12.87 -12.55
N LYS A 30 0.97 11.81 -12.14
CA LYS A 30 0.84 10.54 -12.76
C LYS A 30 1.30 9.44 -11.82
N VAL A 31 0.83 8.26 -12.11
CA VAL A 31 1.16 7.06 -11.35
C VAL A 31 2.58 7.07 -10.81
N THR A 32 3.48 7.68 -11.56
CA THR A 32 4.90 7.72 -11.21
C THR A 32 5.22 8.82 -10.18
N GLU A 33 4.44 9.89 -10.18
CA GLU A 33 4.66 10.96 -9.23
C GLU A 33 3.99 10.62 -7.91
N ILE A 34 2.97 9.80 -7.98
CA ILE A 34 2.25 9.41 -6.79
C ILE A 34 3.15 8.53 -5.94
N ALA A 35 3.79 7.58 -6.60
CA ALA A 35 4.67 6.66 -5.95
C ALA A 35 5.99 7.31 -5.53
N LYS A 36 6.37 8.38 -6.22
CA LYS A 36 7.63 9.04 -5.90
C LYS A 36 7.44 10.19 -4.92
N LYS A 37 6.53 11.10 -5.21
CA LYS A 37 6.27 12.23 -4.34
C LYS A 37 5.58 11.79 -3.05
N GLY A 38 5.02 10.60 -3.07
CA GLY A 38 4.39 10.11 -1.88
C GLY A 38 5.43 9.57 -0.94
N GLY A 39 6.41 8.92 -1.52
CA GLY A 39 7.49 8.34 -0.75
C GLY A 39 8.20 9.36 0.09
N GLU A 40 8.48 10.52 -0.48
CA GLU A 40 9.16 11.59 0.25
C GLU A 40 8.37 11.95 1.50
N MET A 41 7.05 12.05 1.36
CA MET A 41 6.17 12.40 2.47
C MET A 41 6.00 11.20 3.39
N TRP A 42 5.95 10.02 2.79
CA TRP A 42 5.76 8.79 3.50
C TRP A 42 6.92 8.53 4.47
N LYS A 43 8.15 8.50 3.94
CA LYS A 43 9.33 8.26 4.77
C LYS A 43 9.39 9.24 5.93
N GLU A 44 8.75 10.40 5.78
CA GLU A 44 8.74 11.43 6.83
C GLU A 44 7.33 11.61 7.40
N LEU A 45 6.62 10.50 7.59
CA LEU A 45 5.27 10.55 8.13
C LEU A 45 5.12 9.61 9.33
N LYS A 46 4.41 10.08 10.37
CA LYS A 46 4.22 9.29 11.60
C LYS A 46 2.99 8.39 11.51
N ASP A 47 2.55 8.15 10.30
CA ASP A 47 1.42 7.27 10.05
C ASP A 47 1.93 5.97 9.45
N LYS A 48 3.20 5.99 9.04
CA LYS A 48 3.83 4.82 8.45
C LYS A 48 4.26 3.84 9.53
N SER A 49 4.52 4.34 10.72
CA SER A 49 4.88 3.46 11.83
C SER A 49 3.64 2.67 12.21
N LYS A 50 2.50 3.31 12.03
CA LYS A 50 1.20 2.71 12.34
C LYS A 50 0.54 2.14 11.08
N TRP A 51 1.14 2.37 9.91
CA TRP A 51 0.58 1.88 8.66
C TRP A 51 1.49 0.83 8.04
N GLU A 52 2.79 1.07 8.08
CA GLU A 52 3.76 0.13 7.53
C GLU A 52 3.49 -1.26 8.10
N ASP A 53 3.00 -1.28 9.33
CA ASP A 53 2.71 -2.53 9.99
C ASP A 53 1.54 -3.21 9.32
N ALA A 54 0.64 -2.41 8.75
CA ALA A 54 -0.48 -2.98 8.03
C ALA A 54 0.07 -3.87 6.93
N ALA A 55 1.08 -3.34 6.23
CA ALA A 55 1.71 -4.06 5.13
C ALA A 55 2.23 -5.43 5.56
N ALA A 56 3.03 -5.45 6.62
CA ALA A 56 3.59 -6.71 7.13
C ALA A 56 2.52 -7.58 7.77
N LYS A 57 1.47 -6.94 8.26
CA LYS A 57 0.37 -7.66 8.89
C LYS A 57 -0.52 -8.28 7.83
N ASP A 58 -0.69 -7.56 6.73
CA ASP A 58 -1.51 -8.05 5.63
C ASP A 58 -0.76 -9.09 4.82
N LYS A 59 0.55 -8.90 4.66
CA LYS A 59 1.35 -9.85 3.91
C LYS A 59 1.33 -11.19 4.63
N GLN A 60 1.37 -11.10 5.95
CA GLN A 60 1.36 -12.25 6.79
C GLN A 60 -0.03 -12.83 6.89
N ARG A 61 -1.02 -11.98 7.00
CA ARG A 61 -2.39 -12.47 7.11
C ARG A 61 -2.90 -12.96 5.76
N TYR A 62 -2.21 -12.63 4.69
CA TYR A 62 -2.63 -13.05 3.36
C TYR A 62 -1.97 -14.36 3.02
N HIS A 63 -0.68 -14.43 3.26
CA HIS A 63 0.07 -15.63 3.04
C HIS A 63 -0.31 -16.63 4.14
N ASP A 64 -0.95 -16.11 5.17
CA ASP A 64 -1.37 -16.92 6.30
C ASP A 64 -2.56 -17.78 5.92
N GLU A 65 -3.18 -17.52 4.77
CA GLU A 65 -4.32 -18.31 4.42
C GLU A 65 -4.72 -18.08 2.99
N MET A 66 -4.48 -16.88 2.51
CA MET A 66 -4.84 -16.53 1.17
C MET A 66 -3.59 -16.39 0.32
N ARG A 67 -2.48 -16.91 0.85
CA ARG A 67 -1.20 -16.86 0.17
C ARG A 67 -1.42 -17.13 -1.29
N ASN A 68 -2.04 -18.27 -1.53
CA ASN A 68 -2.30 -18.71 -2.89
C ASN A 68 -3.77 -18.56 -3.29
N TYR A 69 -4.47 -17.66 -2.62
CA TYR A 69 -5.87 -17.43 -2.90
C TYR A 69 -6.09 -16.98 -4.35
N LYS A 70 -5.03 -16.49 -4.98
CA LYS A 70 -5.11 -16.05 -6.37
C LYS A 70 -3.73 -15.62 -6.89
N PRO A 71 -3.09 -14.61 -6.27
CA PRO A 71 -1.77 -14.13 -6.71
C PRO A 71 -0.72 -15.24 -6.73
N GLU A 72 -0.30 -15.66 -5.54
CA GLU A 72 0.70 -16.72 -5.42
C GLU A 72 0.26 -17.98 -6.15
N ALA A 73 -1.04 -18.26 -6.10
CA ALA A 73 -1.59 -19.44 -6.76
C ALA A 73 -3.11 -19.48 -6.66
N SER A 1 -4.68 -9.91 -11.86
CA SER A 1 -3.66 -10.96 -11.81
C SER A 1 -4.26 -12.27 -11.31
N HIS A 2 -3.47 -13.34 -11.39
CA HIS A 2 -3.91 -14.66 -10.94
C HIS A 2 -3.05 -15.16 -9.79
N MET A 3 -3.22 -14.57 -8.63
CA MET A 3 -2.45 -14.96 -7.44
C MET A 3 -2.89 -14.15 -6.22
N PRO A 4 -2.65 -14.68 -5.01
CA PRO A 4 -3.03 -13.99 -3.77
C PRO A 4 -2.16 -12.77 -3.50
N LYS A 5 -2.68 -11.58 -3.80
CA LYS A 5 -1.94 -10.35 -3.54
C LYS A 5 -1.67 -10.25 -2.05
N ARG A 6 -0.66 -10.99 -1.60
CA ARG A 6 -0.31 -11.08 -0.20
C ARG A 6 -0.02 -9.74 0.43
N ALA A 7 -1.04 -8.88 0.52
CA ALA A 7 -0.90 -7.61 1.19
C ALA A 7 -0.14 -6.53 0.42
N THR A 8 0.02 -5.39 1.10
CA THR A 8 0.67 -4.21 0.56
C THR A 8 1.88 -3.79 1.40
N THR A 9 2.91 -3.26 0.75
CA THR A 9 4.08 -2.77 1.46
C THR A 9 3.71 -1.52 2.23
N ALA A 10 4.45 -1.24 3.30
CA ALA A 10 4.17 -0.07 4.09
C ALA A 10 3.94 1.11 3.16
N PHE A 11 4.81 1.20 2.16
CA PHE A 11 4.76 2.28 1.18
C PHE A 11 3.58 2.15 0.23
N MET A 12 3.20 0.92 -0.07
CA MET A 12 2.11 0.68 -0.98
C MET A 12 0.79 0.94 -0.28
N LEU A 13 0.55 0.21 0.78
CA LEU A 13 -0.69 0.35 1.51
C LEU A 13 -0.94 1.79 1.94
N TRP A 14 0.12 2.53 2.21
CA TRP A 14 -0.01 3.93 2.62
C TRP A 14 -0.20 4.76 1.38
N LEU A 15 0.63 4.50 0.38
CA LEU A 15 0.52 5.22 -0.86
C LEU A 15 -0.81 4.92 -1.50
N ASN A 16 -1.45 3.87 -1.05
CA ASN A 16 -2.73 3.46 -1.58
C ASN A 16 -3.82 4.41 -1.07
N ASP A 17 -3.82 4.55 0.24
CA ASP A 17 -4.73 5.42 0.92
C ASP A 17 -4.33 6.86 0.74
N THR A 18 -3.05 7.09 0.49
CA THR A 18 -2.55 8.43 0.30
C THR A 18 -2.32 8.73 -1.16
N ARG A 19 -2.12 7.69 -1.98
CA ARG A 19 -1.93 7.91 -3.41
C ARG A 19 -3.09 8.70 -3.89
N GLU A 20 -4.23 8.37 -3.33
CA GLU A 20 -5.44 9.11 -3.68
C GLU A 20 -5.26 10.55 -3.20
N SER A 21 -4.65 10.67 -2.03
CA SER A 21 -4.41 11.96 -1.39
C SER A 21 -3.36 12.79 -2.12
N ILE A 22 -2.56 12.11 -2.91
CA ILE A 22 -1.49 12.75 -3.66
C ILE A 22 -2.01 13.39 -4.92
N LYS A 23 -2.87 12.67 -5.64
CA LYS A 23 -3.42 13.21 -6.86
C LYS A 23 -4.29 14.41 -6.55
N ARG A 24 -4.92 14.41 -5.37
CA ARG A 24 -5.75 15.53 -4.96
C ARG A 24 -4.83 16.73 -4.69
N GLU A 25 -3.71 16.43 -4.04
CA GLU A 25 -2.70 17.42 -3.73
C GLU A 25 -2.01 17.88 -5.01
N ASN A 26 -2.21 17.10 -6.07
CA ASN A 26 -1.64 17.42 -7.36
C ASN A 26 -2.53 16.84 -8.47
N PRO A 27 -3.71 17.45 -8.68
CA PRO A 27 -4.68 17.01 -9.69
C PRO A 27 -4.17 17.22 -11.12
N GLY A 28 -2.95 16.78 -11.39
CA GLY A 28 -2.38 16.92 -12.71
C GLY A 28 -1.08 16.16 -12.88
N ILE A 29 -0.81 15.23 -11.95
CA ILE A 29 0.40 14.45 -12.01
C ILE A 29 0.19 13.19 -12.84
N LYS A 30 0.88 12.12 -12.48
CA LYS A 30 0.79 10.86 -13.16
C LYS A 30 0.97 9.74 -12.17
N VAL A 31 0.31 8.65 -12.47
CA VAL A 31 0.37 7.43 -11.68
C VAL A 31 1.73 7.21 -11.02
N THR A 32 2.78 7.59 -11.73
CA THR A 32 4.15 7.40 -11.25
C THR A 32 4.64 8.54 -10.35
N GLU A 33 3.99 9.70 -10.43
CA GLU A 33 4.37 10.81 -9.58
C GLU A 33 3.82 10.58 -8.19
N ILE A 34 2.65 9.97 -8.12
CA ILE A 34 2.02 9.67 -6.87
C ILE A 34 2.90 8.76 -6.04
N ALA A 35 3.56 7.85 -6.74
CA ALA A 35 4.42 6.89 -6.09
C ALA A 35 5.78 7.48 -5.74
N LYS A 36 6.19 8.52 -6.45
CA LYS A 36 7.48 9.15 -6.19
C LYS A 36 7.35 10.20 -5.10
N LYS A 37 6.38 11.09 -5.27
CA LYS A 37 6.16 12.13 -4.29
C LYS A 37 5.81 11.50 -2.96
N GLY A 38 4.79 10.65 -2.95
CA GLY A 38 4.39 10.02 -1.72
C GLY A 38 5.58 9.63 -0.86
N GLY A 39 6.57 9.04 -1.50
CA GLY A 39 7.78 8.63 -0.80
C GLY A 39 8.43 9.80 -0.12
N GLU A 40 8.48 10.94 -0.80
CA GLU A 40 9.07 12.14 -0.22
C GLU A 40 8.42 12.46 1.13
N MET A 41 7.08 12.47 1.14
CA MET A 41 6.33 12.78 2.34
C MET A 41 6.32 11.62 3.31
N TRP A 42 6.28 10.41 2.75
CA TRP A 42 6.24 9.22 3.56
C TRP A 42 7.52 9.08 4.38
N LYS A 43 8.67 9.29 3.75
CA LYS A 43 9.97 9.17 4.43
C LYS A 43 9.90 9.67 5.89
N GLU A 44 8.98 10.59 6.18
CA GLU A 44 8.83 11.11 7.54
C GLU A 44 7.37 11.22 7.98
N LEU A 45 6.53 10.27 7.57
CA LEU A 45 5.11 10.32 7.98
C LEU A 45 4.85 9.45 9.22
N LYS A 46 3.92 9.90 10.05
CA LYS A 46 3.58 9.21 11.29
C LYS A 46 2.37 8.32 11.12
N ASP A 47 1.87 8.22 9.90
CA ASP A 47 0.77 7.32 9.63
C ASP A 47 1.35 5.95 9.30
N LYS A 48 2.67 5.89 9.30
CA LYS A 48 3.42 4.69 8.99
C LYS A 48 3.70 3.85 10.23
N SER A 49 3.65 4.47 11.40
CA SER A 49 3.86 3.70 12.61
C SER A 49 2.64 2.82 12.82
N LYS A 50 1.50 3.39 12.46
CA LYS A 50 0.22 2.71 12.59
C LYS A 50 -0.18 2.01 11.28
N TRP A 51 0.52 2.30 10.19
CA TRP A 51 0.20 1.69 8.89
C TRP A 51 1.28 0.74 8.40
N GLU A 52 2.55 1.08 8.66
CA GLU A 52 3.64 0.23 8.22
C GLU A 52 3.40 -1.20 8.66
N ASP A 53 2.68 -1.34 9.77
CA ASP A 53 2.38 -2.65 10.29
C ASP A 53 1.28 -3.30 9.50
N ALA A 54 0.39 -2.51 8.93
CA ALA A 54 -0.65 -3.07 8.11
C ALA A 54 -0.01 -3.91 7.01
N ALA A 55 1.01 -3.32 6.39
CA ALA A 55 1.75 -3.93 5.28
C ALA A 55 2.45 -5.23 5.65
N ALA A 56 3.26 -5.22 6.71
CA ALA A 56 3.98 -6.42 7.12
C ALA A 56 3.04 -7.42 7.78
N LYS A 57 2.03 -6.89 8.46
CA LYS A 57 1.05 -7.71 9.16
C LYS A 57 0.06 -8.34 8.18
N ASP A 58 -0.30 -7.58 7.15
CA ASP A 58 -1.24 -8.06 6.16
C ASP A 58 -0.57 -9.05 5.22
N LYS A 59 0.72 -8.84 4.95
CA LYS A 59 1.45 -9.75 4.07
C LYS A 59 1.42 -11.15 4.65
N GLN A 60 1.34 -11.18 5.97
CA GLN A 60 1.31 -12.41 6.72
C GLN A 60 -0.10 -12.98 6.77
N ARG A 61 -1.08 -12.14 7.04
CA ARG A 61 -2.46 -12.60 7.13
C ARG A 61 -3.02 -12.92 5.74
N TYR A 62 -2.39 -12.38 4.72
CA TYR A 62 -2.85 -12.60 3.35
C TYR A 62 -2.27 -13.89 2.85
N HIS A 63 -0.96 -14.00 2.96
CA HIS A 63 -0.27 -15.19 2.55
C HIS A 63 -0.65 -16.35 3.48
N ASP A 64 -1.18 -16.02 4.65
CA ASP A 64 -1.57 -17.04 5.62
C ASP A 64 -2.91 -17.66 5.30
N GLU A 65 -3.62 -17.08 4.34
CA GLU A 65 -4.92 -17.61 3.98
C GLU A 65 -5.04 -17.72 2.48
N MET A 66 -4.59 -16.68 1.81
CA MET A 66 -4.63 -16.66 0.36
C MET A 66 -3.58 -17.61 -0.19
N ARG A 67 -2.40 -17.61 0.41
CA ARG A 67 -1.34 -18.52 -0.02
C ARG A 67 -1.68 -19.93 0.48
N ASN A 68 -2.04 -19.99 1.75
CA ASN A 68 -2.40 -21.25 2.40
C ASN A 68 -3.88 -21.57 2.22
N TYR A 69 -4.49 -21.03 1.17
CA TYR A 69 -5.91 -21.27 0.89
C TYR A 69 -6.15 -22.74 0.54
N LYS A 70 -6.97 -23.40 1.35
CA LYS A 70 -7.28 -24.81 1.14
C LYS A 70 -6.01 -25.66 1.13
N PRO A 71 -5.57 -26.12 2.31
CA PRO A 71 -4.37 -26.95 2.44
C PRO A 71 -4.54 -28.34 1.82
N GLU A 72 -5.67 -28.97 2.12
CA GLU A 72 -5.96 -30.30 1.60
C GLU A 72 -6.83 -30.21 0.34
N ALA A 73 -6.25 -30.57 -0.80
CA ALA A 73 -6.97 -30.53 -2.07
C ALA A 73 -6.23 -31.31 -3.15
N SER A 1 -15.62 -10.35 -3.43
CA SER A 1 -15.29 -9.38 -2.39
C SER A 1 -13.79 -9.29 -2.19
N HIS A 2 -13.21 -8.16 -2.58
CA HIS A 2 -11.77 -7.93 -2.45
C HIS A 2 -10.97 -9.14 -2.95
N MET A 3 -9.67 -9.13 -2.68
CA MET A 3 -8.80 -10.23 -3.10
C MET A 3 -7.45 -10.15 -2.38
N PRO A 4 -6.86 -11.32 -2.06
CA PRO A 4 -5.56 -11.38 -1.38
C PRO A 4 -4.40 -11.04 -2.30
N LYS A 5 -4.32 -9.76 -2.70
CA LYS A 5 -3.25 -9.31 -3.59
C LYS A 5 -1.92 -9.26 -2.84
N ARG A 6 -1.56 -10.38 -2.23
CA ARG A 6 -0.33 -10.52 -1.46
C ARG A 6 -0.13 -9.36 -0.49
N ALA A 7 -1.19 -8.63 -0.18
CA ALA A 7 -1.11 -7.52 0.76
C ALA A 7 -0.40 -6.30 0.19
N THR A 8 -0.53 -5.18 0.91
CA THR A 8 0.05 -3.90 0.50
C THR A 8 1.30 -3.56 1.31
N THR A 9 2.40 -3.29 0.63
CA THR A 9 3.63 -2.89 1.30
C THR A 9 3.38 -1.64 2.11
N ALA A 10 4.18 -1.44 3.14
CA ALA A 10 4.04 -0.27 3.98
C ALA A 10 3.83 0.94 3.11
N PHE A 11 4.62 1.00 2.05
CA PHE A 11 4.57 2.10 1.09
C PHE A 11 3.33 2.05 0.21
N MET A 12 2.87 0.85 -0.07
CA MET A 12 1.71 0.68 -0.92
C MET A 12 0.46 1.00 -0.15
N LEU A 13 0.22 0.26 0.92
CA LEU A 13 -0.96 0.45 1.72
C LEU A 13 -1.16 1.91 2.13
N TRP A 14 -0.06 2.64 2.31
CA TRP A 14 -0.18 4.05 2.69
C TRP A 14 -0.39 4.87 1.44
N LEU A 15 0.38 4.55 0.41
CA LEU A 15 0.25 5.24 -0.85
C LEU A 15 -1.13 4.98 -1.41
N ASN A 16 -1.78 3.97 -0.90
CA ASN A 16 -3.10 3.61 -1.33
C ASN A 16 -4.11 4.64 -0.82
N ASP A 17 -4.05 4.82 0.48
CA ASP A 17 -4.90 5.75 1.18
C ASP A 17 -4.44 7.16 0.94
N THR A 18 -3.16 7.35 0.67
CA THR A 18 -2.62 8.66 0.45
C THR A 18 -2.42 8.96 -1.02
N ARG A 19 -2.20 7.95 -1.87
CA ARG A 19 -2.04 8.23 -3.30
C ARG A 19 -3.27 8.92 -3.76
N GLU A 20 -4.37 8.52 -3.13
CA GLU A 20 -5.63 9.19 -3.44
C GLU A 20 -5.44 10.65 -3.05
N SER A 21 -4.84 10.84 -1.87
CA SER A 21 -4.59 12.16 -1.32
C SER A 21 -3.55 12.93 -2.13
N ILE A 22 -2.82 12.21 -2.94
CA ILE A 22 -1.77 12.80 -3.76
C ILE A 22 -2.34 13.34 -5.06
N LYS A 23 -2.93 12.45 -5.84
CA LYS A 23 -3.48 12.86 -7.13
C LYS A 23 -4.41 14.07 -6.99
N ARG A 24 -5.14 14.14 -5.86
CA ARG A 24 -6.02 15.29 -5.63
C ARG A 24 -5.14 16.50 -5.36
N GLU A 25 -4.10 16.26 -4.57
CA GLU A 25 -3.13 17.29 -4.22
C GLU A 25 -2.33 17.67 -5.44
N ASN A 26 -2.44 16.83 -6.49
CA ASN A 26 -1.76 17.07 -7.74
C ASN A 26 -2.56 16.47 -8.89
N PRO A 27 -3.64 17.15 -9.31
CA PRO A 27 -4.52 16.66 -10.38
C PRO A 27 -3.90 16.78 -11.77
N GLY A 28 -2.62 16.42 -11.88
CA GLY A 28 -1.94 16.49 -13.15
C GLY A 28 -0.67 15.68 -13.17
N ILE A 29 -0.52 14.77 -12.20
CA ILE A 29 0.65 13.93 -12.13
C ILE A 29 0.43 12.61 -12.85
N LYS A 30 1.12 11.58 -12.40
CA LYS A 30 1.04 10.27 -12.99
C LYS A 30 1.29 9.22 -11.93
N VAL A 31 0.70 8.08 -12.17
CA VAL A 31 0.81 6.92 -11.32
C VAL A 31 2.21 6.79 -10.69
N THR A 32 3.21 7.18 -11.46
CA THR A 32 4.61 7.09 -11.02
C THR A 32 5.05 8.26 -10.16
N GLU A 33 4.40 9.40 -10.32
CA GLU A 33 4.74 10.57 -9.52
C GLU A 33 4.18 10.42 -8.11
N ILE A 34 3.02 9.77 -8.04
CA ILE A 34 2.36 9.55 -6.76
C ILE A 34 3.23 8.66 -5.89
N ALA A 35 3.75 7.62 -6.51
CA ALA A 35 4.57 6.67 -5.81
C ALA A 35 5.93 7.23 -5.44
N LYS A 36 6.36 8.27 -6.15
CA LYS A 36 7.67 8.86 -5.90
C LYS A 36 7.60 10.02 -4.92
N LYS A 37 6.78 11.00 -5.25
CA LYS A 37 6.62 12.18 -4.40
C LYS A 37 5.81 11.84 -3.16
N GLY A 38 5.24 10.65 -3.13
CA GLY A 38 4.50 10.26 -1.97
C GLY A 38 5.45 9.63 -0.97
N GLY A 39 6.38 8.88 -1.50
CA GLY A 39 7.37 8.22 -0.68
C GLY A 39 8.16 9.21 0.15
N GLU A 40 8.48 10.35 -0.45
CA GLU A 40 9.22 11.38 0.25
C GLU A 40 8.46 11.83 1.50
N MET A 41 7.15 12.01 1.35
CA MET A 41 6.30 12.43 2.45
C MET A 41 6.04 11.26 3.40
N TRP A 42 5.94 10.07 2.81
CA TRP A 42 5.67 8.86 3.53
C TRP A 42 6.79 8.53 4.52
N LYS A 43 8.02 8.43 4.02
CA LYS A 43 9.17 8.11 4.86
C LYS A 43 9.29 9.04 6.07
N GLU A 44 8.68 10.22 5.99
CA GLU A 44 8.74 11.19 7.08
C GLU A 44 7.39 11.40 7.76
N LEU A 45 6.41 10.55 7.44
CA LEU A 45 5.08 10.67 8.03
C LEU A 45 4.90 9.69 9.19
N LYS A 46 4.13 10.10 10.20
CA LYS A 46 3.88 9.28 11.37
C LYS A 46 3.17 7.99 10.98
N ASP A 47 1.90 8.09 10.64
CA ASP A 47 1.07 6.93 10.26
C ASP A 47 1.85 5.77 9.64
N LYS A 48 2.99 6.03 9.01
CA LYS A 48 3.77 4.97 8.41
C LYS A 48 4.24 4.00 9.48
N SER A 49 4.50 4.52 10.66
CA SER A 49 4.90 3.67 11.76
C SER A 49 3.68 2.88 12.21
N LYS A 50 2.52 3.50 12.05
CA LYS A 50 1.24 2.91 12.44
C LYS A 50 0.53 2.27 11.25
N TRP A 51 1.10 2.38 10.06
CA TRP A 51 0.50 1.82 8.85
C TRP A 51 1.44 0.82 8.19
N GLU A 52 2.73 1.13 8.20
CA GLU A 52 3.72 0.24 7.61
C GLU A 52 3.54 -1.18 8.12
N ASP A 53 3.14 -1.27 9.38
CA ASP A 53 2.92 -2.55 9.99
C ASP A 53 1.72 -3.22 9.40
N ALA A 54 0.76 -2.43 8.94
CA ALA A 54 -0.41 -3.00 8.29
C ALA A 54 0.06 -3.86 7.15
N ALA A 55 0.99 -3.32 6.35
CA ALA A 55 1.54 -4.01 5.20
C ALA A 55 2.12 -5.37 5.59
N ALA A 56 2.96 -5.37 6.63
CA ALA A 56 3.57 -6.60 7.10
C ALA A 56 2.52 -7.49 7.76
N LYS A 57 1.41 -6.88 8.16
CA LYS A 57 0.31 -7.59 8.79
C LYS A 57 -0.58 -8.22 7.74
N ASP A 58 -0.80 -7.49 6.64
CA ASP A 58 -1.63 -8.00 5.57
C ASP A 58 -0.87 -9.01 4.73
N LYS A 59 0.43 -8.79 4.56
CA LYS A 59 1.25 -9.71 3.79
C LYS A 59 1.32 -11.04 4.51
N GLN A 60 1.43 -10.94 5.81
CA GLN A 60 1.50 -12.09 6.68
C GLN A 60 0.15 -12.76 6.76
N ARG A 61 -0.90 -11.94 6.86
CA ARG A 61 -2.25 -12.46 6.96
C ARG A 61 -2.79 -12.94 5.61
N TYR A 62 -2.11 -12.59 4.54
CA TYR A 62 -2.56 -12.98 3.21
C TYR A 62 -1.93 -14.30 2.86
N HIS A 63 -0.64 -14.39 3.08
CA HIS A 63 0.13 -15.58 2.86
C HIS A 63 -0.23 -16.58 3.95
N ASP A 64 -0.91 -16.08 4.97
CA ASP A 64 -1.33 -16.88 6.10
C ASP A 64 -2.52 -17.73 5.74
N GLU A 65 -3.16 -17.47 4.59
CA GLU A 65 -4.32 -18.23 4.25
C GLU A 65 -4.73 -17.99 2.82
N MET A 66 -4.51 -16.79 2.33
CA MET A 66 -4.87 -16.45 0.99
C MET A 66 -3.60 -16.35 0.14
N ARG A 67 -2.51 -16.88 0.69
CA ARG A 67 -1.22 -16.87 0.01
C ARG A 67 -1.44 -17.15 -1.44
N ASN A 68 -2.04 -18.29 -1.69
CA ASN A 68 -2.31 -18.73 -3.06
C ASN A 68 -3.66 -18.21 -3.56
N TYR A 69 -4.67 -18.31 -2.72
CA TYR A 69 -6.02 -17.86 -3.06
C TYR A 69 -6.48 -18.46 -4.39
N LYS A 70 -7.71 -18.16 -4.78
CA LYS A 70 -8.27 -18.67 -6.04
C LYS A 70 -7.96 -17.72 -7.20
N PRO A 71 -7.11 -18.15 -8.14
CA PRO A 71 -6.75 -17.33 -9.30
C PRO A 71 -7.97 -16.80 -10.04
N GLU A 72 -8.42 -15.60 -9.64
CA GLU A 72 -9.59 -14.97 -10.27
C GLU A 72 -10.84 -15.80 -10.03
N ALA A 73 -11.01 -16.87 -10.81
CA ALA A 73 -12.16 -17.74 -10.69
C ALA A 73 -11.86 -19.14 -11.19
N SER A 1 -10.11 -14.27 -10.95
CA SER A 1 -10.82 -14.22 -9.68
C SER A 1 -9.89 -14.57 -8.52
N HIS A 2 -9.58 -13.56 -7.69
CA HIS A 2 -8.70 -13.77 -6.55
C HIS A 2 -8.69 -12.54 -5.65
N MET A 3 -9.13 -12.72 -4.40
CA MET A 3 -9.17 -11.63 -3.44
C MET A 3 -7.84 -11.47 -2.72
N PRO A 4 -7.28 -12.58 -2.19
CA PRO A 4 -6.00 -12.56 -1.47
C PRO A 4 -4.81 -12.56 -2.42
N LYS A 5 -4.83 -11.65 -3.39
CA LYS A 5 -3.75 -11.54 -4.37
C LYS A 5 -2.58 -10.75 -3.80
N ARG A 6 -2.18 -11.10 -2.58
CA ARG A 6 -1.09 -10.43 -1.90
C ARG A 6 -1.58 -9.14 -1.28
N ALA A 7 -0.97 -8.75 -0.19
CA ALA A 7 -1.38 -7.56 0.52
C ALA A 7 -0.65 -6.30 0.08
N THR A 8 -0.88 -5.23 0.84
CA THR A 8 -0.31 -3.92 0.53
C THR A 8 0.96 -3.62 1.31
N THR A 9 2.06 -3.38 0.60
CA THR A 9 3.32 -3.02 1.24
C THR A 9 3.13 -1.74 2.03
N ALA A 10 3.97 -1.55 3.03
CA ALA A 10 3.91 -0.35 3.85
C ALA A 10 3.69 0.85 2.96
N PHE A 11 4.41 0.87 1.85
CA PHE A 11 4.35 1.96 0.89
C PHE A 11 3.05 1.95 0.09
N MET A 12 2.52 0.77 -0.17
CA MET A 12 1.30 0.66 -0.94
C MET A 12 0.12 1.01 -0.06
N LEU A 13 -0.09 0.24 0.99
CA LEU A 13 -1.19 0.47 1.89
C LEU A 13 -1.26 1.91 2.34
N TRP A 14 -0.13 2.59 2.32
CA TRP A 14 -0.09 3.99 2.70
C TRP A 14 -0.31 4.83 1.46
N LEU A 15 0.40 4.49 0.40
CA LEU A 15 0.24 5.21 -0.84
C LEU A 15 -1.13 4.94 -1.39
N ASN A 16 -1.85 4.02 -0.78
CA ASN A 16 -3.18 3.67 -1.24
C ASN A 16 -4.20 4.69 -0.71
N ASP A 17 -4.13 4.86 0.59
CA ASP A 17 -4.95 5.81 1.29
C ASP A 17 -4.49 7.21 0.99
N THR A 18 -3.21 7.34 0.66
CA THR A 18 -2.64 8.63 0.35
C THR A 18 -2.48 8.80 -1.15
N ARG A 19 -2.40 7.69 -1.89
CA ARG A 19 -2.27 7.80 -3.35
C ARG A 19 -3.36 8.67 -3.85
N GLU A 20 -4.48 8.54 -3.18
CA GLU A 20 -5.62 9.38 -3.52
C GLU A 20 -5.30 10.83 -3.17
N SER A 21 -4.62 10.98 -2.03
CA SER A 21 -4.25 12.29 -1.51
C SER A 21 -3.17 12.95 -2.34
N ILE A 22 -2.36 12.13 -2.99
CA ILE A 22 -1.27 12.60 -3.81
C ILE A 22 -1.80 13.28 -5.05
N LYS A 23 -2.83 12.71 -5.64
CA LYS A 23 -3.42 13.29 -6.82
C LYS A 23 -4.18 14.57 -6.46
N ARG A 24 -4.62 14.66 -5.20
CA ARG A 24 -5.33 15.87 -4.74
C ARG A 24 -4.35 17.04 -4.69
N GLU A 25 -3.25 16.81 -3.98
CA GLU A 25 -2.20 17.80 -3.82
C GLU A 25 -1.54 18.05 -5.18
N ASN A 26 -1.83 17.17 -6.13
CA ASN A 26 -1.30 17.30 -7.47
C ASN A 26 -2.29 16.72 -8.49
N PRO A 27 -3.35 17.50 -8.83
CA PRO A 27 -4.38 17.05 -9.77
C PRO A 27 -3.92 17.09 -11.23
N GLY A 28 -2.73 16.58 -11.48
CA GLY A 28 -2.20 16.55 -12.83
C GLY A 28 -0.96 15.69 -12.94
N ILE A 29 -0.75 14.82 -11.96
CA ILE A 29 0.41 13.95 -11.96
C ILE A 29 0.11 12.64 -12.66
N LYS A 30 0.78 11.60 -12.21
CA LYS A 30 0.64 10.30 -12.78
C LYS A 30 1.03 9.26 -11.75
N VAL A 31 0.48 8.09 -11.93
CA VAL A 31 0.74 6.95 -11.08
C VAL A 31 2.19 6.89 -10.59
N THR A 32 3.09 7.36 -11.43
CA THR A 32 4.52 7.34 -11.13
C THR A 32 4.96 8.49 -10.22
N GLU A 33 4.23 9.60 -10.28
CA GLU A 33 4.55 10.74 -9.42
C GLU A 33 3.90 10.53 -8.06
N ILE A 34 2.87 9.69 -8.04
CA ILE A 34 2.17 9.39 -6.81
C ILE A 34 3.06 8.53 -5.92
N ALA A 35 3.62 7.50 -6.54
CA ALA A 35 4.49 6.58 -5.84
C ALA A 35 5.84 7.20 -5.49
N LYS A 36 6.24 8.23 -6.23
CA LYS A 36 7.53 8.88 -5.99
C LYS A 36 7.39 10.08 -5.05
N LYS A 37 6.50 11.00 -5.41
CA LYS A 37 6.28 12.18 -4.61
C LYS A 37 5.63 11.84 -3.27
N GLY A 38 5.14 10.62 -3.16
CA GLY A 38 4.54 10.20 -1.92
C GLY A 38 5.58 9.60 -1.00
N GLY A 39 6.42 8.75 -1.56
CA GLY A 39 7.47 8.12 -0.77
C GLY A 39 8.25 9.14 0.04
N GLU A 40 8.55 10.27 -0.60
CA GLU A 40 9.28 11.33 0.08
C GLU A 40 8.56 11.76 1.35
N MET A 41 7.25 11.91 1.26
CA MET A 41 6.43 12.31 2.39
C MET A 41 6.24 11.15 3.36
N TRP A 42 6.14 9.96 2.78
CA TRP A 42 5.94 8.75 3.54
C TRP A 42 7.11 8.48 4.48
N LYS A 43 8.32 8.40 3.94
CA LYS A 43 9.50 8.16 4.75
C LYS A 43 9.59 9.12 5.94
N GLU A 44 8.96 10.29 5.81
CA GLU A 44 8.99 11.29 6.88
C GLU A 44 7.59 11.52 7.46
N LEU A 45 6.84 10.44 7.65
CA LEU A 45 5.49 10.54 8.20
C LEU A 45 5.29 9.58 9.38
N LYS A 46 4.55 10.03 10.39
CA LYS A 46 4.29 9.24 11.60
C LYS A 46 3.03 8.39 11.47
N ASP A 47 2.62 8.17 10.23
CA ASP A 47 1.47 7.35 9.93
C ASP A 47 1.96 6.03 9.35
N LYS A 48 3.24 6.02 8.96
CA LYS A 48 3.87 4.84 8.39
C LYS A 48 4.19 3.84 9.48
N SER A 49 4.41 4.33 10.69
CA SER A 49 4.67 3.43 11.80
C SER A 49 3.40 2.68 12.14
N LYS A 50 2.27 3.34 11.86
CA LYS A 50 0.97 2.75 12.11
C LYS A 50 0.37 2.14 10.85
N TRP A 51 0.93 2.52 9.69
CA TRP A 51 0.46 2.01 8.41
C TRP A 51 1.39 0.91 7.87
N GLU A 52 2.69 1.15 7.92
CA GLU A 52 3.66 0.18 7.44
C GLU A 52 3.38 -1.18 8.07
N ASP A 53 2.87 -1.15 9.28
CA ASP A 53 2.56 -2.38 9.98
C ASP A 53 1.37 -3.06 9.37
N ALA A 54 0.45 -2.27 8.83
CA ALA A 54 -0.69 -2.85 8.17
C ALA A 54 -0.19 -3.80 7.10
N ALA A 55 0.79 -3.33 6.32
CA ALA A 55 1.37 -4.12 5.24
C ALA A 55 1.92 -5.44 5.77
N ALA A 56 2.72 -5.36 6.83
CA ALA A 56 3.29 -6.56 7.44
C ALA A 56 2.18 -7.41 8.07
N LYS A 57 1.03 -6.79 8.27
CA LYS A 57 -0.12 -7.45 8.87
C LYS A 57 -1.01 -8.09 7.81
N ASP A 58 -1.21 -7.41 6.69
CA ASP A 58 -2.06 -7.93 5.64
C ASP A 58 -1.31 -8.90 4.74
N LYS A 59 -0.04 -8.62 4.46
CA LYS A 59 0.75 -9.51 3.61
C LYS A 59 0.97 -10.83 4.32
N GLN A 60 1.37 -10.74 5.57
CA GLN A 60 1.62 -11.89 6.39
C GLN A 60 0.30 -12.59 6.70
N ARG A 61 -0.80 -11.85 6.64
CA ARG A 61 -2.08 -12.46 6.91
C ARG A 61 -2.70 -13.01 5.63
N TYR A 62 -2.18 -12.59 4.50
CA TYR A 62 -2.68 -13.04 3.22
C TYR A 62 -2.01 -14.35 2.87
N HIS A 63 -0.70 -14.36 3.08
CA HIS A 63 0.09 -15.52 2.84
C HIS A 63 -0.18 -16.54 3.93
N ASP A 64 -0.55 -16.03 5.10
CA ASP A 64 -0.81 -16.87 6.22
C ASP A 64 -1.95 -17.82 5.96
N GLU A 65 -2.62 -17.68 4.81
CA GLU A 65 -3.70 -18.56 4.56
C GLU A 65 -4.12 -18.50 3.11
N MET A 66 -3.91 -17.37 2.50
CA MET A 66 -4.30 -17.15 1.13
C MET A 66 -3.10 -16.80 0.27
N ARG A 67 -1.88 -17.05 0.76
CA ARG A 67 -0.68 -16.72 -0.03
C ARG A 67 -0.90 -17.16 -1.45
N ASN A 68 -1.39 -18.38 -1.60
CA ASN A 68 -1.60 -18.94 -2.93
C ASN A 68 -3.09 -19.17 -3.22
N TYR A 69 -3.96 -18.52 -2.48
CA TYR A 69 -5.40 -18.66 -2.67
C TYR A 69 -5.78 -18.54 -4.15
N LYS A 70 -4.99 -17.78 -4.90
CA LYS A 70 -5.24 -17.59 -6.33
C LYS A 70 -5.41 -18.93 -7.05
N PRO A 71 -6.64 -19.27 -7.44
CA PRO A 71 -6.91 -20.54 -8.15
C PRO A 71 -6.39 -20.53 -9.58
N GLU A 72 -6.63 -21.63 -10.29
CA GLU A 72 -6.19 -21.76 -11.67
C GLU A 72 -4.66 -21.71 -11.77
N ALA A 73 -4.11 -20.51 -11.71
CA ALA A 73 -2.66 -20.33 -11.79
C ALA A 73 -2.27 -18.87 -11.60
N SER A 1 -11.20 -7.90 -4.73
CA SER A 1 -10.88 -9.10 -5.47
C SER A 1 -11.74 -10.28 -4.99
N HIS A 2 -11.85 -11.30 -5.82
CA HIS A 2 -12.64 -12.48 -5.49
C HIS A 2 -11.81 -13.48 -4.68
N MET A 3 -10.69 -13.89 -5.24
CA MET A 3 -9.81 -14.85 -4.57
C MET A 3 -8.82 -14.12 -3.66
N PRO A 4 -8.16 -14.87 -2.75
CA PRO A 4 -7.19 -14.29 -1.81
C PRO A 4 -6.00 -13.67 -2.54
N LYS A 5 -5.68 -12.42 -2.18
CA LYS A 5 -4.58 -11.70 -2.80
C LYS A 5 -3.26 -12.02 -2.08
N ARG A 6 -2.40 -11.02 -1.94
CA ARG A 6 -1.12 -11.22 -1.27
C ARG A 6 -0.74 -10.02 -0.39
N ALA A 7 -1.71 -9.16 -0.11
CA ALA A 7 -1.50 -7.99 0.76
C ALA A 7 -0.79 -6.82 0.08
N THR A 8 -0.81 -5.69 0.78
CA THR A 8 -0.23 -4.44 0.30
C THR A 8 1.00 -3.99 1.12
N THR A 9 2.06 -3.54 0.42
CA THR A 9 3.28 -3.09 1.07
C THR A 9 3.05 -1.81 1.85
N ALA A 10 3.88 -1.61 2.86
CA ALA A 10 3.81 -0.43 3.70
C ALA A 10 3.64 0.78 2.81
N PHE A 11 4.43 0.82 1.77
CA PHE A 11 4.42 1.92 0.80
C PHE A 11 3.14 1.92 -0.01
N MET A 12 2.59 0.74 -0.22
CA MET A 12 1.39 0.62 -1.01
C MET A 12 0.19 0.96 -0.16
N LEU A 13 -0.06 0.16 0.87
CA LEU A 13 -1.22 0.37 1.71
C LEU A 13 -1.32 1.82 2.18
N TRP A 14 -0.19 2.49 2.34
CA TRP A 14 -0.21 3.88 2.78
C TRP A 14 -0.39 4.77 1.57
N LEU A 15 0.34 4.46 0.52
CA LEU A 15 0.24 5.21 -0.71
C LEU A 15 -1.14 5.05 -1.28
N ASN A 16 -1.84 4.05 -0.81
CA ASN A 16 -3.18 3.77 -1.28
C ASN A 16 -4.15 4.81 -0.75
N ASP A 17 -4.08 4.97 0.56
CA ASP A 17 -4.88 5.93 1.26
C ASP A 17 -4.35 7.32 1.04
N THR A 18 -3.07 7.43 0.70
CA THR A 18 -2.47 8.71 0.46
C THR A 18 -2.31 8.96 -1.03
N ARG A 19 -2.28 7.89 -1.83
CA ARG A 19 -2.15 8.06 -3.28
C ARG A 19 -3.26 8.96 -3.70
N GLU A 20 -4.38 8.76 -3.04
CA GLU A 20 -5.53 9.62 -3.30
C GLU A 20 -5.18 11.04 -2.87
N SER A 21 -4.47 11.11 -1.75
CA SER A 21 -4.06 12.39 -1.15
C SER A 21 -2.98 13.10 -1.97
N ILE A 22 -2.34 12.35 -2.83
CA ILE A 22 -1.26 12.87 -3.66
C ILE A 22 -1.78 13.49 -4.94
N LYS A 23 -2.71 12.81 -5.59
CA LYS A 23 -3.26 13.33 -6.83
C LYS A 23 -4.06 14.58 -6.55
N ARG A 24 -4.67 14.65 -5.37
CA ARG A 24 -5.44 15.84 -4.98
C ARG A 24 -4.45 16.97 -4.71
N GLU A 25 -3.40 16.62 -3.99
CA GLU A 25 -2.33 17.56 -3.68
C GLU A 25 -1.55 17.87 -4.95
N ASN A 26 -1.77 17.05 -5.97
CA ASN A 26 -1.12 17.22 -7.26
C ASN A 26 -2.09 16.83 -8.37
N PRO A 27 -3.08 17.70 -8.67
CA PRO A 27 -4.09 17.43 -9.69
C PRO A 27 -3.57 17.55 -11.12
N GLY A 28 -2.39 17.01 -11.37
CA GLY A 28 -1.81 17.06 -12.70
C GLY A 28 -0.60 16.16 -12.84
N ILE A 29 -0.49 15.16 -11.97
CA ILE A 29 0.62 14.25 -12.00
C ILE A 29 0.31 13.00 -12.80
N LYS A 30 0.93 11.90 -12.41
CA LYS A 30 0.77 10.65 -13.05
C LYS A 30 0.93 9.53 -12.03
N VAL A 31 0.25 8.45 -12.31
CA VAL A 31 0.27 7.26 -11.48
C VAL A 31 1.64 7.00 -10.85
N THR A 32 2.69 7.34 -11.60
CA THR A 32 4.06 7.11 -11.16
C THR A 32 4.60 8.24 -10.28
N GLU A 33 4.01 9.43 -10.39
CA GLU A 33 4.43 10.55 -9.57
C GLU A 33 3.92 10.34 -8.15
N ILE A 34 2.75 9.75 -8.05
CA ILE A 34 2.14 9.47 -6.77
C ILE A 34 3.05 8.57 -5.96
N ALA A 35 3.57 7.57 -6.64
CA ALA A 35 4.44 6.59 -6.02
C ALA A 35 5.78 7.19 -5.60
N LYS A 36 6.23 8.23 -6.30
CA LYS A 36 7.53 8.84 -5.98
C LYS A 36 7.38 9.98 -4.97
N LYS A 37 6.50 10.92 -5.26
CA LYS A 37 6.27 12.06 -4.38
C LYS A 37 5.62 11.61 -3.07
N GLY A 38 5.18 10.36 -3.03
CA GLY A 38 4.58 9.86 -1.83
C GLY A 38 5.63 9.29 -0.90
N GLY A 39 6.53 8.51 -1.47
CA GLY A 39 7.60 7.92 -0.69
C GLY A 39 8.35 8.95 0.10
N GLU A 40 8.64 10.08 -0.54
CA GLU A 40 9.36 11.17 0.13
C GLU A 40 8.63 11.59 1.40
N MET A 41 7.32 11.76 1.28
CA MET A 41 6.49 12.16 2.42
C MET A 41 6.30 10.99 3.38
N TRP A 42 6.17 9.81 2.80
CA TRP A 42 5.96 8.60 3.55
C TRP A 42 7.10 8.35 4.53
N LYS A 43 8.34 8.37 4.02
CA LYS A 43 9.51 8.15 4.86
C LYS A 43 9.53 9.11 6.06
N GLU A 44 8.85 10.25 5.92
CA GLU A 44 8.80 11.25 6.99
C GLU A 44 7.37 11.47 7.47
N LEU A 45 6.63 10.38 7.67
CA LEU A 45 5.26 10.46 8.12
C LEU A 45 4.99 9.50 9.29
N LYS A 46 4.19 9.97 10.27
CA LYS A 46 3.87 9.16 11.46
C LYS A 46 2.61 8.33 11.26
N ASP A 47 2.23 8.18 10.01
CA ASP A 47 1.09 7.37 9.64
C ASP A 47 1.60 6.04 9.09
N LYS A 48 2.91 6.00 8.84
CA LYS A 48 3.57 4.82 8.31
C LYS A 48 3.81 3.82 9.43
N SER A 49 3.92 4.29 10.66
CA SER A 49 4.10 3.39 11.78
C SER A 49 2.79 2.64 11.97
N LYS A 50 1.70 3.33 11.62
CA LYS A 50 0.36 2.76 11.74
C LYS A 50 -0.12 2.20 10.40
N TRP A 51 0.54 2.60 9.31
CA TRP A 51 0.17 2.13 7.98
C TRP A 51 1.11 1.02 7.51
N GLU A 52 2.40 1.21 7.73
CA GLU A 52 3.39 0.22 7.35
C GLU A 52 3.08 -1.10 8.04
N ASP A 53 2.50 -1.00 9.22
CA ASP A 53 2.15 -2.17 9.99
C ASP A 53 1.04 -2.92 9.30
N ALA A 54 0.18 -2.20 8.58
CA ALA A 54 -0.88 -2.86 7.85
C ALA A 54 -0.26 -3.79 6.82
N ALA A 55 0.80 -3.30 6.19
CA ALA A 55 1.51 -4.06 5.16
C ALA A 55 2.10 -5.36 5.71
N ALA A 56 2.78 -5.27 6.85
CA ALA A 56 3.38 -6.45 7.46
C ALA A 56 2.29 -7.33 8.06
N LYS A 57 1.21 -6.70 8.48
CA LYS A 57 0.09 -7.42 9.08
C LYS A 57 -0.74 -8.10 8.00
N ASP A 58 -0.84 -7.44 6.84
CA ASP A 58 -1.62 -8.00 5.74
C ASP A 58 -0.79 -8.95 4.90
N LYS A 59 0.52 -8.71 4.82
CA LYS A 59 1.42 -9.57 4.05
C LYS A 59 1.55 -10.91 4.74
N GLN A 60 1.78 -10.85 6.04
CA GLN A 60 1.93 -12.03 6.85
C GLN A 60 0.59 -12.75 6.97
N ARG A 61 -0.49 -11.98 6.98
CA ARG A 61 -1.80 -12.55 7.10
C ARG A 61 -2.35 -13.01 5.77
N TYR A 62 -1.80 -12.52 4.68
CA TYR A 62 -2.27 -12.89 3.36
C TYR A 62 -1.53 -14.10 2.88
N HIS A 63 -0.24 -14.11 3.13
CA HIS A 63 0.56 -15.23 2.74
C HIS A 63 0.16 -16.42 3.64
N ASP A 64 -0.30 -16.06 4.85
CA ASP A 64 -0.70 -17.02 5.84
C ASP A 64 -2.07 -17.59 5.56
N GLU A 65 -2.77 -17.02 4.59
CA GLU A 65 -4.09 -17.49 4.28
C GLU A 65 -4.37 -17.35 2.81
N MET A 66 -4.02 -16.19 2.26
CA MET A 66 -4.24 -15.94 0.87
C MET A 66 -3.08 -16.41 0.02
N ARG A 67 -2.34 -17.38 0.54
CA ARG A 67 -1.26 -17.99 -0.20
C ARG A 67 -1.31 -19.45 0.21
N ASN A 68 -1.24 -19.61 1.53
CA ASN A 68 -1.32 -20.90 2.15
C ASN A 68 -2.34 -21.67 1.38
N TYR A 69 -3.52 -21.06 1.20
CA TYR A 69 -4.57 -21.72 0.49
C TYR A 69 -4.16 -22.00 -0.96
N LYS A 70 -3.75 -20.95 -1.67
CA LYS A 70 -3.33 -21.08 -3.06
C LYS A 70 -2.18 -22.07 -3.20
N PRO A 71 -2.15 -22.85 -4.29
CA PRO A 71 -1.10 -23.84 -4.53
C PRO A 71 0.24 -23.18 -4.89
N GLU A 72 0.19 -22.20 -5.78
CA GLU A 72 1.39 -21.49 -6.20
C GLU A 72 1.06 -20.06 -6.62
N ALA A 73 2.07 -19.35 -7.13
CA ALA A 73 1.89 -17.98 -7.56
C ALA A 73 1.51 -17.90 -9.03
N SER A 1 -15.96 -9.58 -1.32
CA SER A 1 -15.57 -10.29 -2.53
C SER A 1 -14.10 -10.02 -2.86
N HIS A 2 -13.30 -9.81 -1.82
CA HIS A 2 -11.87 -9.55 -1.99
C HIS A 2 -11.11 -10.83 -2.27
N MET A 3 -9.90 -10.70 -2.80
CA MET A 3 -9.07 -11.85 -3.11
C MET A 3 -7.69 -11.73 -2.46
N PRO A 4 -7.09 -12.85 -2.03
CA PRO A 4 -5.77 -12.86 -1.40
C PRO A 4 -4.64 -12.69 -2.41
N LYS A 5 -4.62 -11.57 -3.10
CA LYS A 5 -3.57 -11.29 -4.08
C LYS A 5 -2.35 -10.70 -3.38
N ARG A 6 -1.91 -11.38 -2.32
CA ARG A 6 -0.78 -10.94 -1.53
C ARG A 6 -1.24 -9.91 -0.51
N ALA A 7 -0.56 -8.79 -0.43
CA ALA A 7 -0.96 -7.77 0.52
C ALA A 7 -0.34 -6.42 0.18
N THR A 8 -0.87 -5.38 0.81
CA THR A 8 -0.44 -4.01 0.56
C THR A 8 0.80 -3.63 1.37
N THR A 9 1.88 -3.30 0.68
CA THR A 9 3.13 -2.89 1.32
C THR A 9 2.93 -1.60 2.08
N ALA A 10 3.78 -1.38 3.08
CA ALA A 10 3.73 -0.17 3.86
C ALA A 10 3.61 1.02 2.92
N PHE A 11 4.38 0.99 1.84
CA PHE A 11 4.36 2.06 0.88
C PHE A 11 3.05 2.10 0.11
N MET A 12 2.49 0.94 -0.13
CA MET A 12 1.25 0.85 -0.88
C MET A 12 0.08 1.26 0.00
N LEU A 13 -0.11 0.53 1.08
CA LEU A 13 -1.23 0.79 1.99
C LEU A 13 -1.32 2.25 2.45
N TRP A 14 -0.21 2.98 2.35
CA TRP A 14 -0.20 4.39 2.75
C TRP A 14 -0.39 5.22 1.50
N LEU A 15 0.34 4.84 0.47
CA LEU A 15 0.22 5.50 -0.80
C LEU A 15 -1.18 5.27 -1.32
N ASN A 16 -1.86 4.30 -0.74
CA ASN A 16 -3.20 3.99 -1.13
C ASN A 16 -4.16 5.05 -0.61
N ASP A 17 -4.07 5.26 0.69
CA ASP A 17 -4.85 6.25 1.37
C ASP A 17 -4.33 7.65 1.15
N THR A 18 -3.04 7.76 0.88
CA THR A 18 -2.44 9.07 0.66
C THR A 18 -2.20 9.36 -0.80
N ARG A 19 -1.97 8.32 -1.63
CA ARG A 19 -1.76 8.59 -3.05
C ARG A 19 -2.99 9.24 -3.58
N GLU A 20 -4.12 8.89 -2.97
CA GLU A 20 -5.34 9.57 -3.36
C GLU A 20 -5.14 11.05 -2.99
N SER A 21 -4.57 11.26 -1.80
CA SER A 21 -4.29 12.59 -1.30
C SER A 21 -3.22 13.32 -2.12
N ILE A 22 -2.51 12.55 -2.93
CA ILE A 22 -1.45 13.08 -3.77
C ILE A 22 -1.99 13.62 -5.07
N LYS A 23 -2.95 12.89 -5.63
CA LYS A 23 -3.53 13.30 -6.88
C LYS A 23 -4.37 14.56 -6.67
N ARG A 24 -4.96 14.67 -5.47
CA ARG A 24 -5.76 15.84 -5.13
C ARG A 24 -4.83 17.00 -4.83
N GLU A 25 -3.80 16.70 -4.04
CA GLU A 25 -2.78 17.68 -3.68
C GLU A 25 -1.99 18.07 -4.92
N ASN A 26 -2.20 17.28 -5.98
CA ASN A 26 -1.55 17.51 -7.26
C ASN A 26 -2.45 16.99 -8.38
N PRO A 27 -3.55 17.70 -8.66
CA PRO A 27 -4.53 17.30 -9.69
C PRO A 27 -3.98 17.37 -11.11
N GLY A 28 -2.74 16.93 -11.29
CA GLY A 28 -2.14 16.94 -12.61
C GLY A 28 -0.92 16.06 -12.69
N ILE A 29 -0.75 15.15 -11.73
CA ILE A 29 0.38 14.26 -11.73
C ILE A 29 0.08 12.98 -12.49
N LYS A 30 0.66 11.89 -12.04
CA LYS A 30 0.50 10.63 -12.66
C LYS A 30 0.93 9.54 -11.72
N VAL A 31 0.38 8.37 -11.96
CA VAL A 31 0.66 7.18 -11.18
C VAL A 31 2.12 7.10 -10.71
N THR A 32 3.01 7.61 -11.54
CA THR A 32 4.45 7.58 -11.26
C THR A 32 4.90 8.71 -10.35
N GLU A 33 4.20 9.84 -10.39
CA GLU A 33 4.53 10.97 -9.53
C GLU A 33 3.87 10.78 -8.17
N ILE A 34 2.88 9.90 -8.14
CA ILE A 34 2.17 9.59 -6.91
C ILE A 34 3.01 8.69 -6.05
N ALA A 35 3.49 7.62 -6.65
CA ALA A 35 4.31 6.65 -5.95
C ALA A 35 5.70 7.22 -5.66
N LYS A 36 6.11 8.23 -6.42
CA LYS A 36 7.43 8.83 -6.22
C LYS A 36 7.38 10.02 -5.28
N LYS A 37 6.50 10.97 -5.58
CA LYS A 37 6.36 12.15 -4.74
C LYS A 37 5.76 11.79 -3.38
N GLY A 38 5.26 10.57 -3.26
CA GLY A 38 4.70 10.14 -2.02
C GLY A 38 5.76 9.51 -1.14
N GLY A 39 6.60 8.68 -1.74
CA GLY A 39 7.66 8.02 -1.01
C GLY A 39 8.53 9.00 -0.26
N GLU A 40 8.86 10.10 -0.93
CA GLU A 40 9.68 11.14 -0.32
C GLU A 40 9.06 11.62 0.99
N MET A 41 7.78 11.90 0.94
CA MET A 41 7.02 12.38 2.09
C MET A 41 6.72 11.22 3.04
N TRP A 42 6.50 10.06 2.46
CA TRP A 42 6.21 8.86 3.21
C TRP A 42 7.35 8.49 4.15
N LYS A 43 8.55 8.33 3.60
CA LYS A 43 9.72 7.96 4.40
C LYS A 43 9.84 8.80 5.68
N GLU A 44 9.29 10.01 5.65
CA GLU A 44 9.35 10.89 6.82
C GLU A 44 7.97 11.16 7.40
N LEU A 45 7.15 10.11 7.49
CA LEU A 45 5.81 10.26 8.04
C LEU A 45 5.58 9.31 9.22
N LYS A 46 4.85 9.78 10.24
CA LYS A 46 4.58 8.99 11.43
C LYS A 46 3.29 8.18 11.30
N ASP A 47 2.87 7.99 10.07
CA ASP A 47 1.68 7.22 9.77
C ASP A 47 2.11 5.88 9.18
N LYS A 48 3.38 5.82 8.76
CA LYS A 48 3.94 4.61 8.18
C LYS A 48 4.21 3.59 9.28
N SER A 49 4.36 4.08 10.50
CA SER A 49 4.56 3.21 11.64
C SER A 49 3.22 2.59 11.99
N LYS A 50 2.16 3.36 11.71
CA LYS A 50 0.80 2.91 11.97
C LYS A 50 0.22 2.22 10.74
N TRP A 51 0.78 2.53 9.56
CA TRP A 51 0.31 1.93 8.32
C TRP A 51 1.09 0.67 7.99
N GLU A 52 2.40 0.69 8.22
CA GLU A 52 3.25 -0.48 7.96
C GLU A 52 2.60 -1.72 8.52
N ASP A 53 1.94 -1.55 9.65
CA ASP A 53 1.29 -2.68 10.30
C ASP A 53 0.25 -3.24 9.38
N ALA A 54 -0.43 -2.39 8.64
CA ALA A 54 -1.39 -2.87 7.68
C ALA A 54 -0.67 -3.86 6.78
N ALA A 55 0.49 -3.43 6.29
CA ALA A 55 1.30 -4.22 5.37
C ALA A 55 1.81 -5.53 5.97
N ALA A 56 2.57 -5.43 7.07
CA ALA A 56 3.11 -6.63 7.72
C ALA A 56 1.99 -7.53 8.26
N LYS A 57 0.81 -6.95 8.39
CA LYS A 57 -0.34 -7.69 8.90
C LYS A 57 -1.13 -8.38 7.78
N ASP A 58 -1.22 -7.71 6.63
CA ASP A 58 -1.97 -8.26 5.51
C ASP A 58 -1.13 -9.24 4.71
N LYS A 59 0.16 -8.96 4.57
CA LYS A 59 1.04 -9.86 3.83
C LYS A 59 1.18 -11.18 4.59
N GLN A 60 1.43 -11.04 5.87
CA GLN A 60 1.59 -12.18 6.75
C GLN A 60 0.25 -12.86 6.95
N ARG A 61 -0.83 -12.13 6.76
CA ARG A 61 -2.14 -12.72 6.92
C ARG A 61 -2.64 -13.31 5.60
N TYR A 62 -2.00 -12.91 4.52
CA TYR A 62 -2.39 -13.39 3.20
C TYR A 62 -1.70 -14.70 2.96
N HIS A 63 -0.42 -14.72 3.28
CA HIS A 63 0.37 -15.88 3.14
C HIS A 63 -0.01 -16.88 4.23
N ASP A 64 -0.48 -16.34 5.33
CA ASP A 64 -0.85 -17.16 6.45
C ASP A 64 -1.96 -18.11 6.08
N GLU A 65 -2.53 -17.98 4.89
CA GLU A 65 -3.61 -18.85 4.55
C GLU A 65 -3.91 -18.82 3.08
N MET A 66 -3.63 -17.69 2.46
CA MET A 66 -3.90 -17.51 1.08
C MET A 66 -2.63 -17.15 0.31
N ARG A 67 -1.45 -17.39 0.91
CA ARG A 67 -0.20 -17.07 0.23
C ARG A 67 -0.29 -17.51 -1.21
N ASN A 68 -0.72 -18.74 -1.39
CA ASN A 68 -0.82 -19.30 -2.74
C ASN A 68 -2.27 -19.46 -3.21
N TYR A 69 -3.18 -18.71 -2.61
CA TYR A 69 -4.58 -18.79 -2.97
C TYR A 69 -4.81 -18.19 -4.37
N LYS A 70 -4.33 -16.98 -4.58
CA LYS A 70 -4.48 -16.30 -5.85
C LYS A 70 -3.75 -14.96 -5.86
N PRO A 71 -2.45 -14.96 -6.19
CA PRO A 71 -1.65 -13.74 -6.23
C PRO A 71 -2.05 -12.81 -7.37
N GLU A 72 -2.22 -13.39 -8.55
CA GLU A 72 -2.61 -12.61 -9.73
C GLU A 72 -2.84 -13.53 -10.93
N ALA A 73 -3.39 -12.96 -12.00
CA ALA A 73 -3.65 -13.72 -13.21
C ALA A 73 -4.60 -14.89 -12.94
N SER A 1 -14.23 -7.94 -7.48
CA SER A 1 -13.29 -9.03 -7.26
C SER A 1 -12.06 -8.55 -6.49
N HIS A 2 -11.84 -9.11 -5.31
CA HIS A 2 -10.70 -8.74 -4.47
C HIS A 2 -9.61 -9.80 -4.55
N MET A 3 -9.88 -10.97 -3.98
CA MET A 3 -8.91 -12.06 -3.98
C MET A 3 -7.64 -11.67 -3.22
N PRO A 4 -7.01 -12.64 -2.54
CA PRO A 4 -5.79 -12.39 -1.77
C PRO A 4 -4.54 -12.37 -2.65
N LYS A 5 -4.54 -11.49 -3.65
CA LYS A 5 -3.41 -11.37 -4.55
C LYS A 5 -2.21 -10.73 -3.85
N ARG A 6 -1.96 -11.17 -2.61
CA ARG A 6 -0.88 -10.63 -1.81
C ARG A 6 -1.30 -9.32 -1.23
N ALA A 7 -0.61 -8.88 -0.20
CA ALA A 7 -0.96 -7.66 0.47
C ALA A 7 -0.16 -6.45 -0.03
N THR A 8 -0.13 -5.40 0.79
CA THR A 8 0.53 -4.15 0.42
C THR A 8 1.73 -3.83 1.31
N THR A 9 2.81 -3.38 0.68
CA THR A 9 4.00 -2.97 1.41
C THR A 9 3.68 -1.70 2.18
N ALA A 10 4.42 -1.46 3.24
CA ALA A 10 4.20 -0.27 4.05
C ALA A 10 3.99 0.94 3.16
N PHE A 11 4.78 0.98 2.09
CA PHE A 11 4.74 2.08 1.14
C PHE A 11 3.56 1.99 0.16
N MET A 12 3.16 0.77 -0.15
CA MET A 12 2.09 0.56 -1.11
C MET A 12 0.72 0.43 -0.45
N LEU A 13 0.66 0.41 0.88
CA LEU A 13 -0.63 0.38 1.55
C LEU A 13 -1.03 1.78 2.00
N TRP A 14 -0.01 2.60 2.28
CA TRP A 14 -0.22 3.97 2.71
C TRP A 14 -0.39 4.83 1.49
N LEU A 15 0.39 4.52 0.47
CA LEU A 15 0.29 5.24 -0.77
C LEU A 15 -1.06 4.98 -1.37
N ASN A 16 -1.72 3.96 -0.87
CA ASN A 16 -3.03 3.59 -1.34
C ASN A 16 -4.06 4.58 -0.81
N ASP A 17 -3.99 4.73 0.50
CA ASP A 17 -4.85 5.65 1.22
C ASP A 17 -4.40 7.07 0.98
N THR A 18 -3.13 7.22 0.62
CA THR A 18 -2.57 8.53 0.36
C THR A 18 -2.43 8.76 -1.13
N ARG A 19 -2.36 7.68 -1.92
CA ARG A 19 -2.24 7.83 -3.37
C ARG A 19 -3.37 8.70 -3.82
N GLU A 20 -4.47 8.51 -3.14
CA GLU A 20 -5.64 9.32 -3.43
C GLU A 20 -5.33 10.77 -3.03
N SER A 21 -4.63 10.90 -1.91
CA SER A 21 -4.27 12.20 -1.35
C SER A 21 -3.18 12.90 -2.16
N ILE A 22 -2.45 12.12 -2.93
CA ILE A 22 -1.36 12.63 -3.73
C ILE A 22 -1.86 13.26 -5.01
N LYS A 23 -2.81 12.62 -5.66
CA LYS A 23 -3.35 13.17 -6.88
C LYS A 23 -4.21 14.38 -6.56
N ARG A 24 -4.79 14.40 -5.36
CA ARG A 24 -5.59 15.54 -4.94
C ARG A 24 -4.66 16.68 -4.62
N GLU A 25 -3.64 16.36 -3.82
CA GLU A 25 -2.62 17.33 -3.46
C GLU A 25 -1.78 17.68 -4.68
N ASN A 26 -1.93 16.85 -5.72
CA ASN A 26 -1.24 17.06 -6.98
C ASN A 26 -2.17 16.66 -8.13
N PRO A 27 -3.15 17.53 -8.45
CA PRO A 27 -4.14 17.27 -9.51
C PRO A 27 -3.57 17.41 -10.92
N GLY A 28 -2.31 17.05 -11.10
CA GLY A 28 -1.70 17.14 -12.41
C GLY A 28 -0.50 16.24 -12.54
N ILE A 29 -0.43 15.20 -11.71
CA ILE A 29 0.67 14.27 -11.75
C ILE A 29 0.32 13.02 -12.53
N LYS A 30 0.97 11.93 -12.17
CA LYS A 30 0.78 10.67 -12.80
C LYS A 30 1.10 9.56 -11.86
N VAL A 31 0.46 8.44 -12.10
CA VAL A 31 0.62 7.22 -11.31
C VAL A 31 2.03 7.07 -10.75
N THR A 32 3.02 7.47 -11.54
CA THR A 32 4.43 7.34 -11.16
C THR A 32 4.91 8.44 -10.21
N GLU A 33 4.19 9.57 -10.19
CA GLU A 33 4.55 10.65 -9.29
C GLU A 33 3.87 10.43 -7.95
N ILE A 34 2.80 9.64 -7.98
CA ILE A 34 2.05 9.32 -6.78
C ILE A 34 2.90 8.44 -5.88
N ALA A 35 3.55 7.47 -6.49
CA ALA A 35 4.39 6.56 -5.75
C ALA A 35 5.76 7.14 -5.47
N LYS A 36 6.17 8.13 -6.26
CA LYS A 36 7.47 8.76 -6.06
C LYS A 36 7.37 9.85 -5.01
N LYS A 37 6.44 10.77 -5.18
CA LYS A 37 6.27 11.83 -4.23
C LYS A 37 5.84 11.26 -2.89
N GLY A 38 4.77 10.47 -2.90
CA GLY A 38 4.31 9.89 -1.66
C GLY A 38 5.47 9.44 -0.80
N GLY A 39 6.39 8.73 -1.41
CA GLY A 39 7.55 8.26 -0.69
C GLY A 39 8.25 9.37 0.05
N GLU A 40 8.42 10.51 -0.64
CA GLU A 40 9.07 11.66 -0.01
C GLU A 40 8.39 12.03 1.31
N MET A 41 7.06 12.13 1.27
CA MET A 41 6.27 12.48 2.45
C MET A 41 6.19 11.32 3.42
N TRP A 42 6.02 10.13 2.85
CA TRP A 42 5.89 8.92 3.63
C TRP A 42 7.11 8.71 4.52
N LYS A 43 8.30 8.78 3.94
CA LYS A 43 9.54 8.60 4.70
C LYS A 43 9.58 9.50 5.93
N GLU A 44 8.82 10.60 5.91
CA GLU A 44 8.79 11.54 7.04
C GLU A 44 7.38 11.75 7.55
N LEU A 45 6.66 10.66 7.80
CA LEU A 45 5.29 10.76 8.29
C LEU A 45 5.04 9.77 9.45
N LYS A 46 4.24 10.20 10.43
CA LYS A 46 3.95 9.38 11.61
C LYS A 46 2.69 8.54 11.41
N ASP A 47 2.30 8.39 10.17
CA ASP A 47 1.16 7.58 9.80
C ASP A 47 1.67 6.26 9.23
N LYS A 48 2.96 6.24 8.91
CA LYS A 48 3.62 5.07 8.36
C LYS A 48 3.86 4.05 9.47
N SER A 49 3.99 4.53 10.70
CA SER A 49 4.17 3.62 11.81
C SER A 49 2.85 2.91 12.07
N LYS A 50 1.77 3.59 11.71
CA LYS A 50 0.42 3.06 11.88
C LYS A 50 -0.09 2.36 10.62
N TRP A 51 0.59 2.56 9.50
CA TRP A 51 0.18 1.95 8.23
C TRP A 51 1.20 0.89 7.78
N GLU A 52 2.49 1.20 7.94
CA GLU A 52 3.55 0.26 7.55
C GLU A 52 3.28 -1.11 8.14
N ASP A 53 2.80 -1.12 9.37
CA ASP A 53 2.52 -2.36 10.05
C ASP A 53 1.40 -3.09 9.34
N ALA A 54 0.49 -2.34 8.75
CA ALA A 54 -0.60 -2.95 8.01
C ALA A 54 -0.01 -3.87 6.96
N ALA A 55 1.03 -3.37 6.27
CA ALA A 55 1.69 -4.12 5.22
C ALA A 55 2.23 -5.46 5.73
N ALA A 56 3.00 -5.40 6.81
CA ALA A 56 3.57 -6.62 7.39
C ALA A 56 2.46 -7.49 7.99
N LYS A 57 1.35 -6.85 8.32
CA LYS A 57 0.22 -7.55 8.90
C LYS A 57 -0.67 -8.17 7.83
N ASP A 58 -0.81 -7.49 6.70
CA ASP A 58 -1.65 -8.00 5.63
C ASP A 58 -0.92 -8.96 4.70
N LYS A 59 0.36 -8.71 4.45
CA LYS A 59 1.14 -9.59 3.59
C LYS A 59 1.31 -10.96 4.26
N GLN A 60 1.65 -10.92 5.53
CA GLN A 60 1.84 -12.10 6.32
C GLN A 60 0.50 -12.76 6.62
N ARG A 61 -0.54 -11.95 6.71
CA ARG A 61 -1.86 -12.50 6.98
C ARG A 61 -2.51 -13.01 5.71
N TYR A 62 -1.99 -12.59 4.58
CA TYR A 62 -2.54 -12.99 3.30
C TYR A 62 -1.90 -14.29 2.87
N HIS A 63 -0.59 -14.35 3.03
CA HIS A 63 0.16 -15.53 2.72
C HIS A 63 -0.08 -16.58 3.80
N ASP A 64 -0.60 -16.10 4.92
CA ASP A 64 -0.85 -16.95 6.06
C ASP A 64 -2.08 -17.80 5.84
N GLU A 65 -2.83 -17.53 4.76
CA GLU A 65 -4.02 -18.30 4.55
C GLU A 65 -4.62 -18.02 3.20
N MET A 66 -4.47 -16.81 2.73
CA MET A 66 -5.00 -16.42 1.45
C MET A 66 -3.86 -16.27 0.46
N ARG A 67 -2.69 -16.80 0.84
CA ARG A 67 -1.51 -16.74 -0.01
C ARG A 67 -1.93 -16.98 -1.43
N ASN A 68 -2.60 -18.09 -1.63
CA ASN A 68 -3.05 -18.47 -2.96
C ASN A 68 -4.56 -18.78 -2.98
N TYR A 69 -5.28 -18.32 -1.96
CA TYR A 69 -6.72 -18.55 -1.89
C TYR A 69 -7.47 -17.59 -2.80
N LYS A 70 -7.35 -17.80 -4.10
CA LYS A 70 -8.02 -16.95 -5.08
C LYS A 70 -9.03 -17.76 -5.90
N PRO A 71 -10.04 -18.35 -5.23
CA PRO A 71 -11.06 -19.16 -5.91
C PRO A 71 -11.97 -18.31 -6.78
N GLU A 72 -12.38 -17.15 -6.28
CA GLU A 72 -13.26 -16.25 -7.01
C GLU A 72 -14.59 -16.91 -7.32
N ALA A 73 -15.63 -16.10 -7.50
CA ALA A 73 -16.95 -16.61 -7.80
C ALA A 73 -17.47 -17.51 -6.68
N SER A 1 0.33 -19.38 -12.67
CA SER A 1 0.70 -20.49 -11.79
C SER A 1 1.72 -20.05 -10.76
N HIS A 2 1.23 -19.50 -9.65
CA HIS A 2 2.12 -19.04 -8.58
C HIS A 2 1.33 -18.85 -7.28
N MET A 3 1.90 -19.34 -6.18
CA MET A 3 1.25 -19.22 -4.88
C MET A 3 1.05 -17.75 -4.51
N PRO A 4 -0.10 -17.43 -3.88
CA PRO A 4 -0.44 -16.06 -3.46
C PRO A 4 0.75 -15.19 -3.09
N LYS A 5 0.61 -13.92 -3.42
CA LYS A 5 1.59 -12.88 -3.14
C LYS A 5 0.82 -11.61 -2.86
N ARG A 6 -0.29 -11.83 -2.15
CA ARG A 6 -1.24 -10.78 -1.81
C ARG A 6 -0.68 -9.73 -0.85
N ALA A 7 -1.60 -9.01 -0.20
CA ALA A 7 -1.28 -7.98 0.77
C ALA A 7 -0.60 -6.75 0.16
N THR A 8 -0.66 -5.65 0.91
CA THR A 8 -0.12 -4.36 0.48
C THR A 8 1.10 -3.95 1.30
N THR A 9 2.14 -3.45 0.63
CA THR A 9 3.36 -2.98 1.30
C THR A 9 3.09 -1.71 2.05
N ALA A 10 3.86 -1.46 3.11
CA ALA A 10 3.70 -0.25 3.87
C ALA A 10 3.60 0.92 2.92
N PHE A 11 4.49 0.93 1.94
CA PHE A 11 4.53 2.00 0.96
C PHE A 11 3.27 2.03 0.11
N MET A 12 2.73 0.86 -0.16
CA MET A 12 1.55 0.76 -0.99
C MET A 12 0.32 1.13 -0.20
N LEU A 13 0.06 0.37 0.87
CA LEU A 13 -1.11 0.60 1.69
C LEU A 13 -1.28 2.05 2.14
N TRP A 14 -0.19 2.80 2.15
CA TRP A 14 -0.24 4.19 2.56
C TRP A 14 -0.41 5.03 1.32
N LEU A 15 0.36 4.68 0.31
CA LEU A 15 0.26 5.37 -0.95
C LEU A 15 -1.12 5.14 -1.50
N ASN A 16 -1.79 4.13 -0.98
CA ASN A 16 -3.13 3.81 -1.40
C ASN A 16 -4.11 4.83 -0.88
N ASP A 17 -4.07 4.97 0.44
CA ASP A 17 -4.90 5.90 1.14
C ASP A 17 -4.42 7.32 0.96
N THR A 18 -3.13 7.49 0.73
CA THR A 18 -2.56 8.80 0.55
C THR A 18 -2.30 9.13 -0.91
N ARG A 19 -2.10 8.11 -1.77
CA ARG A 19 -1.87 8.41 -3.18
C ARG A 19 -3.04 9.19 -3.66
N GLU A 20 -4.20 8.83 -3.11
CA GLU A 20 -5.40 9.58 -3.46
C GLU A 20 -5.16 11.03 -3.01
N SER A 21 -4.56 11.13 -1.82
CA SER A 21 -4.26 12.41 -1.21
C SER A 21 -3.16 13.16 -1.98
N ILE A 22 -2.42 12.44 -2.80
CA ILE A 22 -1.34 13.02 -3.57
C ILE A 22 -1.85 13.68 -4.83
N LYS A 23 -2.74 13.01 -5.54
CA LYS A 23 -3.26 13.56 -6.76
C LYS A 23 -4.08 14.81 -6.46
N ARG A 24 -4.71 14.85 -5.29
CA ARG A 24 -5.47 16.03 -4.88
C ARG A 24 -4.47 17.15 -4.58
N GLU A 25 -3.38 16.75 -3.94
CA GLU A 25 -2.30 17.66 -3.59
C GLU A 25 -1.65 18.19 -4.86
N ASN A 26 -1.95 17.52 -5.97
CA ASN A 26 -1.43 17.92 -7.27
C ASN A 26 -2.33 17.40 -8.37
N PRO A 27 -3.46 18.10 -8.62
CA PRO A 27 -4.45 17.70 -9.64
C PRO A 27 -3.94 17.89 -11.06
N GLY A 28 -2.74 17.38 -11.32
CA GLY A 28 -2.16 17.49 -12.65
C GLY A 28 -0.90 16.67 -12.81
N ILE A 29 -0.64 15.77 -11.87
CA ILE A 29 0.54 14.93 -11.93
C ILE A 29 0.30 13.72 -12.81
N LYS A 30 0.97 12.63 -12.47
CA LYS A 30 0.89 11.41 -13.19
C LYS A 30 1.04 10.25 -12.24
N VAL A 31 0.36 9.19 -12.59
CA VAL A 31 0.37 7.94 -11.84
C VAL A 31 1.72 7.67 -11.19
N THR A 32 2.79 8.03 -11.89
CA THR A 32 4.15 7.78 -11.42
C THR A 32 4.67 8.89 -10.50
N GLU A 33 4.09 10.07 -10.59
CA GLU A 33 4.51 11.16 -9.72
C GLU A 33 4.00 10.90 -8.31
N ILE A 34 2.85 10.27 -8.24
CA ILE A 34 2.24 9.95 -6.96
C ILE A 34 3.14 9.02 -6.19
N ALA A 35 3.65 8.03 -6.90
CA ALA A 35 4.51 7.03 -6.32
C ALA A 35 5.85 7.60 -5.89
N LYS A 36 6.29 8.69 -6.52
CA LYS A 36 7.58 9.29 -6.18
C LYS A 36 7.44 10.38 -5.13
N LYS A 37 6.52 11.33 -5.36
CA LYS A 37 6.31 12.41 -4.42
C LYS A 37 5.65 11.92 -3.15
N GLY A 38 5.24 10.65 -3.14
CA GLY A 38 4.64 10.10 -1.97
C GLY A 38 5.69 9.47 -1.07
N GLY A 39 6.59 8.74 -1.69
CA GLY A 39 7.66 8.09 -0.95
C GLY A 39 8.50 9.07 -0.18
N GLU A 40 8.69 10.26 -0.75
CA GLU A 40 9.46 11.29 -0.08
C GLU A 40 8.81 11.69 1.24
N MET A 41 7.50 11.87 1.19
CA MET A 41 6.72 12.24 2.36
C MET A 41 6.50 11.05 3.27
N TRP A 42 6.35 9.89 2.64
CA TRP A 42 6.10 8.65 3.33
C TRP A 42 7.30 8.21 4.16
N LYS A 43 8.46 8.10 3.52
CA LYS A 43 9.69 7.66 4.18
C LYS A 43 9.84 8.18 5.61
N GLU A 44 9.28 9.35 5.92
CA GLU A 44 9.41 9.90 7.27
C GLU A 44 8.08 10.31 7.89
N LEU A 45 6.97 9.89 7.29
CA LEU A 45 5.66 10.24 7.82
C LEU A 45 5.34 9.38 9.05
N LYS A 46 4.47 9.89 9.94
CA LYS A 46 4.11 9.16 11.17
C LYS A 46 2.88 8.29 10.99
N ASP A 47 2.43 8.15 9.76
CA ASP A 47 1.29 7.32 9.44
C ASP A 47 1.79 5.97 8.91
N LYS A 48 3.08 5.92 8.58
CA LYS A 48 3.71 4.71 8.07
C LYS A 48 3.93 3.73 9.21
N SER A 49 3.95 4.23 10.43
CA SER A 49 4.10 3.38 11.59
C SER A 49 2.74 2.75 11.88
N LYS A 50 1.70 3.54 11.62
CA LYS A 50 0.33 3.10 11.82
C LYS A 50 -0.20 2.35 10.60
N TRP A 51 0.41 2.60 9.43
CA TRP A 51 -0.01 1.94 8.20
C TRP A 51 0.85 0.73 7.89
N GLU A 52 2.13 0.78 8.27
CA GLU A 52 3.01 -0.36 8.02
C GLU A 52 2.40 -1.62 8.56
N ASP A 53 1.81 -1.49 9.75
CA ASP A 53 1.20 -2.63 10.39
C ASP A 53 0.22 -3.30 9.46
N ALA A 54 -0.49 -2.50 8.69
CA ALA A 54 -1.40 -3.06 7.73
C ALA A 54 -0.61 -3.93 6.76
N ALA A 55 0.55 -3.42 6.35
CA ALA A 55 1.42 -4.10 5.39
C ALA A 55 2.04 -5.38 5.94
N ALA A 56 2.70 -5.29 7.09
CA ALA A 56 3.31 -6.48 7.68
C ALA A 56 2.23 -7.48 8.11
N LYS A 57 1.16 -6.93 8.66
CA LYS A 57 0.04 -7.75 9.11
C LYS A 57 -0.65 -8.42 7.93
N ASP A 58 -0.65 -7.75 6.78
CA ASP A 58 -1.28 -8.29 5.59
C ASP A 58 -0.34 -9.24 4.86
N LYS A 59 0.96 -8.96 4.91
CA LYS A 59 1.94 -9.82 4.25
C LYS A 59 1.93 -11.19 4.91
N GLN A 60 1.85 -11.14 6.22
CA GLN A 60 1.85 -12.32 7.05
C GLN A 60 0.47 -12.93 7.12
N ARG A 61 -0.58 -12.13 7.04
CA ARG A 61 -1.92 -12.67 7.11
C ARG A 61 -2.41 -13.16 5.75
N TYR A 62 -1.75 -12.72 4.69
CA TYR A 62 -2.14 -13.12 3.35
C TYR A 62 -1.44 -14.40 3.00
N HIS A 63 -0.18 -14.46 3.31
CA HIS A 63 0.58 -15.63 3.05
C HIS A 63 0.17 -16.72 4.04
N ASP A 64 -0.36 -16.31 5.18
CA ASP A 64 -0.77 -17.24 6.19
C ASP A 64 -2.11 -17.86 5.87
N GLU A 65 -2.82 -17.32 4.89
CA GLU A 65 -4.12 -17.86 4.57
C GLU A 65 -4.38 -17.83 3.09
N MET A 66 -3.99 -16.74 2.46
CA MET A 66 -4.18 -16.61 1.04
C MET A 66 -3.27 -17.58 0.34
N ARG A 67 -2.02 -17.66 0.77
CA ARG A 67 -1.10 -18.57 0.14
C ARG A 67 -1.47 -20.01 0.52
N ASN A 68 -1.66 -20.22 1.81
CA ASN A 68 -2.00 -21.54 2.35
C ASN A 68 -3.49 -21.71 2.62
N TYR A 69 -4.34 -21.16 1.75
CA TYR A 69 -5.79 -21.32 1.92
C TYR A 69 -6.25 -22.72 1.51
N LYS A 70 -5.32 -23.52 0.97
CA LYS A 70 -5.64 -24.87 0.54
C LYS A 70 -4.60 -25.87 1.03
N PRO A 71 -3.36 -25.81 0.50
CA PRO A 71 -2.28 -26.72 0.90
C PRO A 71 -1.76 -26.42 2.30
N GLU A 72 -1.23 -27.43 2.97
CA GLU A 72 -0.69 -27.27 4.31
C GLU A 72 0.65 -27.97 4.45
N ALA A 73 0.66 -29.28 4.24
CA ALA A 73 1.88 -30.07 4.34
C ALA A 73 2.47 -29.98 5.74
N SER A 1 -8.56 -5.82 -7.42
CA SER A 1 -8.46 -6.75 -8.54
C SER A 1 -8.63 -8.19 -8.07
N HIS A 2 -8.77 -9.11 -9.02
CA HIS A 2 -8.94 -10.52 -8.70
C HIS A 2 -7.64 -11.12 -8.19
N MET A 3 -7.71 -12.36 -7.71
CA MET A 3 -6.53 -13.05 -7.19
C MET A 3 -5.94 -12.30 -6.01
N PRO A 4 -5.18 -12.99 -5.14
CA PRO A 4 -4.56 -12.39 -3.96
C PRO A 4 -3.29 -11.60 -4.31
N LYS A 5 -2.87 -10.72 -3.41
CA LYS A 5 -1.67 -9.92 -3.63
C LYS A 5 -0.66 -10.12 -2.50
N ARG A 6 -0.83 -11.22 -1.76
CA ARG A 6 0.04 -11.56 -0.64
C ARG A 6 0.48 -10.35 0.17
N ALA A 7 -0.41 -9.34 0.25
CA ALA A 7 -0.15 -8.14 1.05
C ALA A 7 0.56 -7.02 0.30
N THR A 8 0.76 -5.93 1.04
CA THR A 8 1.39 -4.73 0.53
C THR A 8 2.50 -4.23 1.47
N THR A 9 3.49 -3.56 0.91
CA THR A 9 4.59 -3.02 1.69
C THR A 9 4.12 -1.80 2.46
N ALA A 10 4.81 -1.48 3.55
CA ALA A 10 4.44 -0.33 4.34
C ALA A 10 4.22 0.85 3.41
N PHE A 11 5.11 0.98 2.44
CA PHE A 11 5.08 2.06 1.47
C PHE A 11 4.00 1.92 0.42
N MET A 12 3.74 0.68 0.01
CA MET A 12 2.75 0.43 -1.02
C MET A 12 1.35 0.27 -0.47
N LEU A 13 1.20 0.25 0.84
CA LEU A 13 -0.13 0.17 1.43
C LEU A 13 -0.59 1.56 1.81
N TRP A 14 0.38 2.40 2.19
CA TRP A 14 0.11 3.76 2.58
C TRP A 14 -0.08 4.58 1.35
N LEU A 15 0.76 4.33 0.36
CA LEU A 15 0.65 5.03 -0.89
C LEU A 15 -0.70 4.74 -1.48
N ASN A 16 -1.29 3.65 -1.06
CA ASN A 16 -2.59 3.25 -1.53
C ASN A 16 -3.67 4.17 -0.98
N ASP A 17 -3.60 4.31 0.33
CA ASP A 17 -4.50 5.16 1.07
C ASP A 17 -4.12 6.60 0.92
N THR A 18 -2.86 6.85 0.62
CA THR A 18 -2.36 8.20 0.44
C THR A 18 -2.21 8.52 -1.03
N ARG A 19 -2.04 7.50 -1.87
CA ARG A 19 -1.90 7.74 -3.32
C ARG A 19 -3.09 8.52 -3.73
N GLU A 20 -4.21 8.15 -3.14
CA GLU A 20 -5.43 8.89 -3.42
C GLU A 20 -5.26 10.31 -2.90
N SER A 21 -4.61 10.41 -1.75
CA SER A 21 -4.37 11.69 -1.09
C SER A 21 -3.36 12.55 -1.84
N ILE A 22 -2.60 11.92 -2.72
CA ILE A 22 -1.59 12.60 -3.49
C ILE A 22 -2.16 13.25 -4.72
N LYS A 23 -3.06 12.54 -5.41
CA LYS A 23 -3.65 13.10 -6.60
C LYS A 23 -4.54 14.28 -6.21
N ARG A 24 -5.12 14.22 -5.01
CA ARG A 24 -5.96 15.31 -4.53
C ARG A 24 -5.05 16.51 -4.25
N GLU A 25 -3.93 16.21 -3.60
CA GLU A 25 -2.93 17.20 -3.27
C GLU A 25 -2.23 17.66 -4.54
N ASN A 26 -2.43 16.89 -5.61
CA ASN A 26 -1.85 17.20 -6.90
C ASN A 26 -2.70 16.57 -8.01
N PRO A 27 -3.85 17.18 -8.33
CA PRO A 27 -4.77 16.67 -9.35
C PRO A 27 -4.27 16.86 -10.78
N GLY A 28 -3.00 17.21 -10.90
CA GLY A 28 -2.41 17.42 -12.20
C GLY A 28 -1.16 16.60 -12.39
N ILE A 29 -1.06 15.48 -11.67
CA ILE A 29 0.09 14.61 -11.76
C ILE A 29 -0.23 13.38 -12.61
N LYS A 30 0.48 12.31 -12.34
CA LYS A 30 0.32 11.06 -13.04
C LYS A 30 0.62 9.91 -12.11
N VAL A 31 -0.02 8.81 -12.39
CA VAL A 31 0.13 7.57 -11.64
C VAL A 31 1.53 7.38 -11.06
N THR A 32 2.54 7.81 -11.81
CA THR A 32 3.94 7.64 -11.39
C THR A 32 4.43 8.76 -10.46
N GLU A 33 3.73 9.88 -10.44
CA GLU A 33 4.10 10.98 -9.56
C GLU A 33 3.62 10.67 -8.15
N ILE A 34 2.46 10.02 -8.09
CA ILE A 34 1.87 9.65 -6.83
C ILE A 34 2.81 8.73 -6.08
N ALA A 35 3.51 7.91 -6.83
CA ALA A 35 4.43 6.96 -6.25
C ALA A 35 5.77 7.60 -5.92
N LYS A 36 6.11 8.68 -6.59
CA LYS A 36 7.38 9.35 -6.34
C LYS A 36 7.25 10.33 -5.19
N LYS A 37 6.21 11.17 -5.25
CA LYS A 37 5.98 12.13 -4.21
C LYS A 37 5.66 11.44 -2.91
N GLY A 38 4.65 10.57 -2.93
CA GLY A 38 4.30 9.88 -1.72
C GLY A 38 5.55 9.49 -0.95
N GLY A 39 6.53 9.02 -1.69
CA GLY A 39 7.79 8.63 -1.10
C GLY A 39 8.41 9.75 -0.30
N GLU A 40 8.45 10.93 -0.90
CA GLU A 40 9.02 12.09 -0.21
C GLU A 40 8.35 12.34 1.14
N MET A 41 7.02 12.36 1.16
CA MET A 41 6.27 12.61 2.37
C MET A 41 6.29 11.41 3.30
N TRP A 42 6.20 10.23 2.71
CA TRP A 42 6.18 9.01 3.47
C TRP A 42 7.48 8.79 4.23
N LYS A 43 8.61 8.95 3.54
CA LYS A 43 9.93 8.75 4.12
C LYS A 43 10.03 9.25 5.57
N GLU A 44 9.27 10.28 5.93
CA GLU A 44 9.34 10.81 7.29
C GLU A 44 7.94 11.10 7.85
N LEU A 45 6.93 10.41 7.36
CA LEU A 45 5.57 10.63 7.83
C LEU A 45 5.29 9.75 9.06
N LYS A 46 4.35 10.18 9.92
CA LYS A 46 4.03 9.43 11.15
C LYS A 46 2.83 8.52 10.97
N ASP A 47 2.35 8.42 9.75
CA ASP A 47 1.23 7.55 9.45
C ASP A 47 1.78 6.20 8.96
N LYS A 48 3.10 6.17 8.74
CA LYS A 48 3.79 4.97 8.29
C LYS A 48 4.07 4.03 9.46
N SER A 49 4.05 4.57 10.67
CA SER A 49 4.24 3.76 11.84
C SER A 49 2.94 3.00 12.07
N LYS A 50 1.85 3.69 11.80
CA LYS A 50 0.52 3.12 11.94
C LYS A 50 0.12 2.37 10.67
N TRP A 51 0.71 2.75 9.54
CA TRP A 51 0.41 2.11 8.26
C TRP A 51 1.33 0.93 8.00
N GLU A 52 2.57 1.00 8.47
CA GLU A 52 3.50 -0.10 8.29
C GLU A 52 2.89 -1.37 8.83
N ASP A 53 2.14 -1.23 9.92
CA ASP A 53 1.53 -2.37 10.54
C ASP A 53 0.61 -3.06 9.55
N ALA A 54 -0.01 -2.29 8.68
CA ALA A 54 -0.84 -2.89 7.66
C ALA A 54 0.03 -3.78 6.80
N ALA A 55 1.22 -3.28 6.47
CA ALA A 55 2.18 -3.99 5.62
C ALA A 55 2.75 -5.24 6.28
N ALA A 56 3.28 -5.09 7.49
CA ALA A 56 3.84 -6.23 8.21
C ALA A 56 2.75 -7.21 8.63
N LYS A 57 1.55 -6.69 8.79
CA LYS A 57 0.40 -7.50 9.21
C LYS A 57 -0.31 -8.13 8.01
N ASP A 58 -0.40 -7.38 6.91
CA ASP A 58 -1.06 -7.87 5.71
C ASP A 58 -0.25 -9.01 5.11
N LYS A 59 1.06 -8.93 5.25
CA LYS A 59 1.92 -9.99 4.74
C LYS A 59 1.54 -11.30 5.38
N GLN A 60 1.05 -11.19 6.62
CA GLN A 60 0.67 -12.32 7.40
C GLN A 60 -0.79 -12.72 7.15
N ARG A 61 -1.68 -11.75 7.16
CA ARG A 61 -3.10 -12.04 6.95
C ARG A 61 -3.37 -12.47 5.53
N TYR A 62 -2.53 -12.03 4.61
CA TYR A 62 -2.73 -12.36 3.21
C TYR A 62 -2.07 -13.68 2.90
N HIS A 63 -0.81 -13.81 3.24
CA HIS A 63 -0.15 -15.07 3.00
C HIS A 63 -0.93 -16.15 3.76
N ASP A 64 -1.75 -15.72 4.73
CA ASP A 64 -2.57 -16.63 5.50
C ASP A 64 -3.76 -17.11 4.69
N GLU A 65 -4.11 -16.38 3.63
CA GLU A 65 -5.23 -16.78 2.81
C GLU A 65 -4.75 -16.96 1.41
N MET A 66 -4.01 -15.98 0.93
CA MET A 66 -3.44 -16.01 -0.40
C MET A 66 -2.55 -17.24 -0.56
N ARG A 67 -1.60 -17.42 0.37
CA ARG A 67 -0.74 -18.59 0.32
C ARG A 67 -1.54 -19.87 0.64
N ASN A 68 -2.85 -19.67 0.82
CA ASN A 68 -3.79 -20.75 1.09
C ASN A 68 -4.60 -21.04 -0.16
N TYR A 69 -5.55 -20.16 -0.45
CA TYR A 69 -6.41 -20.29 -1.62
C TYR A 69 -5.67 -20.89 -2.81
N LYS A 70 -4.81 -20.08 -3.43
CA LYS A 70 -4.04 -20.53 -4.58
C LYS A 70 -2.93 -21.49 -4.14
N PRO A 71 -2.63 -22.51 -4.97
CA PRO A 71 -1.58 -23.49 -4.67
C PRO A 71 -0.19 -22.91 -4.80
N GLU A 72 0.02 -22.11 -5.85
CA GLU A 72 1.32 -21.48 -6.08
C GLU A 72 1.48 -20.22 -5.24
N ALA A 73 2.58 -19.50 -5.44
CA ALA A 73 2.85 -18.28 -4.70
C ALA A 73 2.93 -18.56 -3.21
N SER A 1 -12.03 -10.73 -3.71
CA SER A 1 -12.60 -11.64 -4.71
C SER A 1 -11.53 -12.10 -5.69
N HIS A 2 -10.80 -11.13 -6.25
CA HIS A 2 -9.73 -11.43 -7.21
C HIS A 2 -8.63 -12.23 -6.53
N MET A 3 -7.68 -12.72 -7.34
CA MET A 3 -6.56 -13.51 -6.81
C MET A 3 -5.92 -12.82 -5.61
N PRO A 4 -4.98 -13.51 -4.94
CA PRO A 4 -4.29 -12.96 -3.77
C PRO A 4 -3.15 -12.01 -4.15
N LYS A 5 -2.93 -10.98 -3.34
CA LYS A 5 -1.86 -10.02 -3.60
C LYS A 5 -0.76 -10.11 -2.54
N ARG A 6 -0.79 -11.19 -1.78
CA ARG A 6 0.19 -11.45 -0.73
C ARG A 6 0.49 -10.22 0.13
N ALA A 7 -0.49 -9.32 0.24
CA ALA A 7 -0.36 -8.12 1.08
C ALA A 7 0.27 -6.92 0.36
N THR A 8 0.29 -5.79 1.07
CA THR A 8 0.82 -4.52 0.55
C THR A 8 1.96 -4.01 1.44
N THR A 9 2.96 -3.38 0.82
CA THR A 9 4.09 -2.81 1.54
C THR A 9 3.65 -1.58 2.29
N ALA A 10 4.36 -1.26 3.38
CA ALA A 10 4.02 -0.09 4.14
C ALA A 10 3.82 1.07 3.19
N PHE A 11 4.75 1.18 2.24
CA PHE A 11 4.74 2.24 1.25
C PHE A 11 3.56 2.12 0.29
N MET A 12 3.25 0.90 -0.10
CA MET A 12 2.17 0.68 -1.04
C MET A 12 0.85 0.93 -0.37
N LEU A 13 0.62 0.26 0.75
CA LEU A 13 -0.63 0.40 1.46
C LEU A 13 -0.87 1.85 1.86
N TRP A 14 0.20 2.59 2.12
CA TRP A 14 0.06 4.00 2.48
C TRP A 14 -0.18 4.79 1.23
N LEU A 15 0.65 4.53 0.23
CA LEU A 15 0.51 5.21 -1.03
C LEU A 15 -0.84 4.89 -1.62
N ASN A 16 -1.44 3.83 -1.17
CA ASN A 16 -2.74 3.42 -1.65
C ASN A 16 -3.83 4.33 -1.10
N ASP A 17 -3.81 4.43 0.21
CA ASP A 17 -4.72 5.26 0.93
C ASP A 17 -4.38 6.72 0.78
N THR A 18 -3.11 7.00 0.54
CA THR A 18 -2.67 8.37 0.39
C THR A 18 -2.43 8.73 -1.06
N ARG A 19 -2.16 7.74 -1.92
CA ARG A 19 -1.96 8.03 -3.34
C ARG A 19 -3.18 8.74 -3.82
N GLU A 20 -4.30 8.30 -3.29
CA GLU A 20 -5.54 8.97 -3.64
C GLU A 20 -5.46 10.40 -3.11
N SER A 21 -4.91 10.52 -1.91
CA SER A 21 -4.76 11.80 -1.24
C SER A 21 -3.76 12.71 -1.94
N ILE A 22 -2.91 12.11 -2.75
CA ILE A 22 -1.88 12.84 -3.48
C ILE A 22 -2.42 13.49 -4.71
N LYS A 23 -3.25 12.77 -5.45
CA LYS A 23 -3.79 13.35 -6.65
C LYS A 23 -4.73 14.50 -6.30
N ARG A 24 -5.34 14.44 -5.11
CA ARG A 24 -6.22 15.51 -4.67
C ARG A 24 -5.37 16.76 -4.40
N GLU A 25 -4.28 16.56 -3.67
CA GLU A 25 -3.36 17.66 -3.36
C GLU A 25 -2.58 18.04 -4.61
N ASN A 26 -2.64 17.18 -5.63
CA ASN A 26 -1.98 17.45 -6.90
C ASN A 26 -2.82 16.89 -8.03
N PRO A 27 -4.01 17.48 -8.27
CA PRO A 27 -4.94 17.02 -9.32
C PRO A 27 -4.42 17.29 -10.72
N GLY A 28 -3.16 16.94 -10.96
CA GLY A 28 -2.57 17.15 -12.26
C GLY A 28 -1.27 16.41 -12.43
N ILE A 29 -1.00 15.44 -11.55
CA ILE A 29 0.22 14.67 -11.65
C ILE A 29 0.01 13.42 -12.50
N LYS A 30 0.74 12.38 -12.17
CA LYS A 30 0.67 11.15 -12.88
C LYS A 30 0.88 9.99 -11.93
N VAL A 31 0.20 8.91 -12.26
CA VAL A 31 0.26 7.67 -11.51
C VAL A 31 1.65 7.41 -10.92
N THR A 32 2.67 7.82 -11.66
CA THR A 32 4.06 7.59 -11.26
C THR A 32 4.60 8.70 -10.36
N GLU A 33 3.99 9.88 -10.42
CA GLU A 33 4.41 10.98 -9.57
C GLU A 33 3.94 10.73 -8.15
N ILE A 34 2.78 10.10 -8.03
CA ILE A 34 2.19 9.78 -6.76
C ILE A 34 3.09 8.84 -5.99
N ALA A 35 3.61 7.87 -6.71
CA ALA A 35 4.46 6.86 -6.11
C ALA A 35 5.87 7.37 -5.86
N LYS A 36 6.27 8.44 -6.52
CA LYS A 36 7.61 8.97 -6.33
C LYS A 36 7.62 10.04 -5.25
N LYS A 37 6.74 11.04 -5.39
CA LYS A 37 6.69 12.08 -4.39
C LYS A 37 6.17 11.50 -3.09
N GLY A 38 5.15 10.63 -3.18
CA GLY A 38 4.63 10.03 -1.99
C GLY A 38 5.75 9.51 -1.10
N GLY A 39 6.70 8.85 -1.71
CA GLY A 39 7.83 8.32 -0.97
C GLY A 39 8.58 9.41 -0.26
N GLU A 40 8.76 10.56 -0.91
CA GLU A 40 9.46 11.68 -0.29
C GLU A 40 8.82 12.05 1.05
N MET A 41 7.51 12.18 1.03
CA MET A 41 6.73 12.54 2.21
C MET A 41 6.56 11.36 3.14
N TRP A 42 6.42 10.19 2.55
CA TRP A 42 6.23 8.97 3.29
C TRP A 42 7.45 8.65 4.16
N LYS A 43 8.65 8.76 3.59
CA LYS A 43 9.88 8.47 4.34
C LYS A 43 9.80 8.99 5.78
N GLU A 44 9.43 10.26 5.92
CA GLU A 44 9.30 10.88 7.25
C GLU A 44 7.84 10.90 7.67
N LEU A 45 7.18 9.75 7.56
CA LEU A 45 5.78 9.61 7.91
C LEU A 45 5.59 9.07 9.33
N LYS A 46 4.69 9.70 10.07
CA LYS A 46 4.38 9.27 11.44
C LYS A 46 3.20 8.31 11.41
N ASP A 47 2.60 8.18 10.24
CA ASP A 47 1.50 7.27 10.04
C ASP A 47 2.04 5.95 9.50
N LYS A 48 3.30 6.00 9.01
CA LYS A 48 3.96 4.82 8.49
C LYS A 48 4.35 3.89 9.62
N SER A 49 4.36 4.40 10.83
CA SER A 49 4.66 3.58 11.99
C SER A 49 3.40 2.83 12.36
N LYS A 50 2.28 3.53 12.23
CA LYS A 50 0.97 2.95 12.53
C LYS A 50 0.36 2.29 11.30
N TRP A 51 0.88 2.62 10.12
CA TRP A 51 0.37 2.06 8.87
C TRP A 51 1.23 0.88 8.41
N GLU A 52 2.52 0.95 8.69
CA GLU A 52 3.42 -0.13 8.32
C GLU A 52 2.84 -1.44 8.78
N ASP A 53 2.15 -1.38 9.91
CA ASP A 53 1.55 -2.57 10.47
C ASP A 53 0.56 -3.15 9.50
N ALA A 54 -0.13 -2.31 8.78
CA ALA A 54 -1.06 -2.80 7.79
C ALA A 54 -0.27 -3.69 6.84
N ALA A 55 0.89 -3.17 6.43
CA ALA A 55 1.78 -3.83 5.48
C ALA A 55 2.42 -5.12 6.01
N ALA A 56 3.04 -5.04 7.19
CA ALA A 56 3.68 -6.21 7.78
C ALA A 56 2.65 -7.22 8.29
N LYS A 57 1.49 -6.72 8.66
CA LYS A 57 0.41 -7.55 9.17
C LYS A 57 -0.33 -8.21 8.02
N ASP A 58 -0.51 -7.45 6.93
CA ASP A 58 -1.18 -7.96 5.77
C ASP A 58 -0.36 -9.06 5.13
N LYS A 59 0.96 -8.93 5.24
CA LYS A 59 1.86 -9.94 4.69
C LYS A 59 1.58 -11.28 5.36
N GLN A 60 1.08 -11.19 6.59
CA GLN A 60 0.78 -12.35 7.39
C GLN A 60 -0.66 -12.80 7.17
N ARG A 61 -1.60 -11.86 7.20
CA ARG A 61 -2.99 -12.21 7.01
C ARG A 61 -3.26 -12.66 5.58
N TYR A 62 -2.38 -12.28 4.67
CA TYR A 62 -2.55 -12.63 3.28
C TYR A 62 -1.86 -13.94 3.00
N HIS A 63 -0.60 -14.04 3.35
CA HIS A 63 0.09 -15.27 3.15
C HIS A 63 -0.62 -16.36 3.94
N ASP A 64 -1.49 -15.98 4.87
CA ASP A 64 -2.22 -16.95 5.66
C ASP A 64 -3.43 -17.48 4.90
N GLU A 65 -3.84 -16.77 3.86
CA GLU A 65 -4.98 -17.21 3.06
C GLU A 65 -4.55 -17.27 1.63
N MET A 66 -3.92 -16.20 1.18
CA MET A 66 -3.41 -16.12 -0.17
C MET A 66 -2.52 -17.32 -0.47
N ARG A 67 -1.50 -17.54 0.38
CA ARG A 67 -0.61 -18.68 0.18
C ARG A 67 -1.36 -19.99 0.46
N ASN A 68 -2.64 -19.84 0.82
CA ASN A 68 -3.53 -20.95 1.09
C ASN A 68 -4.41 -21.19 -0.12
N TYR A 69 -5.42 -20.36 -0.29
CA TYR A 69 -6.34 -20.47 -1.41
C TYR A 69 -5.58 -20.53 -2.73
N LYS A 70 -5.81 -21.57 -3.50
CA LYS A 70 -5.15 -21.74 -4.79
C LYS A 70 -5.84 -22.82 -5.62
N PRO A 71 -7.17 -22.72 -5.81
CA PRO A 71 -7.94 -23.68 -6.58
C PRO A 71 -7.66 -23.60 -8.08
N GLU A 72 -8.48 -24.27 -8.87
CA GLU A 72 -8.32 -24.28 -10.32
C GLU A 72 -9.65 -24.00 -11.02
N ALA A 73 -10.50 -23.23 -10.38
CA ALA A 73 -11.81 -22.89 -10.93
C ALA A 73 -12.20 -21.45 -10.62
N SER A 1 -12.27 -7.20 -7.11
CA SER A 1 -12.07 -6.42 -5.91
C SER A 1 -12.12 -7.31 -4.66
N HIS A 2 -11.62 -8.52 -4.80
CA HIS A 2 -11.60 -9.48 -3.69
C HIS A 2 -10.60 -10.60 -3.96
N MET A 3 -9.32 -10.30 -3.78
CA MET A 3 -8.26 -11.29 -4.00
C MET A 3 -7.04 -10.97 -3.13
N PRO A 4 -6.35 -12.01 -2.64
CA PRO A 4 -5.17 -11.84 -1.80
C PRO A 4 -3.94 -11.44 -2.60
N LYS A 5 -3.83 -10.16 -2.91
CA LYS A 5 -2.69 -9.64 -3.68
C LYS A 5 -1.42 -9.67 -2.81
N ARG A 6 -1.15 -10.82 -2.21
CA ARG A 6 0.00 -11.01 -1.33
C ARG A 6 0.20 -9.84 -0.39
N ALA A 7 -0.86 -9.08 -0.11
CA ALA A 7 -0.79 -7.96 0.81
C ALA A 7 -0.14 -6.73 0.19
N THR A 8 -0.27 -5.61 0.90
CA THR A 8 0.26 -4.33 0.45
C THR A 8 1.43 -3.86 1.31
N THR A 9 2.51 -3.41 0.66
CA THR A 9 3.68 -2.90 1.38
C THR A 9 3.32 -1.64 2.13
N ALA A 10 4.05 -1.38 3.20
CA ALA A 10 3.82 -0.19 3.99
C ALA A 10 3.66 0.99 3.04
N PHE A 11 4.55 1.04 2.07
CA PHE A 11 4.56 2.12 1.07
C PHE A 11 3.34 2.05 0.18
N MET A 12 2.86 0.85 -0.08
CA MET A 12 1.71 0.67 -0.94
C MET A 12 0.44 0.97 -0.19
N LEU A 13 0.19 0.23 0.88
CA LEU A 13 -1.00 0.41 1.66
C LEU A 13 -1.19 1.86 2.10
N TRP A 14 -0.09 2.58 2.30
CA TRP A 14 -0.17 3.98 2.71
C TRP A 14 -0.39 4.82 1.47
N LEU A 15 0.38 4.51 0.44
CA LEU A 15 0.26 5.22 -0.80
C LEU A 15 -1.12 4.98 -1.37
N ASN A 16 -1.78 3.95 -0.89
CA ASN A 16 -3.10 3.63 -1.35
C ASN A 16 -4.11 4.64 -0.82
N ASP A 17 -4.07 4.77 0.49
CA ASP A 17 -4.91 5.68 1.20
C ASP A 17 -4.47 7.10 0.99
N THR A 18 -3.18 7.31 0.77
CA THR A 18 -2.66 8.63 0.56
C THR A 18 -2.39 8.93 -0.90
N ARG A 19 -2.18 7.90 -1.73
CA ARG A 19 -1.94 8.16 -3.16
C ARG A 19 -3.11 8.93 -3.66
N GLU A 20 -4.25 8.61 -3.10
CA GLU A 20 -5.44 9.34 -3.46
C GLU A 20 -5.21 10.79 -3.05
N SER A 21 -4.66 10.93 -1.86
CA SER A 21 -4.37 12.24 -1.29
C SER A 21 -3.27 12.94 -2.08
N ILE A 22 -2.52 12.19 -2.87
CA ILE A 22 -1.44 12.75 -3.66
C ILE A 22 -1.95 13.45 -4.89
N LYS A 23 -2.89 12.81 -5.58
CA LYS A 23 -3.41 13.41 -6.77
C LYS A 23 -4.19 14.68 -6.42
N ARG A 24 -4.75 14.72 -5.21
CA ARG A 24 -5.46 15.92 -4.75
C ARG A 24 -4.46 17.06 -4.66
N GLU A 25 -3.28 16.72 -4.15
CA GLU A 25 -2.18 17.66 -3.98
C GLU A 25 -1.65 18.10 -5.34
N ASN A 26 -2.00 17.33 -6.37
CA ASN A 26 -1.57 17.65 -7.72
C ASN A 26 -2.49 16.98 -8.74
N PRO A 27 -3.69 17.55 -8.97
CA PRO A 27 -4.68 17.01 -9.91
C PRO A 27 -4.21 17.10 -11.36
N GLY A 28 -3.05 16.54 -11.64
CA GLY A 28 -2.51 16.57 -12.99
C GLY A 28 -1.21 15.80 -13.13
N ILE A 29 -0.82 15.06 -12.09
CA ILE A 29 0.40 14.29 -12.12
C ILE A 29 0.20 13.00 -12.91
N LYS A 30 0.89 11.96 -12.50
CA LYS A 30 0.82 10.68 -13.15
C LYS A 30 1.12 9.59 -12.15
N VAL A 31 0.56 8.44 -12.42
CA VAL A 31 0.74 7.26 -11.60
C VAL A 31 2.16 7.13 -11.07
N THR A 32 3.10 7.65 -11.84
CA THR A 32 4.52 7.59 -11.49
C THR A 32 4.93 8.68 -10.51
N GLU A 33 4.24 9.81 -10.56
CA GLU A 33 4.55 10.91 -9.64
C GLU A 33 3.93 10.62 -8.29
N ILE A 34 2.80 9.93 -8.31
CA ILE A 34 2.09 9.59 -7.10
C ILE A 34 2.93 8.65 -6.26
N ALA A 35 3.60 7.73 -6.93
CA ALA A 35 4.40 6.75 -6.25
C ALA A 35 5.77 7.28 -5.85
N LYS A 36 6.24 8.32 -6.54
CA LYS A 36 7.54 8.89 -6.22
C LYS A 36 7.40 9.97 -5.16
N LYS A 37 6.45 10.87 -5.37
CA LYS A 37 6.20 11.93 -4.43
C LYS A 37 5.82 11.33 -3.09
N GLY A 38 4.80 10.49 -3.11
CA GLY A 38 4.35 9.87 -1.89
C GLY A 38 5.51 9.41 -1.01
N GLY A 39 6.47 8.76 -1.63
CA GLY A 39 7.63 8.29 -0.91
C GLY A 39 8.33 9.41 -0.16
N GLU A 40 8.45 10.56 -0.81
CA GLU A 40 9.11 11.70 -0.17
C GLU A 40 8.43 12.05 1.15
N MET A 41 7.11 12.11 1.12
CA MET A 41 6.31 12.45 2.30
C MET A 41 6.20 11.26 3.23
N TRP A 42 6.14 10.07 2.64
CA TRP A 42 6.02 8.85 3.38
C TRP A 42 7.24 8.60 4.26
N LYS A 43 8.44 8.63 3.66
CA LYS A 43 9.68 8.40 4.39
C LYS A 43 9.63 9.03 5.79
N GLU A 44 8.96 10.17 5.89
CA GLU A 44 8.82 10.88 7.16
C GLU A 44 7.35 10.96 7.56
N LEU A 45 6.71 9.80 7.66
CA LEU A 45 5.30 9.72 8.00
C LEU A 45 5.11 9.09 9.40
N LYS A 46 4.29 9.73 10.24
CA LYS A 46 4.01 9.22 11.59
C LYS A 46 2.81 8.29 11.58
N ASP A 47 2.30 8.06 10.38
CA ASP A 47 1.22 7.13 10.18
C ASP A 47 1.80 5.91 9.48
N LYS A 48 3.14 5.94 9.33
CA LYS A 48 3.87 4.86 8.68
C LYS A 48 4.19 3.76 9.68
N SER A 49 4.36 4.14 10.94
CA SER A 49 4.58 3.16 11.97
C SER A 49 3.26 2.47 12.22
N LYS A 50 2.19 3.19 11.89
CA LYS A 50 0.83 2.68 12.04
C LYS A 50 0.36 2.00 10.76
N TRP A 51 0.75 2.56 9.62
CA TRP A 51 0.37 2.01 8.32
C TRP A 51 1.24 0.81 7.97
N GLU A 52 2.52 0.87 8.33
CA GLU A 52 3.43 -0.22 8.05
C GLU A 52 2.88 -1.51 8.59
N ASP A 53 2.18 -1.42 9.72
CA ASP A 53 1.61 -2.59 10.33
C ASP A 53 0.58 -3.21 9.43
N ALA A 54 -0.14 -2.38 8.69
CA ALA A 54 -1.10 -2.91 7.76
C ALA A 54 -0.35 -3.82 6.78
N ALA A 55 0.79 -3.33 6.32
CA ALA A 55 1.62 -4.03 5.34
C ALA A 55 2.16 -5.36 5.85
N ALA A 56 2.86 -5.31 6.98
CA ALA A 56 3.45 -6.51 7.56
C ALA A 56 2.36 -7.45 8.08
N LYS A 57 1.23 -6.88 8.45
CA LYS A 57 0.11 -7.65 8.97
C LYS A 57 -0.69 -8.29 7.85
N ASP A 58 -0.83 -7.58 6.72
CA ASP A 58 -1.59 -8.11 5.61
C ASP A 58 -0.78 -9.14 4.84
N LYS A 59 0.53 -8.96 4.79
CA LYS A 59 1.39 -9.91 4.09
C LYS A 59 1.45 -11.21 4.87
N GLN A 60 1.39 -11.06 6.18
CA GLN A 60 1.41 -12.17 7.10
C GLN A 60 0.04 -12.86 7.08
N ARG A 61 -1.01 -12.05 7.10
CA ARG A 61 -2.35 -12.59 7.10
C ARG A 61 -2.78 -13.08 5.72
N TYR A 62 -2.02 -12.72 4.69
CA TYR A 62 -2.36 -13.12 3.34
C TYR A 62 -1.65 -14.42 3.02
N HIS A 63 -0.40 -14.46 3.36
CA HIS A 63 0.41 -15.63 3.18
C HIS A 63 -0.01 -16.67 4.22
N ASP A 64 -0.79 -16.19 5.18
CA ASP A 64 -1.26 -17.02 6.27
C ASP A 64 -2.39 -17.90 5.81
N GLU A 65 -2.96 -17.63 4.63
CA GLU A 65 -4.08 -18.43 4.20
C GLU A 65 -4.42 -18.14 2.77
N MET A 66 -4.19 -16.92 2.32
CA MET A 66 -4.49 -16.55 0.98
C MET A 66 -3.20 -16.36 0.22
N ARG A 67 -2.11 -16.91 0.79
CA ARG A 67 -0.80 -16.82 0.19
C ARG A 67 -0.92 -17.00 -1.28
N ASN A 68 -1.53 -18.12 -1.63
CA ASN A 68 -1.70 -18.46 -3.04
C ASN A 68 -3.17 -18.65 -3.41
N TYR A 69 -4.07 -18.07 -2.62
CA TYR A 69 -5.50 -18.19 -2.88
C TYR A 69 -5.85 -17.57 -4.23
N LYS A 70 -5.03 -16.62 -4.68
CA LYS A 70 -5.27 -15.95 -5.96
C LYS A 70 -4.59 -16.71 -7.09
N PRO A 71 -5.27 -16.85 -8.25
CA PRO A 71 -4.72 -17.55 -9.40
C PRO A 71 -3.56 -16.79 -10.06
N GLU A 72 -2.43 -16.75 -9.36
CA GLU A 72 -1.24 -16.06 -9.87
C GLU A 72 -0.80 -16.65 -11.20
N ALA A 73 -0.27 -15.79 -12.07
CA ALA A 73 0.20 -16.23 -13.38
C ALA A 73 0.87 -15.08 -14.14
N SER A 1 -13.35 -11.82 2.72
CA SER A 1 -12.40 -11.21 1.78
C SER A 1 -12.92 -11.29 0.36
N HIS A 2 -12.06 -10.95 -0.61
CA HIS A 2 -12.43 -10.99 -2.01
C HIS A 2 -11.24 -11.33 -2.89
N MET A 3 -10.11 -10.67 -2.63
CA MET A 3 -8.90 -10.90 -3.39
C MET A 3 -7.65 -10.75 -2.51
N PRO A 4 -7.19 -11.85 -1.89
CA PRO A 4 -6.01 -11.83 -1.03
C PRO A 4 -4.74 -11.54 -1.81
N LYS A 5 -4.62 -10.30 -2.30
CA LYS A 5 -3.45 -9.88 -3.07
C LYS A 5 -2.21 -9.77 -2.18
N ARG A 6 -1.92 -10.86 -1.46
CA ARG A 6 -0.76 -10.93 -0.56
C ARG A 6 -0.52 -9.65 0.21
N ALA A 7 -1.56 -8.82 0.37
CA ALA A 7 -1.44 -7.58 1.13
C ALA A 7 -0.68 -6.48 0.40
N THR A 8 -0.61 -5.32 1.05
CA THR A 8 0.04 -4.14 0.51
C THR A 8 1.32 -3.79 1.26
N THR A 9 2.37 -3.44 0.52
CA THR A 9 3.62 -3.04 1.15
C THR A 9 3.37 -1.81 1.98
N ALA A 10 4.16 -1.63 3.02
CA ALA A 10 4.02 -0.47 3.88
C ALA A 10 3.81 0.76 3.01
N PHE A 11 4.60 0.84 1.96
CA PHE A 11 4.56 1.95 1.03
C PHE A 11 3.29 1.96 0.17
N MET A 12 2.83 0.77 -0.20
CA MET A 12 1.66 0.67 -1.04
C MET A 12 0.42 0.99 -0.22
N LEU A 13 0.21 0.23 0.84
CA LEU A 13 -0.95 0.42 1.67
C LEU A 13 -1.08 1.86 2.14
N TRP A 14 0.04 2.54 2.34
CA TRP A 14 0.00 3.93 2.77
C TRP A 14 -0.22 4.81 1.57
N LEU A 15 0.52 4.51 0.51
CA LEU A 15 0.37 5.26 -0.72
C LEU A 15 -1.01 5.02 -1.28
N ASN A 16 -1.68 4.01 -0.78
CA ASN A 16 -3.01 3.68 -1.24
C ASN A 16 -4.01 4.70 -0.69
N ASP A 17 -3.92 4.84 0.61
CA ASP A 17 -4.74 5.77 1.33
C ASP A 17 -4.29 7.19 1.07
N THR A 18 -3.02 7.34 0.71
CA THR A 18 -2.47 8.65 0.43
C THR A 18 -2.34 8.87 -1.06
N ARG A 19 -2.28 7.78 -1.84
CA ARG A 19 -2.18 7.93 -3.29
C ARG A 19 -3.31 8.79 -3.73
N GLU A 20 -4.41 8.60 -3.03
CA GLU A 20 -5.58 9.41 -3.31
C GLU A 20 -5.27 10.87 -2.91
N SER A 21 -4.55 10.99 -1.81
CA SER A 21 -4.19 12.29 -1.26
C SER A 21 -3.13 13.00 -2.11
N ILE A 22 -2.41 12.23 -2.89
CA ILE A 22 -1.34 12.75 -3.73
C ILE A 22 -1.89 13.33 -5.02
N LYS A 23 -2.83 12.62 -5.64
CA LYS A 23 -3.41 13.11 -6.87
C LYS A 23 -4.23 14.36 -6.61
N ARG A 24 -4.78 14.46 -5.40
CA ARG A 24 -5.54 15.65 -5.03
C ARG A 24 -4.57 16.81 -4.83
N GLU A 25 -3.44 16.48 -4.20
CA GLU A 25 -2.38 17.44 -3.96
C GLU A 25 -1.78 17.88 -5.28
N ASN A 26 -2.08 17.12 -6.33
CA ASN A 26 -1.61 17.42 -7.67
C ASN A 26 -2.53 16.79 -8.70
N PRO A 27 -3.68 17.44 -8.99
CA PRO A 27 -4.66 16.95 -9.95
C PRO A 27 -4.18 17.02 -11.40
N GLY A 28 -2.98 16.50 -11.64
CA GLY A 28 -2.44 16.52 -12.99
C GLY A 28 -1.17 15.69 -13.11
N ILE A 29 -0.87 14.88 -12.10
CA ILE A 29 0.30 14.05 -12.11
C ILE A 29 0.06 12.75 -12.88
N LYS A 30 0.74 11.70 -12.46
CA LYS A 30 0.64 10.41 -13.06
C LYS A 30 0.92 9.36 -12.02
N VAL A 31 0.33 8.21 -12.24
CA VAL A 31 0.48 7.05 -11.38
C VAL A 31 1.90 6.93 -10.81
N THR A 32 2.87 7.36 -11.59
CA THR A 32 4.28 7.29 -11.21
C THR A 32 4.71 8.44 -10.29
N GLU A 33 4.02 9.57 -10.39
CA GLU A 33 4.35 10.71 -9.56
C GLU A 33 3.82 10.49 -8.15
N ILE A 34 2.72 9.79 -8.05
CA ILE A 34 2.11 9.50 -6.77
C ILE A 34 3.06 8.66 -5.94
N ALA A 35 3.61 7.65 -6.59
CA ALA A 35 4.52 6.74 -5.94
C ALA A 35 5.85 7.40 -5.58
N LYS A 36 6.25 8.43 -6.30
CA LYS A 36 7.52 9.10 -6.02
C LYS A 36 7.34 10.27 -5.04
N LYS A 37 6.41 11.16 -5.35
CA LYS A 37 6.16 12.31 -4.50
C LYS A 37 5.53 11.88 -3.17
N GLY A 38 5.16 10.62 -3.07
CA GLY A 38 4.59 10.13 -1.85
C GLY A 38 5.67 9.56 -0.94
N GLY A 39 6.56 8.79 -1.55
CA GLY A 39 7.65 8.19 -0.80
C GLY A 39 8.44 9.23 -0.05
N GLU A 40 8.61 10.40 -0.66
CA GLU A 40 9.34 11.48 -0.01
C GLU A 40 8.66 11.89 1.28
N MET A 41 7.33 12.01 1.23
CA MET A 41 6.54 12.38 2.38
C MET A 41 6.41 11.21 3.35
N TRP A 42 6.36 10.02 2.77
CA TRP A 42 6.21 8.80 3.52
C TRP A 42 7.44 8.52 4.40
N LYS A 43 8.61 8.44 3.77
CA LYS A 43 9.84 8.19 4.51
C LYS A 43 9.96 9.11 5.73
N GLU A 44 9.50 10.35 5.57
CA GLU A 44 9.55 11.33 6.66
C GLU A 44 8.18 11.48 7.31
N LEU A 45 7.50 10.35 7.49
CA LEU A 45 6.17 10.34 8.09
C LEU A 45 6.10 9.31 9.22
N LYS A 46 5.48 9.69 10.34
CA LYS A 46 5.35 8.80 11.51
C LYS A 46 4.03 8.05 11.48
N ASP A 47 3.48 7.94 10.30
CA ASP A 47 2.26 7.19 10.11
C ASP A 47 2.61 5.92 9.37
N LYS A 48 3.92 5.73 9.17
CA LYS A 48 4.41 4.54 8.54
C LYS A 48 4.11 3.42 9.48
N SER A 49 4.63 3.54 10.70
CA SER A 49 4.39 2.54 11.71
C SER A 49 2.89 2.30 11.83
N LYS A 50 2.12 3.37 11.60
CA LYS A 50 0.67 3.27 11.68
C LYS A 50 0.07 2.62 10.43
N TRP A 51 0.79 2.73 9.31
CA TRP A 51 0.32 2.16 8.04
C TRP A 51 1.08 0.87 7.71
N GLU A 52 2.39 0.89 7.96
CA GLU A 52 3.25 -0.25 7.71
C GLU A 52 2.63 -1.51 8.28
N ASP A 53 2.14 -1.38 9.50
CA ASP A 53 1.54 -2.50 10.18
C ASP A 53 0.51 -3.15 9.30
N ALA A 54 -0.26 -2.36 8.59
CA ALA A 54 -1.23 -2.92 7.69
C ALA A 54 -0.51 -3.85 6.73
N ALA A 55 0.62 -3.36 6.20
CA ALA A 55 1.42 -4.10 5.21
C ALA A 55 2.04 -5.38 5.74
N ALA A 56 2.82 -5.28 6.81
CA ALA A 56 3.46 -6.46 7.38
C ALA A 56 2.45 -7.38 8.03
N LYS A 57 1.39 -6.79 8.55
CA LYS A 57 0.34 -7.54 9.22
C LYS A 57 -0.59 -8.20 8.21
N ASP A 58 -0.84 -7.52 7.09
CA ASP A 58 -1.73 -8.07 6.08
C ASP A 58 -1.00 -9.02 5.15
N LYS A 59 0.28 -8.76 4.88
CA LYS A 59 1.05 -9.61 3.99
C LYS A 59 1.23 -10.98 4.62
N GLN A 60 1.53 -10.95 5.89
CA GLN A 60 1.74 -12.15 6.67
C GLN A 60 0.41 -12.83 6.92
N ARG A 61 -0.66 -12.07 6.99
CA ARG A 61 -1.97 -12.65 7.22
C ARG A 61 -2.63 -13.09 5.92
N TYR A 62 -2.11 -12.60 4.81
CA TYR A 62 -2.66 -12.95 3.51
C TYR A 62 -2.02 -14.22 3.04
N HIS A 63 -0.72 -14.26 3.18
CA HIS A 63 0.04 -15.41 2.82
C HIS A 63 -0.20 -16.48 3.87
N ASP A 64 -0.58 -16.06 5.06
CA ASP A 64 -0.83 -16.99 6.14
C ASP A 64 -2.00 -17.90 5.81
N GLU A 65 -2.68 -17.66 4.69
CA GLU A 65 -3.79 -18.49 4.39
C GLU A 65 -4.19 -18.35 2.96
N MET A 66 -4.05 -17.15 2.43
CA MET A 66 -4.41 -16.88 1.08
C MET A 66 -3.19 -16.55 0.23
N ARG A 67 -1.98 -16.90 0.72
CA ARG A 67 -0.76 -16.62 -0.06
C ARG A 67 -1.02 -16.96 -1.50
N ASN A 68 -1.52 -18.17 -1.71
CA ASN A 68 -1.79 -18.66 -3.06
C ASN A 68 -3.25 -18.46 -3.47
N TYR A 69 -3.89 -17.46 -2.86
CA TYR A 69 -5.30 -17.17 -3.15
C TYR A 69 -5.65 -17.41 -4.61
N LYS A 70 -6.75 -18.11 -4.85
CA LYS A 70 -7.20 -18.42 -6.21
C LYS A 70 -8.41 -17.57 -6.58
N PRO A 71 -8.18 -16.35 -7.09
CA PRO A 71 -9.27 -15.44 -7.48
C PRO A 71 -9.98 -15.92 -8.75
N GLU A 72 -9.23 -16.55 -9.64
CA GLU A 72 -9.78 -17.06 -10.89
C GLU A 72 -10.89 -18.08 -10.62
N ALA A 73 -10.74 -18.82 -9.53
CA ALA A 73 -11.72 -19.83 -9.16
C ALA A 73 -13.10 -19.21 -8.95
#